data_2MID
# 
_entry.id   2MID 
# 
_audit_conform.dict_name       mmcif_pdbx.dic 
_audit_conform.dict_version    5.392 
_audit_conform.dict_location   http://mmcif.pdb.org/dictionaries/ascii/mmcif_pdbx.dic 
# 
loop_
_database_2.database_id 
_database_2.database_code 
_database_2.pdbx_database_accession 
_database_2.pdbx_DOI 
PDB   2MID         pdb_00002mid 10.2210/pdb2mid/pdb 
RCSB  RCSB103649   ?            ?                   
BMRB  19674        ?            10.13018/BMR19674   
WWPDB D_1000103649 ?            ?                   
# 
loop_
_pdbx_audit_revision_history.ordinal 
_pdbx_audit_revision_history.data_content_type 
_pdbx_audit_revision_history.major_revision 
_pdbx_audit_revision_history.minor_revision 
_pdbx_audit_revision_history.revision_date 
1 'Structure model' 1 0 2015-01-14 
2 'Structure model' 1 1 2023-06-14 
3 'Structure model' 1 2 2024-05-15 
# 
_pdbx_audit_revision_details.ordinal             1 
_pdbx_audit_revision_details.revision_ordinal    1 
_pdbx_audit_revision_details.data_content_type   'Structure model' 
_pdbx_audit_revision_details.provider            repository 
_pdbx_audit_revision_details.type                'Initial release' 
_pdbx_audit_revision_details.description         ? 
_pdbx_audit_revision_details.details             ? 
# 
loop_
_pdbx_audit_revision_group.ordinal 
_pdbx_audit_revision_group.revision_ordinal 
_pdbx_audit_revision_group.data_content_type 
_pdbx_audit_revision_group.group 
1 2 'Structure model' 'Data collection'     
2 2 'Structure model' 'Database references' 
3 2 'Structure model' Other                 
4 3 'Structure model' 'Data collection'     
5 3 'Structure model' 'Database references' 
# 
loop_
_pdbx_audit_revision_category.ordinal 
_pdbx_audit_revision_category.revision_ordinal 
_pdbx_audit_revision_category.data_content_type 
_pdbx_audit_revision_category.category 
1 2 'Structure model' database_2            
2 2 'Structure model' pdbx_database_status  
3 2 'Structure model' pdbx_nmr_spectrometer 
4 3 'Structure model' chem_comp_atom        
5 3 'Structure model' chem_comp_bond        
6 3 'Structure model' database_2            
# 
loop_
_pdbx_audit_revision_item.ordinal 
_pdbx_audit_revision_item.revision_ordinal 
_pdbx_audit_revision_item.data_content_type 
_pdbx_audit_revision_item.item 
1 2 'Structure model' '_database_2.pdbx_DOI'                       
2 2 'Structure model' '_database_2.pdbx_database_accession'        
3 2 'Structure model' '_pdbx_database_status.status_code_nmr_data' 
4 2 'Structure model' '_pdbx_nmr_spectrometer.model'               
5 3 'Structure model' '_database_2.pdbx_DOI'                       
# 
_pdbx_database_status.deposit_site                    BMRB 
_pdbx_database_status.entry_id                        2MID 
_pdbx_database_status.process_site                    RCSB 
_pdbx_database_status.recvd_initial_deposition_date   2013-12-16 
_pdbx_database_status.SG_entry                        ? 
_pdbx_database_status.status_code                     REL 
_pdbx_database_status.status_code_mr                  REL 
_pdbx_database_status.status_code_sf                  ? 
_pdbx_database_status.status_code_cs                  REL 
_pdbx_database_status.methods_development_category    ? 
_pdbx_database_status.pdb_format_compatible           Y 
_pdbx_database_status.status_code_nmr_data            REL 
# 
loop_
_pdbx_database_related.content_type 
_pdbx_database_related.db_id 
_pdbx_database_related.db_name 
_pdbx_database_related.details 
unspecified 19674 BMRB . 
unspecified 2MIE  PDB  . 
unspecified 2MIF  PDB  . 
unspecified 2MIG  PDB  . 
unspecified 2MIH  PDB  . 
# 
loop_
_audit_author.name 
_audit_author.pdbx_ordinal 
'Bobay, B.G.'     1 
'DiGennaro, P.M.' 2 
'Bird, D.M.'      3 
# 
_citation.id                        primary 
_citation.title                     'Inferring function of CLE peptides from high resolution tertiary structures' 
_citation.journal_abbrev            'To be Published' 
_citation.journal_volume            ? 
_citation.page_first                ? 
_citation.page_last                 ? 
_citation.year                      ? 
_citation.journal_id_ASTM           ? 
_citation.country                   ? 
_citation.journal_id_ISSN           ? 
_citation.journal_id_CSD            0353 
_citation.book_publisher            ? 
_citation.pdbx_database_id_PubMed   ? 
_citation.pdbx_database_id_DOI      ? 
# 
loop_
_citation_author.citation_id 
_citation_author.name 
_citation_author.ordinal 
_citation_author.identifier_ORCID 
primary 'DiGennaro, P.M.' 1 ? 
primary 'Bobay, B.G.'     2 ? 
primary 'Bird, D.M.'      3 ? 
# 
_entity.id                         1 
_entity.type                       polymer 
_entity.src_method                 syn 
_entity.pdbx_description           'CLAVATA3/ESR (CLE)-related protein 10' 
_entity.formula_weight             1302.482 
_entity.pdbx_number_of_molecules   1 
_entity.pdbx_ec                    ? 
_entity.pdbx_mutation              ? 
_entity.pdbx_fragment              'UNP residues 96-107' 
_entity.details                    ? 
# 
_entity_name_com.entity_id   1 
_entity_name_com.name        CLE10p 
# 
_entity_poly.entity_id                      1 
_entity_poly.type                           'polypeptide(L)' 
_entity_poly.nstd_linkage                   no 
_entity_poly.nstd_monomer                   no 
_entity_poly.pdbx_seq_one_letter_code       RLVPSGPNPLHN 
_entity_poly.pdbx_seq_one_letter_code_can   RLVPSGPNPLHN 
_entity_poly.pdbx_strand_id                 A 
_entity_poly.pdbx_target_identifier         ? 
# 
loop_
_entity_poly_seq.entity_id 
_entity_poly_seq.num 
_entity_poly_seq.mon_id 
_entity_poly_seq.hetero 
1 1  ARG n 
1 2  LEU n 
1 3  VAL n 
1 4  PRO n 
1 5  SER n 
1 6  GLY n 
1 7  PRO n 
1 8  ASN n 
1 9  PRO n 
1 10 LEU n 
1 11 HIS n 
1 12 ASN n 
# 
_pdbx_entity_src_syn.entity_id              1 
_pdbx_entity_src_syn.pdbx_src_id            1 
_pdbx_entity_src_syn.pdbx_alt_source_flag   sample 
_pdbx_entity_src_syn.pdbx_beg_seq_num       ? 
_pdbx_entity_src_syn.pdbx_end_seq_num       ? 
_pdbx_entity_src_syn.organism_scientific    'Arabidopsis thaliana' 
_pdbx_entity_src_syn.organism_common_name   'mouse-ear cress,thale-cress' 
_pdbx_entity_src_syn.ncbi_taxonomy_id       3702 
_pdbx_entity_src_syn.details                ? 
# 
loop_
_chem_comp.id 
_chem_comp.type 
_chem_comp.mon_nstd_flag 
_chem_comp.name 
_chem_comp.pdbx_synonyms 
_chem_comp.formula 
_chem_comp.formula_weight 
ARG 'L-peptide linking' y ARGININE   ? 'C6 H15 N4 O2 1' 175.209 
ASN 'L-peptide linking' y ASPARAGINE ? 'C4 H8 N2 O3'    132.118 
GLY 'peptide linking'   y GLYCINE    ? 'C2 H5 N O2'     75.067  
HIS 'L-peptide linking' y HISTIDINE  ? 'C6 H10 N3 O2 1' 156.162 
LEU 'L-peptide linking' y LEUCINE    ? 'C6 H13 N O2'    131.173 
PRO 'L-peptide linking' y PROLINE    ? 'C5 H9 N O2'     115.130 
SER 'L-peptide linking' y SERINE     ? 'C3 H7 N O3'     105.093 
VAL 'L-peptide linking' y VALINE     ? 'C5 H11 N O2'    117.146 
# 
loop_
_pdbx_poly_seq_scheme.asym_id 
_pdbx_poly_seq_scheme.entity_id 
_pdbx_poly_seq_scheme.seq_id 
_pdbx_poly_seq_scheme.mon_id 
_pdbx_poly_seq_scheme.ndb_seq_num 
_pdbx_poly_seq_scheme.pdb_seq_num 
_pdbx_poly_seq_scheme.auth_seq_num 
_pdbx_poly_seq_scheme.pdb_mon_id 
_pdbx_poly_seq_scheme.auth_mon_id 
_pdbx_poly_seq_scheme.pdb_strand_id 
_pdbx_poly_seq_scheme.pdb_ins_code 
_pdbx_poly_seq_scheme.hetero 
A 1 1  ARG 1  1  1  ARG ARG A . n 
A 1 2  LEU 2  2  2  LEU LEU A . n 
A 1 3  VAL 3  3  3  VAL VAL A . n 
A 1 4  PRO 4  4  4  PRO PRO A . n 
A 1 5  SER 5  5  5  SER SER A . n 
A 1 6  GLY 6  6  6  GLY GLY A . n 
A 1 7  PRO 7  7  7  PRO PRO A . n 
A 1 8  ASN 8  8  8  ASN ASN A . n 
A 1 9  PRO 9  9  9  PRO PRO A . n 
A 1 10 LEU 10 10 10 LEU LEU A . n 
A 1 11 HIS 11 11 11 HIS HIS A . n 
A 1 12 ASN 12 12 12 ASN ASN A . n 
# 
_exptl.absorpt_coefficient_mu     ? 
_exptl.absorpt_correction_T_max   ? 
_exptl.absorpt_correction_T_min   ? 
_exptl.absorpt_correction_type    ? 
_exptl.absorpt_process_details    ? 
_exptl.crystals_number            ? 
_exptl.details                    ? 
_exptl.entry_id                   2MID 
_exptl.method                     'SOLUTION NMR' 
_exptl.method_details             ? 
# 
_struct.entry_id                  2MID 
_struct.title                     'Solution structure of the CLAVATA encoded peptide of Arabidopsis thaliana - AtCLE10' 
_struct.pdbx_model_details        ? 
_struct.pdbx_CASP_flag            ? 
_struct.pdbx_model_type_details   ? 
# 
_struct_keywords.entry_id        2MID 
_struct_keywords.pdbx_keywords   'UNKNOWN FUNCTION' 
_struct_keywords.text            'CLE, CLAVATA, UNKNOWN FUNCTION' 
# 
_struct_asym.id                            A 
_struct_asym.pdbx_blank_PDB_chainid_flag   N 
_struct_asym.pdbx_modified                 N 
_struct_asym.entity_id                     1 
_struct_asym.details                       ? 
# 
_struct_ref.id                         1 
_struct_ref.db_name                    UNP 
_struct_ref.db_code                    CLE10_ARATH 
_struct_ref.pdbx_db_accession          Q4PSX1 
_struct_ref.entity_id                  1 
_struct_ref.pdbx_seq_one_letter_code   RLVPSGPNPLHN 
_struct_ref.pdbx_align_begin           96 
_struct_ref.pdbx_db_isoform            ? 
# 
_struct_ref_seq.align_id                      1 
_struct_ref_seq.ref_id                        1 
_struct_ref_seq.pdbx_PDB_id_code              2MID 
_struct_ref_seq.pdbx_strand_id                A 
_struct_ref_seq.seq_align_beg                 1 
_struct_ref_seq.pdbx_seq_align_beg_ins_code   ? 
_struct_ref_seq.seq_align_end                 12 
_struct_ref_seq.pdbx_seq_align_end_ins_code   ? 
_struct_ref_seq.pdbx_db_accession             Q4PSX1 
_struct_ref_seq.db_align_beg                  96 
_struct_ref_seq.pdbx_db_align_beg_ins_code    ? 
_struct_ref_seq.db_align_end                  107 
_struct_ref_seq.pdbx_db_align_end_ins_code    ? 
_struct_ref_seq.pdbx_auth_seq_align_beg       1 
_struct_ref_seq.pdbx_auth_seq_align_end       12 
# 
_pdbx_struct_assembly.id                   1 
_pdbx_struct_assembly.details              author_defined_assembly 
_pdbx_struct_assembly.method_details       ? 
_pdbx_struct_assembly.oligomeric_details   monomeric 
_pdbx_struct_assembly.oligomeric_count     1 
# 
_pdbx_struct_assembly_gen.assembly_id       1 
_pdbx_struct_assembly_gen.oper_expression   1 
_pdbx_struct_assembly_gen.asym_id_list      A 
# 
_pdbx_struct_oper_list.id                   1 
_pdbx_struct_oper_list.type                 'identity operation' 
_pdbx_struct_oper_list.name                 1_555 
_pdbx_struct_oper_list.symmetry_operation   x,y,z 
_pdbx_struct_oper_list.matrix[1][1]         1.0000000000 
_pdbx_struct_oper_list.matrix[1][2]         0.0000000000 
_pdbx_struct_oper_list.matrix[1][3]         0.0000000000 
_pdbx_struct_oper_list.vector[1]            0.0000000000 
_pdbx_struct_oper_list.matrix[2][1]         0.0000000000 
_pdbx_struct_oper_list.matrix[2][2]         1.0000000000 
_pdbx_struct_oper_list.matrix[2][3]         0.0000000000 
_pdbx_struct_oper_list.vector[2]            0.0000000000 
_pdbx_struct_oper_list.matrix[3][1]         0.0000000000 
_pdbx_struct_oper_list.matrix[3][2]         0.0000000000 
_pdbx_struct_oper_list.matrix[3][3]         1.0000000000 
_pdbx_struct_oper_list.vector[3]            0.0000000000 
# 
_struct_biol.id        1 
_struct_biol.details   ? 
# 
loop_
_pdbx_validate_torsion.id 
_pdbx_validate_torsion.PDB_model_num 
_pdbx_validate_torsion.auth_comp_id 
_pdbx_validate_torsion.auth_asym_id 
_pdbx_validate_torsion.auth_seq_id 
_pdbx_validate_torsion.PDB_ins_code 
_pdbx_validate_torsion.label_alt_id 
_pdbx_validate_torsion.phi 
_pdbx_validate_torsion.psi 
1  1  PRO A 9  ? ? -50.18  94.54   
2  1  LEU A 10 ? ? 61.50   -77.59  
3  2  LEU A 2  ? ? 75.33   -27.47  
4  2  PRO A 4  ? ? -69.45  64.20   
5  2  PRO A 9  ? ? -65.69  56.12   
6  2  LEU A 10 ? ? 68.42   -55.71  
7  3  VAL A 3  ? ? 71.49   130.44  
8  3  PRO A 4  ? ? -62.02  82.99   
9  3  PRO A 9  ? ? -63.41  -154.06 
10 4  VAL A 3  ? ? 73.31   132.84  
11 4  PRO A 4  ? ? -64.36  86.17   
12 4  PRO A 9  ? ? -79.24  -151.47 
13 5  LEU A 2  ? ? -97.61  -73.66  
14 5  PRO A 9  ? ? -17.00  -75.98  
15 5  HIS A 11 ? ? -176.43 144.14  
16 6  SER A 5  ? ? -116.75 78.56   
17 7  VAL A 3  ? ? 70.61   127.12  
18 7  PRO A 4  ? ? -59.04  94.27   
19 7  PRO A 9  ? ? -69.21  -143.67 
20 8  SER A 5  ? ? -96.31  54.83   
21 8  LEU A 10 ? ? -158.58 25.65   
22 8  HIS A 11 ? ? -133.26 -30.29  
23 9  PRO A 9  ? ? -14.21  -84.30  
24 10 VAL A 3  ? ? 35.56   84.36   
25 10 ASN A 8  ? ? 39.61   50.40   
26 10 LEU A 10 ? ? 74.80   -48.05  
# 
_pdbx_nmr_ensemble.average_constraint_violations_per_residue     ? 
_pdbx_nmr_ensemble.average_constraints_per_residue               ? 
_pdbx_nmr_ensemble.average_distance_constraint_violation         ? 
_pdbx_nmr_ensemble.average_torsion_angle_constraint_violation    ? 
_pdbx_nmr_ensemble.conformer_selection_criteria                  'structures with the lowest energy' 
_pdbx_nmr_ensemble.conformers_calculated_total_number            20 
_pdbx_nmr_ensemble.conformers_submitted_total_number             10 
_pdbx_nmr_ensemble.distance_constraint_violation_method          ? 
_pdbx_nmr_ensemble.entry_id                                      2MID 
_pdbx_nmr_ensemble.maximum_distance_constraint_violation         ? 
_pdbx_nmr_ensemble.maximum_lower_distance_constraint_violation   ? 
_pdbx_nmr_ensemble.maximum_torsion_angle_constraint_violation    ? 
_pdbx_nmr_ensemble.maximum_upper_distance_constraint_violation   ? 
_pdbx_nmr_ensemble.torsion_angle_constraint_violation_method     ? 
# 
_pdbx_nmr_representative.conformer_id         1 
_pdbx_nmr_representative.entry_id             2MID 
_pdbx_nmr_representative.selection_criteria   'lowest energy' 
# 
_pdbx_nmr_sample_details.contents         
;4 mg/mL peptide, 137 mM sodium chloride, 2.7 mM potassium chloride, 10 mM sodium phosphate, 1.8 mM potassium phosphate, 90% H2O/10% D2O
;
_pdbx_nmr_sample_details.solution_id      1 
_pdbx_nmr_sample_details.solvent_system   '90% H2O/10% D2O' 
# 
loop_
_pdbx_nmr_exptl_sample.component 
_pdbx_nmr_exptl_sample.concentration 
_pdbx_nmr_exptl_sample.concentration_range 
_pdbx_nmr_exptl_sample.concentration_units 
_pdbx_nmr_exptl_sample.isotopic_labeling 
_pdbx_nmr_exptl_sample.solution_id 
entity-1                4   ? mg/mL ? 1 
'sodium chloride-2'     137 ? mM    ? 1 
'potassium chloride-3'  2.7 ? mM    ? 1 
'sodium phosphate-4'    10  ? mM    ? 1 
'potassium phosphate-5' 1.8 ? mM    ? 1 
# 
_pdbx_nmr_exptl_sample_conditions.conditions_id       1 
_pdbx_nmr_exptl_sample_conditions.ionic_strength      140 
_pdbx_nmr_exptl_sample_conditions.pH                  7.0 
_pdbx_nmr_exptl_sample_conditions.pressure            ambient 
_pdbx_nmr_exptl_sample_conditions.pressure_units      ? 
_pdbx_nmr_exptl_sample_conditions.temperature         298 
_pdbx_nmr_exptl_sample_conditions.temperature_units   K 
# 
loop_
_pdbx_nmr_exptl.conditions_id 
_pdbx_nmr_exptl.experiment_id 
_pdbx_nmr_exptl.solution_id 
_pdbx_nmr_exptl.type 
1 1 1 '2D 1H-15N HSQC' 
1 2 1 '2D 1H-13C HSQC' 
1 3 1 '2D 1H-1H TOCSY' 
1 4 1 '2D 1H-1H NOESY' 
# 
_pdbx_nmr_refine.entry_id           2MID 
_pdbx_nmr_refine.method             'simulated annealing' 
_pdbx_nmr_refine.details            ? 
_pdbx_nmr_refine.software_ordinal   1 
# 
loop_
_pdbx_nmr_software.authors 
_pdbx_nmr_software.classification 
_pdbx_nmr_software.name 
_pdbx_nmr_software.version 
_pdbx_nmr_software.ordinal 
;Linge, O'Donoghue and Nilges
;
'structure solution'        ARIA    2.3 1 
;Linge, O'Donoghue and Nilges
;
refinement                  ARIA    2.3 2 
'Delaglio, Grzesiek, Vuister, Zhu, Pfeifer and Bax' processing                  NMRPipe ?   3 
'Johnson, One Moon Scientific'                      'chemical shift assignment' NMRView ?   4 
'Johnson, One Moon Scientific'                      'data analysis'             NMRView ?   5 
'Johnson, One Moon Scientific'                      'peak picking'              NMRView ?   6 
# 
loop_
_chem_comp_atom.comp_id 
_chem_comp_atom.atom_id 
_chem_comp_atom.type_symbol 
_chem_comp_atom.pdbx_aromatic_flag 
_chem_comp_atom.pdbx_stereo_config 
_chem_comp_atom.pdbx_ordinal 
ARG N    N N N 1   
ARG CA   C N S 2   
ARG C    C N N 3   
ARG O    O N N 4   
ARG CB   C N N 5   
ARG CG   C N N 6   
ARG CD   C N N 7   
ARG NE   N N N 8   
ARG CZ   C N N 9   
ARG NH1  N N N 10  
ARG NH2  N N N 11  
ARG OXT  O N N 12  
ARG H    H N N 13  
ARG H2   H N N 14  
ARG HA   H N N 15  
ARG HB2  H N N 16  
ARG HB3  H N N 17  
ARG HG2  H N N 18  
ARG HG3  H N N 19  
ARG HD2  H N N 20  
ARG HD3  H N N 21  
ARG HE   H N N 22  
ARG HH11 H N N 23  
ARG HH12 H N N 24  
ARG HH21 H N N 25  
ARG HH22 H N N 26  
ARG HXT  H N N 27  
ASN N    N N N 28  
ASN CA   C N S 29  
ASN C    C N N 30  
ASN O    O N N 31  
ASN CB   C N N 32  
ASN CG   C N N 33  
ASN OD1  O N N 34  
ASN ND2  N N N 35  
ASN OXT  O N N 36  
ASN H    H N N 37  
ASN H2   H N N 38  
ASN HA   H N N 39  
ASN HB2  H N N 40  
ASN HB3  H N N 41  
ASN HD21 H N N 42  
ASN HD22 H N N 43  
ASN HXT  H N N 44  
GLY N    N N N 45  
GLY CA   C N N 46  
GLY C    C N N 47  
GLY O    O N N 48  
GLY OXT  O N N 49  
GLY H    H N N 50  
GLY H2   H N N 51  
GLY HA2  H N N 52  
GLY HA3  H N N 53  
GLY HXT  H N N 54  
HIS N    N N N 55  
HIS CA   C N S 56  
HIS C    C N N 57  
HIS O    O N N 58  
HIS CB   C N N 59  
HIS CG   C Y N 60  
HIS ND1  N Y N 61  
HIS CD2  C Y N 62  
HIS CE1  C Y N 63  
HIS NE2  N Y N 64  
HIS OXT  O N N 65  
HIS H    H N N 66  
HIS H2   H N N 67  
HIS HA   H N N 68  
HIS HB2  H N N 69  
HIS HB3  H N N 70  
HIS HD1  H N N 71  
HIS HD2  H N N 72  
HIS HE1  H N N 73  
HIS HE2  H N N 74  
HIS HXT  H N N 75  
LEU N    N N N 76  
LEU CA   C N S 77  
LEU C    C N N 78  
LEU O    O N N 79  
LEU CB   C N N 80  
LEU CG   C N N 81  
LEU CD1  C N N 82  
LEU CD2  C N N 83  
LEU OXT  O N N 84  
LEU H    H N N 85  
LEU H2   H N N 86  
LEU HA   H N N 87  
LEU HB2  H N N 88  
LEU HB3  H N N 89  
LEU HG   H N N 90  
LEU HD11 H N N 91  
LEU HD12 H N N 92  
LEU HD13 H N N 93  
LEU HD21 H N N 94  
LEU HD22 H N N 95  
LEU HD23 H N N 96  
LEU HXT  H N N 97  
PRO N    N N N 98  
PRO CA   C N S 99  
PRO C    C N N 100 
PRO O    O N N 101 
PRO CB   C N N 102 
PRO CG   C N N 103 
PRO CD   C N N 104 
PRO OXT  O N N 105 
PRO H    H N N 106 
PRO HA   H N N 107 
PRO HB2  H N N 108 
PRO HB3  H N N 109 
PRO HG2  H N N 110 
PRO HG3  H N N 111 
PRO HD2  H N N 112 
PRO HD3  H N N 113 
PRO HXT  H N N 114 
SER N    N N N 115 
SER CA   C N S 116 
SER C    C N N 117 
SER O    O N N 118 
SER CB   C N N 119 
SER OG   O N N 120 
SER OXT  O N N 121 
SER H    H N N 122 
SER H2   H N N 123 
SER HA   H N N 124 
SER HB2  H N N 125 
SER HB3  H N N 126 
SER HG   H N N 127 
SER HXT  H N N 128 
VAL N    N N N 129 
VAL CA   C N S 130 
VAL C    C N N 131 
VAL O    O N N 132 
VAL CB   C N N 133 
VAL CG1  C N N 134 
VAL CG2  C N N 135 
VAL OXT  O N N 136 
VAL H    H N N 137 
VAL H2   H N N 138 
VAL HA   H N N 139 
VAL HB   H N N 140 
VAL HG11 H N N 141 
VAL HG12 H N N 142 
VAL HG13 H N N 143 
VAL HG21 H N N 144 
VAL HG22 H N N 145 
VAL HG23 H N N 146 
VAL HXT  H N N 147 
# 
loop_
_chem_comp_bond.comp_id 
_chem_comp_bond.atom_id_1 
_chem_comp_bond.atom_id_2 
_chem_comp_bond.value_order 
_chem_comp_bond.pdbx_aromatic_flag 
_chem_comp_bond.pdbx_stereo_config 
_chem_comp_bond.pdbx_ordinal 
ARG N   CA   sing N N 1   
ARG N   H    sing N N 2   
ARG N   H2   sing N N 3   
ARG CA  C    sing N N 4   
ARG CA  CB   sing N N 5   
ARG CA  HA   sing N N 6   
ARG C   O    doub N N 7   
ARG C   OXT  sing N N 8   
ARG CB  CG   sing N N 9   
ARG CB  HB2  sing N N 10  
ARG CB  HB3  sing N N 11  
ARG CG  CD   sing N N 12  
ARG CG  HG2  sing N N 13  
ARG CG  HG3  sing N N 14  
ARG CD  NE   sing N N 15  
ARG CD  HD2  sing N N 16  
ARG CD  HD3  sing N N 17  
ARG NE  CZ   sing N N 18  
ARG NE  HE   sing N N 19  
ARG CZ  NH1  sing N N 20  
ARG CZ  NH2  doub N N 21  
ARG NH1 HH11 sing N N 22  
ARG NH1 HH12 sing N N 23  
ARG NH2 HH21 sing N N 24  
ARG NH2 HH22 sing N N 25  
ARG OXT HXT  sing N N 26  
ASN N   CA   sing N N 27  
ASN N   H    sing N N 28  
ASN N   H2   sing N N 29  
ASN CA  C    sing N N 30  
ASN CA  CB   sing N N 31  
ASN CA  HA   sing N N 32  
ASN C   O    doub N N 33  
ASN C   OXT  sing N N 34  
ASN CB  CG   sing N N 35  
ASN CB  HB2  sing N N 36  
ASN CB  HB3  sing N N 37  
ASN CG  OD1  doub N N 38  
ASN CG  ND2  sing N N 39  
ASN ND2 HD21 sing N N 40  
ASN ND2 HD22 sing N N 41  
ASN OXT HXT  sing N N 42  
GLY N   CA   sing N N 43  
GLY N   H    sing N N 44  
GLY N   H2   sing N N 45  
GLY CA  C    sing N N 46  
GLY CA  HA2  sing N N 47  
GLY CA  HA3  sing N N 48  
GLY C   O    doub N N 49  
GLY C   OXT  sing N N 50  
GLY OXT HXT  sing N N 51  
HIS N   CA   sing N N 52  
HIS N   H    sing N N 53  
HIS N   H2   sing N N 54  
HIS CA  C    sing N N 55  
HIS CA  CB   sing N N 56  
HIS CA  HA   sing N N 57  
HIS C   O    doub N N 58  
HIS C   OXT  sing N N 59  
HIS CB  CG   sing N N 60  
HIS CB  HB2  sing N N 61  
HIS CB  HB3  sing N N 62  
HIS CG  ND1  sing Y N 63  
HIS CG  CD2  doub Y N 64  
HIS ND1 CE1  doub Y N 65  
HIS ND1 HD1  sing N N 66  
HIS CD2 NE2  sing Y N 67  
HIS CD2 HD2  sing N N 68  
HIS CE1 NE2  sing Y N 69  
HIS CE1 HE1  sing N N 70  
HIS NE2 HE2  sing N N 71  
HIS OXT HXT  sing N N 72  
LEU N   CA   sing N N 73  
LEU N   H    sing N N 74  
LEU N   H2   sing N N 75  
LEU CA  C    sing N N 76  
LEU CA  CB   sing N N 77  
LEU CA  HA   sing N N 78  
LEU C   O    doub N N 79  
LEU C   OXT  sing N N 80  
LEU CB  CG   sing N N 81  
LEU CB  HB2  sing N N 82  
LEU CB  HB3  sing N N 83  
LEU CG  CD1  sing N N 84  
LEU CG  CD2  sing N N 85  
LEU CG  HG   sing N N 86  
LEU CD1 HD11 sing N N 87  
LEU CD1 HD12 sing N N 88  
LEU CD1 HD13 sing N N 89  
LEU CD2 HD21 sing N N 90  
LEU CD2 HD22 sing N N 91  
LEU CD2 HD23 sing N N 92  
LEU OXT HXT  sing N N 93  
PRO N   CA   sing N N 94  
PRO N   CD   sing N N 95  
PRO N   H    sing N N 96  
PRO CA  C    sing N N 97  
PRO CA  CB   sing N N 98  
PRO CA  HA   sing N N 99  
PRO C   O    doub N N 100 
PRO C   OXT  sing N N 101 
PRO CB  CG   sing N N 102 
PRO CB  HB2  sing N N 103 
PRO CB  HB3  sing N N 104 
PRO CG  CD   sing N N 105 
PRO CG  HG2  sing N N 106 
PRO CG  HG3  sing N N 107 
PRO CD  HD2  sing N N 108 
PRO CD  HD3  sing N N 109 
PRO OXT HXT  sing N N 110 
SER N   CA   sing N N 111 
SER N   H    sing N N 112 
SER N   H2   sing N N 113 
SER CA  C    sing N N 114 
SER CA  CB   sing N N 115 
SER CA  HA   sing N N 116 
SER C   O    doub N N 117 
SER C   OXT  sing N N 118 
SER CB  OG   sing N N 119 
SER CB  HB2  sing N N 120 
SER CB  HB3  sing N N 121 
SER OG  HG   sing N N 122 
SER OXT HXT  sing N N 123 
VAL N   CA   sing N N 124 
VAL N   H    sing N N 125 
VAL N   H2   sing N N 126 
VAL CA  C    sing N N 127 
VAL CA  CB   sing N N 128 
VAL CA  HA   sing N N 129 
VAL C   O    doub N N 130 
VAL C   OXT  sing N N 131 
VAL CB  CG1  sing N N 132 
VAL CB  CG2  sing N N 133 
VAL CB  HB   sing N N 134 
VAL CG1 HG11 sing N N 135 
VAL CG1 HG12 sing N N 136 
VAL CG1 HG13 sing N N 137 
VAL CG2 HG21 sing N N 138 
VAL CG2 HG22 sing N N 139 
VAL CG2 HG23 sing N N 140 
VAL OXT HXT  sing N N 141 
# 
_pdbx_nmr_spectrometer.field_strength    700 
_pdbx_nmr_spectrometer.manufacturer      Bruker 
_pdbx_nmr_spectrometer.model             AVANCE 
_pdbx_nmr_spectrometer.spectrometer_id   1 
_pdbx_nmr_spectrometer.type              'Bruker Avance' 
# 
_atom_sites.entry_id                    2MID 
_atom_sites.fract_transf_matrix[1][1]   1.000000 
_atom_sites.fract_transf_matrix[1][2]   0.000000 
_atom_sites.fract_transf_matrix[1][3]   0.000000 
_atom_sites.fract_transf_matrix[2][1]   0.000000 
_atom_sites.fract_transf_matrix[2][2]   1.000000 
_atom_sites.fract_transf_matrix[2][3]   0.000000 
_atom_sites.fract_transf_matrix[3][1]   0.000000 
_atom_sites.fract_transf_matrix[3][2]   0.000000 
_atom_sites.fract_transf_matrix[3][3]   1.000000 
_atom_sites.fract_transf_vector[1]      0.00000 
_atom_sites.fract_transf_vector[2]      0.00000 
_atom_sites.fract_transf_vector[3]      0.00000 
# 
loop_
_atom_type.symbol 
C 
H 
N 
O 
# 
loop_
_atom_site.group_PDB 
_atom_site.id 
_atom_site.type_symbol 
_atom_site.label_atom_id 
_atom_site.label_alt_id 
_atom_site.label_comp_id 
_atom_site.label_asym_id 
_atom_site.label_entity_id 
_atom_site.label_seq_id 
_atom_site.pdbx_PDB_ins_code 
_atom_site.Cartn_x 
_atom_site.Cartn_y 
_atom_site.Cartn_z 
_atom_site.occupancy 
_atom_site.B_iso_or_equiv 
_atom_site.pdbx_formal_charge 
_atom_site.auth_seq_id 
_atom_site.auth_comp_id 
_atom_site.auth_asym_id 
_atom_site.auth_atom_id 
_atom_site.pdbx_PDB_model_num 
ATOM 1    N N    . ARG A 1 1  ? -1.210  -4.974 0.171   1.00 5.33 ? 1  ARG A N    1  
ATOM 2    C CA   . ARG A 1 1  ? -1.646  -3.847 -0.682  1.00 4.32 ? 1  ARG A CA   1  
ATOM 3    C C    . ARG A 1 1  ? -3.119  -3.514 -0.432  1.00 4.18 ? 1  ARG A C    1  
ATOM 4    O O    . ARG A 1 1  ? -4.000  -3.860 -1.220  1.00 4.74 ? 1  ARG A O    1  
ATOM 5    C CB   . ARG A 1 1  ? -1.386  -4.162 -2.164  1.00 4.91 ? 1  ARG A CB   1  
ATOM 6    C CG   . ARG A 1 1  ? -2.013  -5.451 -2.666  1.00 5.44 ? 1  ARG A CG   1  
ATOM 7    C CD   . ARG A 1 1  ? -1.703  -5.677 -4.137  1.00 6.11 ? 1  ARG A CD   1  
ATOM 8    N NE   . ARG A 1 1  ? -2.119  -4.547 -4.973  1.00 6.79 ? 1  ARG A NE   1  
ATOM 9    C CZ   . ARG A 1 1  ? -1.600  -4.275 -6.172  1.00 7.57 ? 1  ARG A CZ   1  
ATOM 10   N NH1  . ARG A 1 1  ? -0.628  -5.033 -6.666  1.00 7.74 ? 1  ARG A NH1  1  
ATOM 11   N NH2  . ARG A 1 1  ? -2.049  -3.235 -6.866  1.00 8.39 ? 1  ARG A NH2  1  
ATOM 12   H H1   . ARG A 1 1  ? -1.778  -5.819 -0.034  1.00 5.64 ? 1  ARG A H1   1  
ATOM 13   H H2   . ARG A 1 1  ? -1.326  -4.728 1.173   1.00 5.52 ? 1  ARG A H2   1  
ATOM 14   H H3   . ARG A 1 1  ? -0.209  -5.188 -0.007  1.00 5.84 ? 1  ARG A H3   1  
ATOM 15   H HA   . ARG A 1 1  ? -1.058  -2.985 -0.407  1.00 3.50 ? 1  ARG A HA   1  
ATOM 16   H HB2  . ARG A 1 1  ? -1.767  -3.350 -2.764  1.00 5.22 ? 1  ARG A HB2  1  
ATOM 17   H HB3  . ARG A 1 1  ? -0.319  -4.235 -2.314  1.00 5.06 ? 1  ARG A HB3  1  
ATOM 18   H HG2  . ARG A 1 1  ? -1.614  -6.273 -2.095  1.00 5.55 ? 1  ARG A HG2  1  
ATOM 19   H HG3  . ARG A 1 1  ? -3.084  -5.398 -2.533  1.00 5.58 ? 1  ARG A HG3  1  
ATOM 20   H HD2  . ARG A 1 1  ? -0.638  -5.820 -4.249  1.00 6.23 ? 1  ARG A HD2  1  
ATOM 21   H HD3  . ARG A 1 1  ? -2.221  -6.567 -4.467  1.00 6.31 ? 1  ARG A HD3  1  
ATOM 22   H HE   . ARG A 1 1  ? -2.828  -3.961 -4.621  1.00 6.86 ? 1  ARG A HE   1  
ATOM 23   H HH11 . ARG A 1 1  ? -0.277  -5.812 -6.142  1.00 7.33 ? 1  ARG A HH11 1  
ATOM 24   H HH12 . ARG A 1 1  ? -0.249  -4.839 -7.574  1.00 8.43 ? 1  ARG A HH12 1  
ATOM 25   H HH21 . ARG A 1 1  ? -2.781  -2.656 -6.489  1.00 8.47 ? 1  ARG A HH21 1  
ATOM 26   H HH22 . ARG A 1 1  ? -1.660  -3.019 -7.765  1.00 9.05 ? 1  ARG A HH22 1  
ATOM 27   N N    . LEU A 1 2  ? -3.374  -2.827 0.674   1.00 3.65 ? 2  LEU A N    1  
ATOM 28   C CA   . LEU A 1 2  ? -4.726  -2.489 1.080   1.00 3.53 ? 2  LEU A CA   1  
ATOM 29   C C    . LEU A 1 2  ? -4.836  -1.000 1.404   1.00 2.73 ? 2  LEU A C    1  
ATOM 30   O O    . LEU A 1 2  ? -5.875  -0.377 1.195   1.00 3.21 ? 2  LEU A O    1  
ATOM 31   C CB   . LEU A 1 2  ? -5.077  -3.320 2.309   1.00 3.90 ? 2  LEU A CB   1  
ATOM 32   C CG   . LEU A 1 2  ? -6.425  -3.022 2.965   1.00 4.38 ? 2  LEU A CG   1  
ATOM 33   C CD1  . LEU A 1 2  ? -7.574  -3.350 2.022   1.00 5.35 ? 2  LEU A CD1  1  
ATOM 34   C CD2  . LEU A 1 2  ? -6.559  -3.803 4.262   1.00 4.39 ? 2  LEU A CD2  1  
ATOM 35   H H    . LEU A 1 2  ? -2.630  -2.552 1.251   1.00 3.54 ? 2  LEU A H    1  
ATOM 36   H HA   . LEU A 1 2  ? -5.400  -2.735 0.275   1.00 3.89 ? 2  LEU A HA   1  
ATOM 37   H HB2  . LEU A 1 2  ? -5.066  -4.361 2.021   1.00 4.43 ? 2  LEU A HB2  1  
ATOM 38   H HB3  . LEU A 1 2  ? -4.296  -3.162 3.038   1.00 3.67 ? 2  LEU A HB3  1  
ATOM 39   H HG   . LEU A 1 2  ? -6.479  -1.970 3.202   1.00 4.45 ? 2  LEU A HG   1  
ATOM 40   H HD11 . LEU A 1 2  ? -8.513  -3.123 2.506   1.00 5.80 ? 2  LEU A HD11 1  
ATOM 41   H HD12 . LEU A 1 2  ? -7.545  -4.400 1.770   1.00 5.60 ? 2  LEU A HD12 1  
ATOM 42   H HD13 . LEU A 1 2  ? -7.483  -2.761 1.122   1.00 5.66 ? 2  LEU A HD13 1  
ATOM 43   H HD21 . LEU A 1 2  ? -5.775  -3.507 4.942   1.00 4.59 ? 2  LEU A HD21 1  
ATOM 44   H HD22 . LEU A 1 2  ? -6.476  -4.860 4.055   1.00 4.51 ? 2  LEU A HD22 1  
ATOM 45   H HD23 . LEU A 1 2  ? -7.519  -3.599 4.706   1.00 4.55 ? 2  LEU A HD23 1  
ATOM 46   N N    . VAL A 1 3  ? -3.746  -0.441 1.907   1.00 1.81 ? 3  VAL A N    1  
ATOM 47   C CA   . VAL A 1 3  ? -3.699  0.952  2.325   1.00 1.16 ? 3  VAL A CA   1  
ATOM 48   C C    . VAL A 1 3  ? -2.350  1.540  1.941   1.00 0.79 ? 3  VAL A C    1  
ATOM 49   O O    . VAL A 1 3  ? -1.406  0.791  1.695   1.00 1.09 ? 3  VAL A O    1  
ATOM 50   C CB   . VAL A 1 3  ? -3.890  1.095  3.857   1.00 1.42 ? 3  VAL A CB   1  
ATOM 51   C CG1  . VAL A 1 3  ? -5.294  0.692  4.275   1.00 2.24 ? 3  VAL A CG1  1  
ATOM 52   C CG2  . VAL A 1 3  ? -2.854  0.270  4.609   1.00 2.32 ? 3  VAL A CG2  1  
ATOM 53   H H    . VAL A 1 3  ? -2.933  -0.976 1.984   1.00 1.94 ? 3  VAL A H    1  
ATOM 54   H HA   . VAL A 1 3  ? -4.487  1.491  1.821   1.00 1.58 ? 3  VAL A HA   1  
ATOM 55   H HB   . VAL A 1 3  ? -3.747  2.133  4.119   1.00 1.60 ? 3  VAL A HB   1  
ATOM 56   H HG11 . VAL A 1 3  ? -5.476  -0.331 3.984   1.00 2.90 ? 3  VAL A HG11 1  
ATOM 57   H HG12 . VAL A 1 3  ? -6.012  1.337  3.792   1.00 2.68 ? 3  VAL A HG12 1  
ATOM 58   H HG13 . VAL A 1 3  ? -5.391  0.785  5.345   1.00 2.49 ? 3  VAL A HG13 1  
ATOM 59   H HG21 . VAL A 1 3  ? -2.993  0.400  5.672   1.00 2.79 ? 3  VAL A HG21 1  
ATOM 60   H HG22 . VAL A 1 3  ? -1.863  0.598  4.334   1.00 2.64 ? 3  VAL A HG22 1  
ATOM 61   H HG23 . VAL A 1 3  ? -2.971  -0.773 4.356   1.00 2.92 ? 3  VAL A HG23 1  
ATOM 62   N N    . PRO A 1 4  ? -2.237  2.873  1.855   1.00 1.19 ? 4  PRO A N    1  
ATOM 63   C CA   . PRO A 1 4  ? -0.962  3.535  1.578   1.00 1.55 ? 4  PRO A CA   1  
ATOM 64   C C    . PRO A 1 4  ? -0.016  3.445  2.775   1.00 1.20 ? 4  PRO A C    1  
ATOM 65   O O    . PRO A 1 4  ? 0.273   4.446  3.435   1.00 1.69 ? 4  PRO A O    1  
ATOM 66   C CB   . PRO A 1 4  ? -1.349  4.997  1.298   1.00 2.47 ? 4  PRO A CB   1  
ATOM 67   C CG   . PRO A 1 4  ? -2.840  5.004  1.182   1.00 2.67 ? 4  PRO A CG   1  
ATOM 68   C CD   . PRO A 1 4  ? -3.329  3.843  1.996   1.00 1.97 ? 4  PRO A CD   1  
ATOM 69   H HA   . PRO A 1 4  ? -0.483  3.108  0.708   1.00 1.82 ? 4  PRO A HA   1  
ATOM 70   H HB2  . PRO A 1 4  ? -1.016  5.619  2.115   1.00 2.71 ? 4  PRO A HB2  1  
ATOM 71   H HB3  . PRO A 1 4  ? -0.882  5.324  0.380   1.00 2.93 ? 4  PRO A HB3  1  
ATOM 72   H HG2  . PRO A 1 4  ? -3.233  5.931  1.574   1.00 3.01 ? 4  PRO A HG2  1  
ATOM 73   H HG3  . PRO A 1 4  ? -3.125  4.883  0.148   1.00 3.21 ? 4  PRO A HG3  1  
ATOM 74   H HD2  . PRO A 1 4  ? -3.458  4.132  3.028   1.00 2.08 ? 4  PRO A HD2  1  
ATOM 75   H HD3  . PRO A 1 4  ? -4.249  3.454  1.589   1.00 2.24 ? 4  PRO A HD3  1  
ATOM 76   N N    . SER A 1 5  ? 0.454   2.231  3.032   1.00 0.70 ? 5  SER A N    1  
ATOM 77   C CA   . SER A 1 5  ? 1.290   1.922  4.178   1.00 1.12 ? 5  SER A CA   1  
ATOM 78   C C    . SER A 1 5  ? 1.689   0.452  4.100   1.00 0.92 ? 5  SER A C    1  
ATOM 79   O O    . SER A 1 5  ? 1.066   -0.322 3.363   1.00 1.52 ? 5  SER A O    1  
ATOM 80   C CB   . SER A 1 5  ? 0.537   2.204  5.486   1.00 1.85 ? 5  SER A CB   1  
ATOM 81   O OG   . SER A 1 5  ? 1.384   2.063  6.613   1.00 2.58 ? 5  SER A OG   1  
ATOM 82   H H    . SER A 1 5  ? 0.235   1.502  2.409   1.00 0.56 ? 5  SER A H    1  
ATOM 83   H HA   . SER A 1 5  ? 2.177   2.538  4.129   1.00 1.51 ? 5  SER A HA   1  
ATOM 84   H HB2  . SER A 1 5  ? 0.154   3.213  5.467   1.00 2.27 ? 5  SER A HB2  1  
ATOM 85   H HB3  . SER A 1 5  ? -0.284  1.511  5.580   1.00 2.17 ? 5  SER A HB3  1  
ATOM 86   H HG   . SER A 1 5  ? 1.693   2.934  6.889   1.00 3.02 ? 5  SER A HG   1  
ATOM 87   N N    . GLY A 1 6  ? 2.714   0.068  4.847   1.00 0.53 ? 6  GLY A N    1  
ATOM 88   C CA   . GLY A 1 6  ? 3.204   -1.295 4.786   1.00 0.54 ? 6  GLY A CA   1  
ATOM 89   C C    . GLY A 1 6  ? 3.931   -1.572 3.486   1.00 0.40 ? 6  GLY A C    1  
ATOM 90   O O    . GLY A 1 6  ? 4.286   -0.638 2.768   1.00 0.40 ? 6  GLY A O    1  
ATOM 91   H H    . GLY A 1 6  ? 3.143   0.714  5.449   1.00 0.88 ? 6  GLY A H    1  
ATOM 92   H HA2  . GLY A 1 6  ? 3.878   -1.466 5.610   1.00 0.76 ? 6  GLY A HA2  1  
ATOM 93   H HA3  . GLY A 1 6  ? 2.368   -1.973 4.868   1.00 0.74 ? 6  GLY A HA3  1  
ATOM 94   N N    . PRO A 1 7  ? 4.196   -2.840 3.169   1.00 0.49 ? 7  PRO A N    1  
ATOM 95   C CA   . PRO A 1 7  ? 4.800   -3.214 1.897   1.00 0.53 ? 7  PRO A CA   1  
ATOM 96   C C    . PRO A 1 7  ? 3.769   -3.274 0.779   1.00 0.57 ? 7  PRO A C    1  
ATOM 97   O O    . PRO A 1 7  ? 2.652   -3.760 0.975   1.00 0.78 ? 7  PRO A O    1  
ATOM 98   C CB   . PRO A 1 7  ? 5.380   -4.596 2.183   1.00 0.79 ? 7  PRO A CB   1  
ATOM 99   C CG   . PRO A 1 7  ? 4.476   -5.171 3.224   1.00 0.90 ? 7  PRO A CG   1  
ATOM 100  C CD   . PRO A 1 7  ? 3.960   -4.008 4.036   1.00 0.71 ? 7  PRO A CD   1  
ATOM 101  H HA   . PRO A 1 7  ? 5.585   -2.529 1.614   1.00 0.59 ? 7  PRO A HA   1  
ATOM 102  H HB2  . PRO A 1 7  ? 5.373   -5.188 1.279   1.00 0.88 ? 7  PRO A HB2  1  
ATOM 103  H HB3  . PRO A 1 7  ? 6.390   -4.498 2.548   1.00 0.90 ? 7  PRO A HB3  1  
ATOM 104  H HG2  . PRO A 1 7  ? 3.655   -5.688 2.748   1.00 1.01 ? 7  PRO A HG2  1  
ATOM 105  H HG3  . PRO A 1 7  ? 5.031   -5.850 3.855   1.00 1.11 ? 7  PRO A HG3  1  
ATOM 106  H HD2  . PRO A 1 7  ? 2.906   -4.129 4.238   1.00 0.78 ? 7  PRO A HD2  1  
ATOM 107  H HD3  . PRO A 1 7  ? 4.513   -3.921 4.959   1.00 0.82 ? 7  PRO A HD3  1  
ATOM 108  N N    . ASN A 1 8  ? 4.165   -2.780 -0.389  1.00 0.65 ? 8  ASN A N    1  
ATOM 109  C CA   . ASN A 1 8  ? 3.258   -2.611 -1.520  1.00 0.83 ? 8  ASN A CA   1  
ATOM 110  C C    . ASN A 1 8  ? 2.005   -1.844 -1.093  1.00 0.79 ? 8  ASN A C    1  
ATOM 111  O O    . ASN A 1 8  ? 0.894   -2.355 -1.220  1.00 1.02 ? 8  ASN A O    1  
ATOM 112  C CB   . ASN A 1 8  ? 2.863   -3.963 -2.132  1.00 1.11 ? 8  ASN A CB   1  
ATOM 113  C CG   . ASN A 1 8  ? 4.034   -4.692 -2.762  1.00 1.84 ? 8  ASN A CG   1  
ATOM 114  O OD1  . ASN A 1 8  ? 4.354   -4.486 -3.933  1.00 2.65 ? 8  ASN A OD1  1  
ATOM 115  N ND2  . ASN A 1 8  ? 4.666   -5.567 -2.000  1.00 2.25 ? 8  ASN A ND2  1  
ATOM 116  H H    . ASN A 1 8  ? 5.102   -2.507 -0.491  1.00 0.75 ? 8  ASN A H    1  
ATOM 117  H HA   . ASN A 1 8  ? 3.777   -2.027 -2.267  1.00 0.94 ? 8  ASN A HA   1  
ATOM 118  H HB2  . ASN A 1 8  ? 2.448   -4.591 -1.359  1.00 1.18 ? 8  ASN A HB2  1  
ATOM 119  H HB3  . ASN A 1 8  ? 2.115   -3.797 -2.894  1.00 1.43 ? 8  ASN A HB3  1  
ATOM 120  H HD21 . ASN A 1 8  ? 4.347   -5.698 -1.079  1.00 2.35 ? 8  ASN A HD21 1  
ATOM 121  H HD22 . ASN A 1 8  ? 5.424   -6.056 -2.383  1.00 2.84 ? 8  ASN A HD22 1  
ATOM 122  N N    . PRO A 1 9  ? 2.175   -0.618 -0.549  1.00 0.71 ? 9  PRO A N    1  
ATOM 123  C CA   . PRO A 1 9  ? 1.061   0.220  -0.081  1.00 0.86 ? 9  PRO A CA   1  
ATOM 124  C C    . PRO A 1 9  ? -0.064  0.381  -1.100  1.00 0.96 ? 9  PRO A C    1  
ATOM 125  O O    . PRO A 1 9  ? -0.007  1.261  -1.959  1.00 1.99 ? 9  PRO A O    1  
ATOM 126  C CB   . PRO A 1 9  ? 1.729   1.567  0.177   1.00 0.94 ? 9  PRO A CB   1  
ATOM 127  C CG   . PRO A 1 9  ? 3.110   1.209  0.563   1.00 0.91 ? 9  PRO A CG   1  
ATOM 128  C CD   . PRO A 1 9  ? 3.478   0.043  -0.308  1.00 0.73 ? 9  PRO A CD   1  
ATOM 129  H HA   . PRO A 1 9  ? 0.651   -0.156 0.845   1.00 1.10 ? 9  PRO A HA   1  
ATOM 130  H HB2  . PRO A 1 9  ? 1.707   2.163  -0.724  1.00 1.09 ? 9  PRO A HB2  1  
ATOM 131  H HB3  . PRO A 1 9  ? 1.216   2.083  0.973   1.00 1.15 ? 9  PRO A HB3  1  
ATOM 132  H HG2  . PRO A 1 9  ? 3.768   2.043  0.383   1.00 1.17 ? 9  PRO A HG2  1  
ATOM 133  H HG3  . PRO A 1 9  ? 3.138   0.923  1.604   1.00 1.07 ? 9  PRO A HG3  1  
ATOM 134  H HD2  . PRO A 1 9  ? 3.919   0.381  -1.233  1.00 0.81 ? 9  PRO A HD2  1  
ATOM 135  H HD3  . PRO A 1 9  ? 4.156   -0.628 0.218   1.00 0.83 ? 9  PRO A HD3  1  
ATOM 136  N N    . LEU A 1 10 ? -1.080  -0.475 -0.975  1.00 0.60 ? 10 LEU A N    1  
ATOM 137  C CA   . LEU A 1 10 ? -2.290  -0.430 -1.802  1.00 0.59 ? 10 LEU A CA   1  
ATOM 138  C C    . LEU A 1 10 ? -1.991  -0.635 -3.290  1.00 0.53 ? 10 LEU A C    1  
ATOM 139  O O    . LEU A 1 10 ? -2.215  -1.719 -3.825  1.00 0.85 ? 10 LEU A O    1  
ATOM 140  C CB   . LEU A 1 10 ? -3.050  0.879  -1.565  1.00 0.85 ? 10 LEU A CB   1  
ATOM 141  C CG   . LEU A 1 10 ? -4.315  1.072  -2.411  1.00 1.22 ? 10 LEU A CG   1  
ATOM 142  C CD1  . LEU A 1 10 ? -5.311  -0.054 -2.166  1.00 1.94 ? 10 LEU A CD1  1  
ATOM 143  C CD2  . LEU A 1 10 ? -4.949  2.420  -2.109  1.00 1.97 ? 10 LEU A CD2  1  
ATOM 144  H H    . LEU A 1 10 ? -1.007  -1.174 -0.293  1.00 1.27 ? 10 LEU A H    1  
ATOM 145  H HA   . LEU A 1 10 ? -2.919  -1.246 -1.477  1.00 0.83 ? 10 LEU A HA   1  
ATOM 146  H HB2  . LEU A 1 10 ? -3.333  0.914  -0.520  1.00 1.26 ? 10 LEU A HB2  1  
ATOM 147  H HB3  . LEU A 1 10 ? -2.382  1.701  -1.766  1.00 1.29 ? 10 LEU A HB3  1  
ATOM 148  H HG   . LEU A 1 10 ? -4.046  1.056  -3.457  1.00 1.74 ? 10 LEU A HG   1  
ATOM 149  H HD11 . LEU A 1 10 ? -6.198  0.117  -2.757  1.00 2.49 ? 10 LEU A HD11 1  
ATOM 150  H HD12 . LEU A 1 10 ? -5.575  -0.080 -1.119  1.00 2.46 ? 10 LEU A HD12 1  
ATOM 151  H HD13 . LEU A 1 10 ? -4.865  -0.995 -2.449  1.00 2.22 ? 10 LEU A HD13 1  
ATOM 152  H HD21 . LEU A 1 10 ? -4.244  3.207  -2.328  1.00 2.55 ? 10 LEU A HD21 1  
ATOM 153  H HD22 . LEU A 1 10 ? -5.224  2.464  -1.065  1.00 2.60 ? 10 LEU A HD22 1  
ATOM 154  H HD23 . LEU A 1 10 ? -5.832  2.548  -2.719  1.00 2.11 ? 10 LEU A HD23 1  
ATOM 155  N N    . HIS A 1 11 ? -1.497  0.398  -3.953  1.00 0.78 ? 11 HIS A N    1  
ATOM 156  C CA   . HIS A 1 11 ? -1.199  0.318  -5.376  1.00 1.07 ? 11 HIS A CA   1  
ATOM 157  C C    . HIS A 1 11 ? 0.293   0.083  -5.591  1.00 1.13 ? 11 HIS A C    1  
ATOM 158  O O    . HIS A 1 11 ? 0.708   -0.376 -6.657  1.00 1.78 ? 11 HIS A O    1  
ATOM 159  C CB   . HIS A 1 11 ? -1.647  1.605  -6.079  1.00 1.65 ? 11 HIS A CB   1  
ATOM 160  C CG   . HIS A 1 11 ? -1.599  1.534  -7.577  1.00 2.27 ? 11 HIS A CG   1  
ATOM 161  N ND1  . HIS A 1 11 ? -2.663  1.111  -8.342  1.00 2.69 ? 11 HIS A ND1  1  
ATOM 162  C CD2  . HIS A 1 11 ? -0.617  1.855  -8.451  1.00 3.00 ? 11 HIS A CD2  1  
ATOM 163  C CE1  . HIS A 1 11 ? -2.339  1.172  -9.619  1.00 3.39 ? 11 HIS A CE1  1  
ATOM 164  N NE2  . HIS A 1 11 ? -1.104  1.622  -9.714  1.00 3.63 ? 11 HIS A NE2  1  
ATOM 165  H H    . HIS A 1 11 ? -1.323  1.237  -3.473  1.00 1.05 ? 11 HIS A H    1  
ATOM 166  H HA   . HIS A 1 11 ? -1.747  -0.519 -5.784  1.00 1.20 ? 11 HIS A HA   1  
ATOM 167  H HB2  . HIS A 1 11 ? -2.663  1.828  -5.791  1.00 1.91 ? 11 HIS A HB2  1  
ATOM 168  H HB3  . HIS A 1 11 ? -1.005  2.415  -5.766  1.00 1.93 ? 11 HIS A HB3  1  
ATOM 169  H HD1  . HIS A 1 11 ? -3.533  0.801  -7.998  1.00 2.76 ? 11 HIS A HD1  1  
ATOM 170  H HD2  . HIS A 1 11 ? 0.366   2.219  -8.201  1.00 3.30 ? 11 HIS A HD2  1  
ATOM 171  H HE1  . HIS A 1 11 ? -2.976  0.903  -10.447 1.00 3.91 ? 11 HIS A HE1  1  
ATOM 172  H HE2  . HIS A 1 11 ? -0.574  1.648  -10.541 1.00 4.29 ? 11 HIS A HE2  1  
ATOM 173  N N    . ASN A 1 12 ? 1.073   0.379  -4.551  1.00 1.22 ? 12 ASN A N    1  
ATOM 174  C CA   . ASN A 1 12 ? 2.536   0.315  -4.603  1.00 1.61 ? 12 ASN A CA   1  
ATOM 175  C C    . ASN A 1 12 ? 3.076   1.317  -5.614  1.00 2.36 ? 12 ASN A C    1  
ATOM 176  O O    . ASN A 1 12 ? 3.191   0.972  -6.809  1.00 2.92 ? 12 ASN A O    1  
ATOM 177  C CB   . ASN A 1 12 ? 3.033   -1.098 -4.938  1.00 1.56 ? 12 ASN A CB   1  
ATOM 178  C CG   . ASN A 1 12 ? 4.548   -1.205 -4.884  1.00 2.33 ? 12 ASN A CG   1  
ATOM 179  O OD1  . ASN A 1 12 ? 5.125   -1.513 -3.841  1.00 2.99 ? 12 ASN A OD1  1  
ATOM 180  N ND2  . ASN A 1 12 ? 5.204   -0.936 -6.000  1.00 2.95 ? 12 ASN A ND2  1  
ATOM 181  O OXT  . ASN A 1 12 ? 3.360   2.463  -5.210  1.00 2.95 ? 12 ASN A OXT  1  
ATOM 182  H H    . ASN A 1 12 ? 0.650   0.657  -3.712  1.00 1.55 ? 12 ASN A H    1  
ATOM 183  H HA   . ASN A 1 12 ? 2.905   0.588  -3.624  1.00 2.01 ? 12 ASN A HA   1  
ATOM 184  H HB2  . ASN A 1 12 ? 2.616   -1.799 -4.229  1.00 1.71 ? 12 ASN A HB2  1  
ATOM 185  H HB3  . ASN A 1 12 ? 2.706   -1.361 -5.934  1.00 1.76 ? 12 ASN A HB3  1  
ATOM 186  H HD21 . ASN A 1 12 ? 4.685   -0.679 -6.791  1.00 3.02 ? 12 ASN A HD21 1  
ATOM 187  H HD22 . ASN A 1 12 ? 6.182   -1.002 -5.989  1.00 3.64 ? 12 ASN A HD22 1  
ATOM 188  N N    . ARG A 1 1  ? -1.469  -4.203 2.512   1.00 5.33 ? 1  ARG A N    2  
ATOM 189  C CA   . ARG A 1 1  ? -1.981  -3.575 1.272   1.00 4.32 ? 1  ARG A CA   2  
ATOM 190  C C    . ARG A 1 1  ? -3.360  -2.972 1.518   1.00 4.18 ? 1  ARG A C    2  
ATOM 191  O O    . ARG A 1 1  ? -3.813  -2.929 2.661   1.00 4.74 ? 1  ARG A O    2  
ATOM 192  C CB   . ARG A 1 1  ? -2.020  -4.600 0.134   1.00 4.91 ? 1  ARG A CB   2  
ATOM 193  C CG   . ARG A 1 1  ? -2.860  -5.831 0.425   1.00 5.44 ? 1  ARG A CG   2  
ATOM 194  C CD   . ARG A 1 1  ? -2.566  -6.942 -0.571  1.00 6.11 ? 1  ARG A CD   2  
ATOM 195  N NE   . ARG A 1 1  ? -1.197  -7.444 -0.437  1.00 6.79 ? 1  ARG A NE   2  
ATOM 196  C CZ   . ARG A 1 1  ? -0.493  -7.980 -1.434  1.00 7.57 ? 1  ARG A CZ   2  
ATOM 197  N NH1  . ARG A 1 1  ? -1.003  -8.052 -2.657  1.00 7.74 ? 1  ARG A NH1  2  
ATOM 198  N NH2  . ARG A 1 1  ? 0.729   -8.446 -1.206  1.00 8.39 ? 1  ARG A NH2  2  
ATOM 199  H H1   . ARG A 1 1  ? -2.130  -4.933 2.845   1.00 5.64 ? 1  ARG A H1   2  
ATOM 200  H H2   . ARG A 1 1  ? -1.365  -3.487 3.257   1.00 5.52 ? 1  ARG A H2   2  
ATOM 201  H H3   . ARG A 1 1  ? -0.546  -4.641 2.340   1.00 5.84 ? 1  ARG A H3   2  
ATOM 202  H HA   . ARG A 1 1  ? -1.304  -2.777 1.001   1.00 3.50 ? 1  ARG A HA   2  
ATOM 203  H HB2  . ARG A 1 1  ? -2.423  -4.123 -0.745  1.00 5.22 ? 1  ARG A HB2  2  
ATOM 204  H HB3  . ARG A 1 1  ? -1.012  -4.922 -0.076  1.00 5.06 ? 1  ARG A HB3  2  
ATOM 205  H HG2  . ARG A 1 1  ? -2.633  -6.183 1.421   1.00 5.55 ? 1  ARG A HG2  2  
ATOM 206  H HG3  . ARG A 1 1  ? -3.904  -5.566 0.362   1.00 5.58 ? 1  ARG A HG3  2  
ATOM 207  H HD2  . ARG A 1 1  ? -3.258  -7.755 -0.401  1.00 6.23 ? 1  ARG A HD2  2  
ATOM 208  H HD3  . ARG A 1 1  ? -2.704  -6.556 -1.571  1.00 6.31 ? 1  ARG A HD3  2  
ATOM 209  H HE   . ARG A 1 1  ? -0.787  -7.391 0.456   1.00 6.86 ? 1  ARG A HE   2  
ATOM 210  H HH11 . ARG A 1 1  ? -1.925  -7.700 -2.842  1.00 7.33 ? 1  ARG A HH11 2  
ATOM 211  H HH12 . ARG A 1 1  ? -0.468  -8.458 -3.403  1.00 8.43 ? 1  ARG A HH12 2  
ATOM 212  H HH21 . ARG A 1 1  ? 1.125   -8.395 -0.285  1.00 8.47 ? 1  ARG A HH21 2  
ATOM 213  H HH22 . ARG A 1 1  ? 1.264   -8.851 -1.955  1.00 9.05 ? 1  ARG A HH22 2  
ATOM 214  N N    . LEU A 1 2  ? -3.999  -2.463 0.451   1.00 3.65 ? 2  LEU A N    2  
ATOM 215  C CA   . LEU A 1 2  ? -5.333  -1.843 0.533   1.00 3.53 ? 2  LEU A CA   2  
ATOM 216  C C    . LEU A 1 2  ? -5.248  -0.447 1.155   1.00 2.73 ? 2  LEU A C    2  
ATOM 217  O O    . LEU A 1 2  ? -6.071  0.423  0.881   1.00 3.21 ? 2  LEU A O    2  
ATOM 218  C CB   . LEU A 1 2  ? -6.320  -2.722 1.311   1.00 3.90 ? 2  LEU A CB   2  
ATOM 219  C CG   . LEU A 1 2  ? -6.592  -4.098 0.698   1.00 4.38 ? 2  LEU A CG   2  
ATOM 220  C CD1  . LEU A 1 2  ? -7.517  -4.908 1.592   1.00 5.35 ? 2  LEU A CD1  2  
ATOM 221  C CD2  . LEU A 1 2  ? -7.190  -3.952 -0.692  1.00 4.39 ? 2  LEU A CD2  2  
ATOM 222  H H    . LEU A 1 2  ? -3.552  -2.491 -0.423  1.00 3.54 ? 2  LEU A H    2  
ATOM 223  H HA   . LEU A 1 2  ? -5.693  -1.736 -0.478  1.00 3.89 ? 2  LEU A HA   2  
ATOM 224  H HB2  . LEU A 1 2  ? -5.929  -2.866 2.309   1.00 4.43 ? 2  LEU A HB2  2  
ATOM 225  H HB3  . LEU A 1 2  ? -7.258  -2.195 1.385   1.00 3.67 ? 2  LEU A HB3  2  
ATOM 226  H HG   . LEU A 1 2  ? -5.660  -4.635 0.608   1.00 4.45 ? 2  LEU A HG   2  
ATOM 227  H HD11 . LEU A 1 2  ? -7.693  -5.875 1.147   1.00 5.80 ? 2  LEU A HD11 2  
ATOM 228  H HD12 . LEU A 1 2  ? -8.454  -4.386 1.704   1.00 5.60 ? 2  LEU A HD12 2  
ATOM 229  H HD13 . LEU A 1 2  ? -7.058  -5.035 2.562   1.00 5.66 ? 2  LEU A HD13 2  
ATOM 230  H HD21 . LEU A 1 2  ? -7.402  -4.931 -1.096  1.00 4.59 ? 2  LEU A HD21 2  
ATOM 231  H HD22 . LEU A 1 2  ? -6.487  -3.441 -1.335  1.00 4.51 ? 2  LEU A HD22 2  
ATOM 232  H HD23 . LEU A 1 2  ? -8.104  -3.381 -0.633  1.00 4.55 ? 2  LEU A HD23 2  
ATOM 233  N N    . VAL A 1 3  ? -4.243  -0.252 1.986   1.00 1.81 ? 3  VAL A N    2  
ATOM 234  C CA   . VAL A 1 3  ? -3.949  1.036  2.576   1.00 1.16 ? 3  VAL A CA   2  
ATOM 235  C C    . VAL A 1 3  ? -2.533  1.438  2.166   1.00 0.79 ? 3  VAL A C    2  
ATOM 236  O O    . VAL A 1 3  ? -1.652  0.578  2.072   1.00 1.09 ? 3  VAL A O    2  
ATOM 237  C CB   . VAL A 1 3  ? -4.076  0.972  4.122   1.00 1.42 ? 3  VAL A CB   2  
ATOM 238  C CG1  . VAL A 1 3  ? -3.028  0.049  4.726   1.00 2.24 ? 3  VAL A CG1  2  
ATOM 239  C CG2  . VAL A 1 3  ? -3.998  2.357  4.745   1.00 2.32 ? 3  VAL A CG2  2  
ATOM 240  H H    . VAL A 1 3  ? -3.671  -1.009 2.214   1.00 1.94 ? 3  VAL A H    2  
ATOM 241  H HA   . VAL A 1 3  ? -4.654  1.758  2.192   1.00 1.58 ? 3  VAL A HA   2  
ATOM 242  H HB   . VAL A 1 3  ? -5.047  0.557  4.353   1.00 1.60 ? 3  VAL A HB   2  
ATOM 243  H HG11 . VAL A 1 3  ? -3.174  -0.953 4.353   1.00 2.90 ? 3  VAL A HG11 2  
ATOM 244  H HG12 . VAL A 1 3  ? -3.122  0.050  5.801   1.00 2.68 ? 3  VAL A HG12 2  
ATOM 245  H HG13 . VAL A 1 3  ? -2.041  0.394  4.450   1.00 2.49 ? 3  VAL A HG13 2  
ATOM 246  H HG21 . VAL A 1 3  ? -4.070  2.272  5.819   1.00 2.79 ? 3  VAL A HG21 2  
ATOM 247  H HG22 . VAL A 1 3  ? -4.813  2.963  4.379   1.00 2.64 ? 3  VAL A HG22 2  
ATOM 248  H HG23 . VAL A 1 3  ? -3.057  2.819  4.483   1.00 2.92 ? 3  VAL A HG23 2  
ATOM 249  N N    . PRO A 1 4  ? -2.302  2.722  1.846   1.00 1.19 ? 4  PRO A N    2  
ATOM 250  C CA   . PRO A 1 4  ? -0.968  3.212  1.480   1.00 1.55 ? 4  PRO A CA   2  
ATOM 251  C C    . PRO A 1 4  ? 0.003   3.225  2.668   1.00 1.20 ? 4  PRO A C    2  
ATOM 252  O O    . PRO A 1 4  ? 0.463   4.283  3.105   1.00 1.69 ? 4  PRO A O    2  
ATOM 253  C CB   . PRO A 1 4  ? -1.232  4.636  0.984   1.00 2.47 ? 4  PRO A CB   2  
ATOM 254  C CG   . PRO A 1 4  ? -2.504  5.040  1.644   1.00 2.67 ? 4  PRO A CG   2  
ATOM 255  C CD   . PRO A 1 4  ? -3.320  3.786  1.775   1.00 1.97 ? 4  PRO A CD   2  
ATOM 256  H HA   . PRO A 1 4  ? -0.542  2.623  0.681   1.00 1.82 ? 4  PRO A HA   2  
ATOM 257  H HB2  . PRO A 1 4  ? -0.413  5.278  1.273   1.00 2.71 ? 4  PRO A HB2  2  
ATOM 258  H HB3  . PRO A 1 4  ? -1.332  4.632  -0.092  1.00 2.93 ? 4  PRO A HB3  2  
ATOM 259  H HG2  . PRO A 1 4  ? -2.294  5.454  2.619   1.00 3.01 ? 4  PRO A HG2  2  
ATOM 260  H HG3  . PRO A 1 4  ? -3.022  5.764  1.033   1.00 3.21 ? 4  PRO A HG3  2  
ATOM 261  H HD2  . PRO A 1 4  ? -3.915  3.814  2.676   1.00 2.08 ? 4  PRO A HD2  2  
ATOM 262  H HD3  . PRO A 1 4  ? -3.953  3.656  0.908   1.00 2.24 ? 4  PRO A HD3  2  
ATOM 263  N N    . SER A 1 5  ? 0.301   2.042  3.190   1.00 0.70 ? 5  SER A N    2  
ATOM 264  C CA   . SER A 1 5  ? 1.214   1.894  4.312   1.00 1.12 ? 5  SER A CA   2  
ATOM 265  C C    . SER A 1 5  ? 1.823   0.495  4.300   1.00 0.92 ? 5  SER A C    2  
ATOM 266  O O    . SER A 1 5  ? 1.170   -0.470 3.889   1.00 1.52 ? 5  SER A O    2  
ATOM 267  C CB   . SER A 1 5  ? 0.478   2.148  5.633   1.00 1.85 ? 5  SER A CB   2  
ATOM 268  O OG   . SER A 1 5  ? -0.088  3.452  5.656   1.00 2.58 ? 5  SER A OG   2  
ATOM 269  H H    . SER A 1 5  ? -0.110  1.233  2.804   1.00 0.56 ? 5  SER A H    2  
ATOM 270  H HA   . SER A 1 5  ? 2.004   2.622  4.198   1.00 1.51 ? 5  SER A HA   2  
ATOM 271  H HB2  . SER A 1 5  ? -0.315  1.424  5.747   1.00 2.27 ? 5  SER A HB2  2  
ATOM 272  H HB3  . SER A 1 5  ? 1.172   2.056  6.455   1.00 2.17 ? 5  SER A HB3  2  
ATOM 273  H HG   . SER A 1 5  ? 0.151   3.913  4.838   1.00 3.02 ? 5  SER A HG   2  
ATOM 274  N N    . GLY A 1 6  ? 3.074   0.391  4.726   1.00 0.53 ? 6  GLY A N    2  
ATOM 275  C CA   . GLY A 1 6  ? 3.759   -0.887 4.721   1.00 0.54 ? 6  GLY A CA   2  
ATOM 276  C C    . GLY A 1 6  ? 4.184   -1.293 3.324   1.00 0.40 ? 6  GLY A C    2  
ATOM 277  O O    . GLY A 1 6  ? 4.206   -0.462 2.421   1.00 0.40 ? 6  GLY A O    2  
ATOM 278  H H    . GLY A 1 6  ? 3.542   1.194  5.044   1.00 0.88 ? 6  GLY A H    2  
ATOM 279  H HA2  . GLY A 1 6  ? 4.634   -0.819 5.349   1.00 0.76 ? 6  GLY A HA2  2  
ATOM 280  H HA3  . GLY A 1 6  ? 3.098   -1.642 5.120   1.00 0.74 ? 6  GLY A HA3  2  
ATOM 281  N N    . PRO A 1 7  ? 4.548   -2.563 3.116   1.00 0.49 ? 7  PRO A N    2  
ATOM 282  C CA   . PRO A 1 7  ? 4.894   -3.068 1.790   1.00 0.53 ? 7  PRO A CA   2  
ATOM 283  C C    . PRO A 1 7  ? 3.660   -3.338 0.946   1.00 0.57 ? 7  PRO A C    2  
ATOM 284  O O    . PRO A 1 7  ? 2.637   -3.802 1.452   1.00 0.78 ? 7  PRO A O    2  
ATOM 285  C CB   . PRO A 1 7  ? 5.645   -4.361 2.095   1.00 0.79 ? 7  PRO A CB   2  
ATOM 286  C CG   . PRO A 1 7  ? 5.069   -4.835 3.385   1.00 0.90 ? 7  PRO A CG   2  
ATOM 287  C CD   . PRO A 1 7  ? 4.673   -3.601 4.155   1.00 0.71 ? 7  PRO A CD   2  
ATOM 288  H HA   . PRO A 1 7  ? 5.533   -2.377 1.256   1.00 0.59 ? 7  PRO A HA   2  
ATOM 289  H HB2  . PRO A 1 7  ? 5.477   -5.072 1.299   1.00 0.88 ? 7  PRO A HB2  2  
ATOM 290  H HB3  . PRO A 1 7  ? 6.701   -4.156 2.186   1.00 0.90 ? 7  PRO A HB3  2  
ATOM 291  H HG2  . PRO A 1 7  ? 4.201   -5.448 3.192   1.00 1.01 ? 7  PRO A HG2  2  
ATOM 292  H HG3  . PRO A 1 7  ? 5.811   -5.398 3.932   1.00 1.11 ? 7  PRO A HG3  2  
ATOM 293  H HD2  . PRO A 1 7  ? 3.731   -3.757 4.659   1.00 0.78 ? 7  PRO A HD2  2  
ATOM 294  H HD3  . PRO A 1 7  ? 5.442   -3.340 4.866   1.00 0.82 ? 7  PRO A HD3  2  
ATOM 295  N N    . ASN A 1 8  ? 3.782   -3.049 -0.343  1.00 0.65 ? 8  ASN A N    2  
ATOM 296  C CA   . ASN A 1 8  ? 2.643   -3.053 -1.262  1.00 0.83 ? 8  ASN A CA   2  
ATOM 297  C C    . ASN A 1 8  ? 1.531   -2.159 -0.710  1.00 0.79 ? 8  ASN A C    2  
ATOM 298  O O    . ASN A 1 8  ? 0.441   -2.639 -0.392  1.00 1.02 ? 8  ASN A O    2  
ATOM 299  C CB   . ASN A 1 8  ? 2.093   -4.470 -1.507  1.00 1.11 ? 8  ASN A CB   2  
ATOM 300  C CG   . ASN A 1 8  ? 3.047   -5.395 -2.251  1.00 1.84 ? 8  ASN A CG   2  
ATOM 301  O OD1  . ASN A 1 8  ? 2.610   -6.282 -2.985  1.00 2.65 ? 8  ASN A OD1  2  
ATOM 302  N ND2  . ASN A 1 8  ? 4.346   -5.214 -2.072  1.00 2.25 ? 8  ASN A ND2  2  
ATOM 303  H H    . ASN A 1 8  ? 4.667   -2.805 -0.690  1.00 0.75 ? 8  ASN A H    2  
ATOM 304  H HA   . ASN A 1 8  ? 2.980   -2.640 -2.201  1.00 0.94 ? 8  ASN A HA   2  
ATOM 305  H HB2  . ASN A 1 8  ? 1.856   -4.924 -0.559  1.00 1.18 ? 8  ASN A HB2  2  
ATOM 306  H HB3  . ASN A 1 8  ? 1.187   -4.384 -2.093  1.00 1.43 ? 8  ASN A HB3  2  
ATOM 307  H HD21 . ASN A 1 8  ? 4.636   -4.495 -1.474  1.00 2.35 ? 8  ASN A HD21 2  
ATOM 308  H HD22 . ASN A 1 8  ? 4.967   -5.808 -2.546  1.00 2.84 ? 8  ASN A HD22 2  
ATOM 309  N N    . PRO A 1 9  ? 1.815   -0.851 -0.543  1.00 0.71 ? 9  PRO A N    2  
ATOM 310  C CA   . PRO A 1 9  ? 0.841   0.135  -0.037  1.00 0.86 ? 9  PRO A CA   2  
ATOM 311  C C    . PRO A 1 9  ? -0.346  0.364  -0.980  1.00 0.96 ? 9  PRO A C    2  
ATOM 312  O O    . PRO A 1 9  ? -0.611  1.503  -1.376  1.00 1.99 ? 9  PRO A O    2  
ATOM 313  C CB   . PRO A 1 9  ? 1.653   1.432  0.076   1.00 0.94 ? 9  PRO A CB   2  
ATOM 314  C CG   . PRO A 1 9  ? 3.083   1.029  0.010   1.00 0.91 ? 9  PRO A CG   2  
ATOM 315  C CD   . PRO A 1 9  ? 3.132   -0.236 -0.792  1.00 0.73 ? 9  PRO A CD   2  
ATOM 316  H HA   . PRO A 1 9  ? 0.471   -0.141 0.940   1.00 1.10 ? 9  PRO A HA   2  
ATOM 317  H HB2  . PRO A 1 9  ? 1.396   2.089  -0.741  1.00 1.09 ? 9  PRO A HB2  2  
ATOM 318  H HB3  . PRO A 1 9  ? 1.427   1.916  1.014   1.00 1.15 ? 9  PRO A HB3  2  
ATOM 319  H HG2  . PRO A 1 9  ? 3.660   1.801  -0.476  1.00 1.17 ? 9  PRO A HG2  2  
ATOM 320  H HG3  . PRO A 1 9  ? 3.458   0.852  1.008   1.00 1.07 ? 9  PRO A HG3  2  
ATOM 321  H HD2  . PRO A 1 9  ? 3.266   -0.016 -1.841  1.00 0.81 ? 9  PRO A HD2  2  
ATOM 322  H HD3  . PRO A 1 9  ? 3.931   -0.881 -0.427  1.00 0.83 ? 9  PRO A HD3  2  
ATOM 323  N N    . LEU A 1 10 ? -1.055  -0.716 -1.323  1.00 0.60 ? 10 LEU A N    2  
ATOM 324  C CA   . LEU A 1 10 ? -2.213  -0.672 -2.217  1.00 0.59 ? 10 LEU A CA   2  
ATOM 325  C C    . LEU A 1 10 ? -1.809  -0.330 -3.651  1.00 0.53 ? 10 LEU A C    2  
ATOM 326  O O    . LEU A 1 10 ? -2.106  -1.077 -4.583  1.00 0.85 ? 10 LEU A O    2  
ATOM 327  C CB   . LEU A 1 10 ? -3.259  0.311  -1.687  1.00 0.85 ? 10 LEU A CB   2  
ATOM 328  C CG   . LEU A 1 10 ? -4.384  0.673  -2.663  1.00 1.22 ? 10 LEU A CG   2  
ATOM 329  C CD1  . LEU A 1 10 ? -5.232  -0.543 -3.008  1.00 1.94 ? 10 LEU A CD1  2  
ATOM 330  C CD2  . LEU A 1 10 ? -5.251  1.780  -2.085  1.00 1.97 ? 10 LEU A CD2  2  
ATOM 331  H H    . LEU A 1 10 ? -0.781  -1.585 -0.959  1.00 1.27 ? 10 LEU A H    2  
ATOM 332  H HA   . LEU A 1 10 ? -2.647  -1.660 -2.219  1.00 0.83 ? 10 LEU A HA   2  
ATOM 333  H HB2  . LEU A 1 10 ? -3.699  -0.130 -0.799  1.00 1.26 ? 10 LEU A HB2  2  
ATOM 334  H HB3  . LEU A 1 10 ? -2.752  1.221  -1.401  1.00 1.29 ? 10 LEU A HB3  2  
ATOM 335  H HG   . LEU A 1 10 ? -3.947  1.040  -3.581  1.00 1.74 ? 10 LEU A HG   2  
ATOM 336  H HD11 . LEU A 1 10 ? -4.592  -1.341 -3.353  1.00 2.49 ? 10 LEU A HD11 2  
ATOM 337  H HD12 . LEU A 1 10 ? -5.932  -0.282 -3.787  1.00 2.46 ? 10 LEU A HD12 2  
ATOM 338  H HD13 . LEU A 1 10 ? -5.771  -0.867 -2.133  1.00 2.22 ? 10 LEU A HD13 2  
ATOM 339  H HD21 . LEU A 1 10 ? -4.643  2.653  -1.898  1.00 2.55 ? 10 LEU A HD21 2  
ATOM 340  H HD22 . LEU A 1 10 ? -5.694  1.445  -1.159  1.00 2.60 ? 10 LEU A HD22 2  
ATOM 341  H HD23 . LEU A 1 10 ? -6.032  2.030  -2.786  1.00 2.11 ? 10 LEU A HD23 2  
ATOM 342  N N    . HIS A 1 11 ? -1.129  0.789  -3.826  1.00 0.78 ? 11 HIS A N    2  
ATOM 343  C CA   . HIS A 1 11 ? -0.648  1.194  -5.132  1.00 1.07 ? 11 HIS A CA   2  
ATOM 344  C C    . HIS A 1 11 ? 0.745   0.624  -5.349  1.00 1.13 ? 11 HIS A C    2  
ATOM 345  O O    . HIS A 1 11 ? 1.726   1.360  -5.431  1.00 1.78 ? 11 HIS A O    2  
ATOM 346  C CB   . HIS A 1 11 ? -0.621  2.720  -5.255  1.00 1.65 ? 11 HIS A CB   2  
ATOM 347  C CG   . HIS A 1 11 ? -1.928  3.375  -4.937  1.00 2.27 ? 11 HIS A CG   2  
ATOM 348  N ND1  . HIS A 1 11 ? -3.015  3.343  -5.784  1.00 2.69 ? 11 HIS A ND1  2  
ATOM 349  C CD2  . HIS A 1 11 ? -2.322  4.079  -3.849  1.00 3.00 ? 11 HIS A CD2  2  
ATOM 350  C CE1  . HIS A 1 11 ? -4.017  4.002  -5.231  1.00 3.39 ? 11 HIS A CE1  2  
ATOM 351  N NE2  . HIS A 1 11 ? -3.624  4.457  -4.058  1.00 3.63 ? 11 HIS A NE2  2  
ATOM 352  H H    . HIS A 1 11 ? -0.928  1.351  -3.043  1.00 1.05 ? 11 HIS A H    2  
ATOM 353  H HA   . HIS A 1 11 ? -1.316  0.786  -5.877  1.00 1.20 ? 11 HIS A HA   2  
ATOM 354  H HB2  . HIS A 1 11 ? 0.120   3.115  -4.577  1.00 1.91 ? 11 HIS A HB2  2  
ATOM 355  H HB3  . HIS A 1 11 ? -0.353  2.986  -6.268  1.00 1.93 ? 11 HIS A HB3  2  
ATOM 356  H HD1  . HIS A 1 11 ? -3.049  2.899  -6.662  1.00 2.76 ? 11 HIS A HD1  2  
ATOM 357  H HD2  . HIS A 1 11 ? -1.723  4.299  -2.977  1.00 3.30 ? 11 HIS A HD2  2  
ATOM 358  H HE1  . HIS A 1 11 ? -4.995  4.148  -5.667  1.00 3.91 ? 11 HIS A HE1  2  
ATOM 359  H HE2  . HIS A 1 11 ? -4.118  5.112  -3.514  1.00 4.29 ? 11 HIS A HE2  2  
ATOM 360  N N    . ASN A 1 12 ? 0.822   -0.696 -5.411  1.00 1.22 ? 12 ASN A N    2  
ATOM 361  C CA   . ASN A 1 12 ? 2.096   -1.378 -5.558  1.00 1.61 ? 12 ASN A CA   2  
ATOM 362  C C    . ASN A 1 12 ? 2.603   -1.251 -6.989  1.00 2.36 ? 12 ASN A C    2  
ATOM 363  O O    . ASN A 1 12 ? 3.485   -0.405 -7.234  1.00 2.92 ? 12 ASN A O    2  
ATOM 364  C CB   . ASN A 1 12 ? 1.969   -2.857 -5.178  1.00 1.56 ? 12 ASN A CB   2  
ATOM 365  C CG   . ASN A 1 12 ? 3.272   -3.609 -5.369  1.00 2.33 ? 12 ASN A CG   2  
ATOM 366  O OD1  . ASN A 1 12 ? 4.356   -3.052 -5.201  1.00 2.99 ? 12 ASN A OD1  2  
ATOM 367  N ND2  . ASN A 1 12 ? 3.172   -4.877 -5.730  1.00 2.95 ? 12 ASN A ND2  2  
ATOM 368  O OXT  . ASN A 1 12 ? 2.106   -1.986 -7.867  1.00 2.95 ? 12 ASN A OXT  2  
ATOM 369  H H    . ASN A 1 12 ? -0.004  -1.226 -5.373  1.00 1.55 ? 12 ASN A H    2  
ATOM 370  H HA   . ASN A 1 12 ? 2.804   -0.904 -4.895  1.00 2.01 ? 12 ASN A HA   2  
ATOM 371  H HB2  . ASN A 1 12 ? 1.676   -2.938 -4.138  1.00 1.71 ? 12 ASN A HB2  2  
ATOM 372  H HB3  . ASN A 1 12 ? 1.214   -3.316 -5.798  1.00 1.76 ? 12 ASN A HB3  2  
ATOM 373  H HD21 . ASN A 1 12 ? 2.273   -5.258 -5.849  1.00 3.02 ? 12 ASN A HD21 2  
ATOM 374  H HD22 . ASN A 1 12 ? 3.999   -5.389 -5.867  1.00 3.64 ? 12 ASN A HD22 2  
ATOM 375  N N    . ARG A 1 1  ? -3.282  -4.399 0.801   1.00 5.33 ? 1  ARG A N    3  
ATOM 376  C CA   . ARG A 1 1  ? -3.513  -3.349 -0.222  1.00 4.32 ? 1  ARG A CA   3  
ATOM 377  C C    . ARG A 1 1  ? -4.656  -2.429 0.195   1.00 4.18 ? 1  ARG A C    3  
ATOM 378  O O    . ARG A 1 1  ? -5.582  -2.180 -0.575  1.00 4.74 ? 1  ARG A O    3  
ATOM 379  C CB   . ARG A 1 1  ? -3.834  -3.988 -1.575  1.00 4.91 ? 1  ARG A CB   3  
ATOM 380  C CG   . ARG A 1 1  ? -2.679  -4.769 -2.176  1.00 5.44 ? 1  ARG A CG   3  
ATOM 381  C CD   . ARG A 1 1  ? -3.112  -5.526 -3.421  1.00 6.11 ? 1  ARG A CD   3  
ATOM 382  N NE   . ARG A 1 1  ? -4.163  -6.502 -3.130  1.00 6.79 ? 1  ARG A NE   3  
ATOM 383  C CZ   . ARG A 1 1  ? -4.754  -7.258 -4.053  1.00 7.57 ? 1  ARG A CZ   3  
ATOM 384  N NH1  . ARG A 1 1  ? -4.396  -7.159 -5.325  1.00 7.74 ? 1  ARG A NH1  3  
ATOM 385  N NH2  . ARG A 1 1  ? -5.701  -8.119 -3.703  1.00 8.39 ? 1  ARG A NH2  3  
ATOM 386  H H1   . ARG A 1 1  ? -2.487  -5.006 0.521   1.00 5.64 ? 1  ARG A H1   3  
ATOM 387  H H2   . ARG A 1 1  ? -4.129  -4.992 0.907   1.00 5.52 ? 1  ARG A H2   3  
ATOM 388  H H3   . ARG A 1 1  ? -3.060  -3.964 1.720   1.00 5.84 ? 1  ARG A H3   3  
ATOM 389  H HA   . ARG A 1 1  ? -2.611  -2.760 -0.315  1.00 3.50 ? 1  ARG A HA   3  
ATOM 390  H HB2  . ARG A 1 1  ? -4.667  -4.662 -1.453  1.00 5.22 ? 1  ARG A HB2  3  
ATOM 391  H HB3  . ARG A 1 1  ? -4.110  -3.211 -2.269  1.00 5.06 ? 1  ARG A HB3  3  
ATOM 392  H HG2  . ARG A 1 1  ? -1.897  -4.078 -2.444  1.00 5.55 ? 1  ARG A HG2  3  
ATOM 393  H HG3  . ARG A 1 1  ? -2.309  -5.472 -1.444  1.00 5.58 ? 1  ARG A HG3  3  
ATOM 394  H HD2  . ARG A 1 1  ? -3.482  -4.819 -4.147  1.00 6.23 ? 1  ARG A HD2  3  
ATOM 395  H HD3  . ARG A 1 1  ? -2.256  -6.045 -3.826  1.00 6.31 ? 1  ARG A HD3  3  
ATOM 396  H HE   . ARG A 1 1  ? -4.443  -6.596 -2.191  1.00 6.86 ? 1  ARG A HE   3  
ATOM 397  H HH11 . ARG A 1 1  ? -3.680  -6.514 -5.599  1.00 7.33 ? 1  ARG A HH11 3  
ATOM 398  H HH12 . ARG A 1 1  ? -4.842  -7.729 -6.021  1.00 8.43 ? 1  ARG A HH12 3  
ATOM 399  H HH21 . ARG A 1 1  ? -5.979  -8.204 -2.741  1.00 8.47 ? 1  ARG A HH21 3  
ATOM 400  H HH22 . ARG A 1 1  ? -6.150  -8.686 -4.400  1.00 9.05 ? 1  ARG A HH22 3  
ATOM 401  N N    . LEU A 1 2  ? -4.589  -1.934 1.418   1.00 3.65 ? 2  LEU A N    3  
ATOM 402  C CA   . LEU A 1 2  ? -5.580  -1.018 1.937   1.00 3.53 ? 2  LEU A CA   3  
ATOM 403  C C    . LEU A 1 2  ? -4.886  0.087  2.714   1.00 2.73 ? 2  LEU A C    3  
ATOM 404  O O    . LEU A 1 2  ? -4.256  -0.183 3.739   1.00 3.21 ? 2  LEU A O    3  
ATOM 405  C CB   . LEU A 1 2  ? -6.534  -1.770 2.853   1.00 3.90 ? 2  LEU A CB   3  
ATOM 406  C CG   . LEU A 1 2  ? -7.558  -2.675 2.159   1.00 4.38 ? 2  LEU A CG   3  
ATOM 407  C CD1  . LEU A 1 2  ? -8.389  -3.421 3.192   1.00 5.35 ? 2  LEU A CD1  3  
ATOM 408  C CD2  . LEU A 1 2  ? -8.463  -1.864 1.241   1.00 4.39 ? 2  LEU A CD2  3  
ATOM 409  H H    . LEU A 1 2  ? -3.849  -2.192 2.006   1.00 3.54 ? 2  LEU A H    3  
ATOM 410  H HA   . LEU A 1 2  ? -6.126  -0.593 1.111   1.00 3.89 ? 2  LEU A HA   3  
ATOM 411  H HB2  . LEU A 1 2  ? -5.929  -2.383 3.503   1.00 4.43 ? 2  LEU A HB2  3  
ATOM 412  H HB3  . LEU A 1 2  ? -7.067  -1.049 3.455   1.00 3.67 ? 2  LEU A HB3  3  
ATOM 413  H HG   . LEU A 1 2  ? -7.035  -3.403 1.558   1.00 4.45 ? 2  LEU A HG   3  
ATOM 414  H HD11 . LEU A 1 2  ? -9.125  -4.032 2.689   1.00 5.80 ? 2  LEU A HD11 3  
ATOM 415  H HD12 . LEU A 1 2  ? -8.889  -2.712 3.834   1.00 5.60 ? 2  LEU A HD12 3  
ATOM 416  H HD13 . LEU A 1 2  ? -7.742  -4.052 3.786   1.00 5.66 ? 2  LEU A HD13 3  
ATOM 417  H HD21 . LEU A 1 2  ? -9.201  -2.515 0.797   1.00 4.59 ? 2  LEU A HD21 3  
ATOM 418  H HD22 . LEU A 1 2  ? -7.870  -1.408 0.462   1.00 4.51 ? 2  LEU A HD22 3  
ATOM 419  H HD23 . LEU A 1 2  ? -8.959  -1.092 1.813   1.00 4.55 ? 2  LEU A HD23 3  
ATOM 420  N N    . VAL A 1 3  ? -4.988  1.316  2.214   1.00 1.81 ? 3  VAL A N    3  
ATOM 421  C CA   . VAL A 1 3  ? -4.337  2.473  2.827   1.00 1.16 ? 3  VAL A CA   3  
ATOM 422  C C    . VAL A 1 3  ? -2.821  2.407  2.612   1.00 0.79 ? 3  VAL A C    3  
ATOM 423  O O    . VAL A 1 3  ? -2.202  1.366  2.846   1.00 1.09 ? 3  VAL A O    3  
ATOM 424  C CB   . VAL A 1 3  ? -4.655  2.582  4.341   1.00 1.42 ? 3  VAL A CB   3  
ATOM 425  C CG1  . VAL A 1 3  ? -3.933  3.763  4.975   1.00 2.24 ? 3  VAL A CG1  3  
ATOM 426  C CG2  . VAL A 1 3  ? -6.156  2.703  4.564   1.00 2.32 ? 3  VAL A CG2  3  
ATOM 427  H H    . VAL A 1 3  ? -5.515  1.450  1.399   1.00 1.94 ? 3  VAL A H    3  
ATOM 428  H HA   . VAL A 1 3  ? -4.718  3.355  2.337   1.00 1.58 ? 3  VAL A HA   3  
ATOM 429  H HB   . VAL A 1 3  ? -4.313  1.679  4.827   1.00 1.60 ? 3  VAL A HB   3  
ATOM 430  H HG11 . VAL A 1 3  ? -4.162  3.802  6.028   1.00 2.90 ? 3  VAL A HG11 3  
ATOM 431  H HG12 . VAL A 1 3  ? -4.255  4.678  4.502   1.00 2.68 ? 3  VAL A HG12 3  
ATOM 432  H HG13 . VAL A 1 3  ? -2.866  3.645  4.842   1.00 2.49 ? 3  VAL A HG13 3  
ATOM 433  H HG21 . VAL A 1 3  ? -6.652  1.842  4.139   1.00 2.79 ? 3  VAL A HG21 3  
ATOM 434  H HG22 . VAL A 1 3  ? -6.520  3.601  4.089   1.00 2.64 ? 3  VAL A HG22 3  
ATOM 435  H HG23 . VAL A 1 3  ? -6.360  2.747  5.624   1.00 2.92 ? 3  VAL A HG23 3  
ATOM 436  N N    . PRO A 1 4  ? -2.206  3.504  2.134   1.00 1.19 ? 4  PRO A N    3  
ATOM 437  C CA   . PRO A 1 4  ? -0.760  3.554  1.873   1.00 1.55 ? 4  PRO A CA   3  
ATOM 438  C C    . PRO A 1 4  ? 0.073   3.344  3.137   1.00 1.20 ? 4  PRO A C    3  
ATOM 439  O O    . PRO A 1 4  ? 0.521   4.301  3.774   1.00 1.69 ? 4  PRO A O    3  
ATOM 440  C CB   . PRO A 1 4  ? -0.529  4.962  1.314   1.00 2.47 ? 4  PRO A CB   3  
ATOM 441  C CG   . PRO A 1 4  ? -1.872  5.446  0.888   1.00 2.67 ? 4  PRO A CG   3  
ATOM 442  C CD   . PRO A 1 4  ? -2.865  4.778  1.794   1.00 1.97 ? 4  PRO A CD   3  
ATOM 443  H HA   . PRO A 1 4  ? -0.477  2.815  1.135   1.00 1.82 ? 4  PRO A HA   3  
ATOM 444  H HB2  . PRO A 1 4  ? -0.109  5.590  2.086   1.00 2.71 ? 4  PRO A HB2  3  
ATOM 445  H HB3  . PRO A 1 4  ? 0.154   4.910  0.478   1.00 2.93 ? 4  PRO A HB3  3  
ATOM 446  H HG2  . PRO A 1 4  ? -1.927  6.519  1.000   1.00 3.01 ? 4  PRO A HG2  3  
ATOM 447  H HG3  . PRO A 1 4  ? -2.055  5.167  -0.138  1.00 3.21 ? 4  PRO A HG3  3  
ATOM 448  H HD2  . PRO A 1 4  ? -3.035  5.375  2.677   1.00 2.08 ? 4  PRO A HD2  3  
ATOM 449  H HD3  . PRO A 1 4  ? -3.792  4.604  1.269   1.00 2.24 ? 4  PRO A HD3  3  
ATOM 450  N N    . SER A 1 5  ? 0.266   2.085  3.489   1.00 0.70 ? 5  SER A N    3  
ATOM 451  C CA   . SER A 1 5  ? 1.034   1.708  4.658   1.00 1.12 ? 5  SER A CA   3  
ATOM 452  C C    . SER A 1 5  ? 1.646   0.329  4.445   1.00 0.92 ? 5  SER A C    3  
ATOM 453  O O    . SER A 1 5  ? 1.039   -0.530 3.795   1.00 1.52 ? 5  SER A O    3  
ATOM 454  C CB   . SER A 1 5  ? 0.132   1.718  5.896   1.00 1.85 ? 5  SER A CB   3  
ATOM 455  O OG   . SER A 1 5  ? -1.123  1.118  5.610   1.00 2.58 ? 5  SER A OG   3  
ATOM 456  H H    . SER A 1 5  ? -0.130  1.375  2.939   1.00 0.56 ? 5  SER A H    3  
ATOM 457  H HA   . SER A 1 5  ? 1.825   2.430  4.787   1.00 1.51 ? 5  SER A HA   3  
ATOM 458  H HB2  . SER A 1 5  ? 0.609   1.165  6.691   1.00 2.27 ? 5  SER A HB2  3  
ATOM 459  H HB3  . SER A 1 5  ? -0.033  2.738  6.211   1.00 2.17 ? 5  SER A HB3  3  
ATOM 460  H HG   . SER A 1 5  ? -1.418  1.400  4.734   1.00 3.02 ? 5  SER A HG   3  
ATOM 461  N N    . GLY A 1 6  ? 2.849   0.126  4.962   1.00 0.53 ? 6  GLY A N    3  
ATOM 462  C CA   . GLY A 1 6  ? 3.534   -1.135 4.767   1.00 0.54 ? 6  GLY A CA   3  
ATOM 463  C C    . GLY A 1 6  ? 4.106   -1.251 3.368   1.00 0.40 ? 6  GLY A C    3  
ATOM 464  O O    . GLY A 1 6  ? 3.983   -0.320 2.572   1.00 0.40 ? 6  GLY A O    3  
ATOM 465  H H    . GLY A 1 6  ? 3.282   0.845  5.475   1.00 0.88 ? 6  GLY A H    3  
ATOM 466  H HA2  . GLY A 1 6  ? 4.336   -1.218 5.484   1.00 0.76 ? 6  GLY A HA2  3  
ATOM 467  H HA3  . GLY A 1 6  ? 2.836   -1.943 4.925   1.00 0.74 ? 6  GLY A HA3  3  
ATOM 468  N N    . PRO A 1 7  ? 4.747   -2.374 3.032   1.00 0.49 ? 7  PRO A N    3  
ATOM 469  C CA   . PRO A 1 7  ? 5.316   -2.574 1.709   1.00 0.53 ? 7  PRO A CA   3  
ATOM 470  C C    . PRO A 1 7  ? 4.302   -3.109 0.715   1.00 0.57 ? 7  PRO A C    3  
ATOM 471  O O    . PRO A 1 7  ? 3.428   -3.907 1.067   1.00 0.78 ? 7  PRO A O    3  
ATOM 472  C CB   . PRO A 1 7  ? 6.422   -3.594 1.969   1.00 0.79 ? 7  PRO A CB   3  
ATOM 473  C CG   . PRO A 1 7  ? 5.921   -4.412 3.116   1.00 0.90 ? 7  PRO A CG   3  
ATOM 474  C CD   . PRO A 1 7  ? 4.986   -3.529 3.913   1.00 0.71 ? 7  PRO A CD   3  
ATOM 475  H HA   . PRO A 1 7  ? 5.734   -1.661 1.317   1.00 0.59 ? 7  PRO A HA   3  
ATOM 476  H HB2  . PRO A 1 7  ? 6.572   -4.200 1.087   1.00 0.88 ? 7  PRO A HB2  3  
ATOM 477  H HB3  . PRO A 1 7  ? 7.337   -3.081 2.222   1.00 0.90 ? 7  PRO A HB3  3  
ATOM 478  H HG2  . PRO A 1 7  ? 5.388   -5.274 2.743   1.00 1.01 ? 7  PRO A HG2  3  
ATOM 479  H HG3  . PRO A 1 7  ? 6.753   -4.725 3.730   1.00 1.11 ? 7  PRO A HG3  3  
ATOM 480  H HD2  . PRO A 1 7  ? 4.063   -4.048 4.122   1.00 0.78 ? 7  PRO A HD2  3  
ATOM 481  H HD3  . PRO A 1 7  ? 5.458   -3.217 4.833   1.00 0.82 ? 7  PRO A HD3  3  
ATOM 482  N N    . ASN A 1 8  ? 4.438   -2.659 -0.528  1.00 0.65 ? 8  ASN A N    3  
ATOM 483  C CA   . ASN A 1 8  ? 3.494   -2.983 -1.595  1.00 0.83 ? 8  ASN A CA   3  
ATOM 484  C C    . ASN A 1 8  ? 2.052   -2.748 -1.141  1.00 0.79 ? 8  ASN A C    3  
ATOM 485  O O    . ASN A 1 8  ? 1.245   -3.680 -1.118  1.00 1.02 ? 8  ASN A O    3  
ATOM 486  C CB   . ASN A 1 8  ? 3.674   -4.435 -2.058  1.00 1.11 ? 8  ASN A CB   3  
ATOM 487  C CG   . ASN A 1 8  ? 5.067   -4.712 -2.587  1.00 1.84 ? 8  ASN A CG   3  
ATOM 488  O OD1  . ASN A 1 8  ? 5.973   -5.053 -1.827  1.00 2.65 ? 8  ASN A OD1  3  
ATOM 489  N ND2  . ASN A 1 8  ? 5.248   -4.582 -3.892  1.00 2.25 ? 8  ASN A ND2  3  
ATOM 490  H H    . ASN A 1 8  ? 5.204   -2.082 -0.737  1.00 0.75 ? 8  ASN A H    3  
ATOM 491  H HA   . ASN A 1 8  ? 3.703   -2.327 -2.425  1.00 0.94 ? 8  ASN A HA   3  
ATOM 492  H HB2  . ASN A 1 8  ? 3.490   -5.095 -1.224  1.00 1.18 ? 8  ASN A HB2  3  
ATOM 493  H HB3  . ASN A 1 8  ? 2.960   -4.647 -2.842  1.00 1.43 ? 8  ASN A HB3  3  
ATOM 494  H HD21 . ASN A 1 8  ? 4.481   -4.319 -4.445  1.00 2.35 ? 8  ASN A HD21 3  
ATOM 495  H HD22 . ASN A 1 8  ? 6.144   -4.753 -4.253  1.00 2.84 ? 8  ASN A HD22 3  
ATOM 496  N N    . PRO A 1 9  ? 1.720   -1.504 -0.737  1.00 0.71 ? 9  PRO A N    3  
ATOM 497  C CA   . PRO A 1 9  ? 0.354   -1.136 -0.337  1.00 0.86 ? 9  PRO A CA   3  
ATOM 498  C C    . PRO A 1 9  ? -0.651  -1.264 -1.485  1.00 0.96 ? 9  PRO A C    3  
ATOM 499  O O    . PRO A 1 9  ? -0.460  -2.050 -2.411  1.00 1.99 ? 9  PRO A O    3  
ATOM 500  C CB   . PRO A 1 9  ? 0.478   0.334  0.089   1.00 0.94 ? 9  PRO A CB   3  
ATOM 501  C CG   . PRO A 1 9  ? 1.931   0.562  0.321   1.00 0.91 ? 9  PRO A CG   3  
ATOM 502  C CD   . PRO A 1 9  ? 2.654   -0.370 -0.606  1.00 0.73 ? 9  PRO A CD   3  
ATOM 503  H HA   . PRO A 1 9  ? 0.018   -1.728 0.500   1.00 1.10 ? 9  PRO A HA   3  
ATOM 504  H HB2  . PRO A 1 9  ? 0.102   0.968  -0.700  1.00 1.09 ? 9  PRO A HB2  3  
ATOM 505  H HB3  . PRO A 1 9  ? -0.094  0.498  0.989   1.00 1.15 ? 9  PRO A HB3  3  
ATOM 506  H HG2  . PRO A 1 9  ? 2.183   1.587  0.093   1.00 1.17 ? 9  PRO A HG2  3  
ATOM 507  H HG3  . PRO A 1 9  ? 2.178   0.335  1.348   1.00 1.07 ? 9  PRO A HG3  3  
ATOM 508  H HD2  . PRO A 1 9  ? 2.826   0.104  -1.562  1.00 0.81 ? 9  PRO A HD2  3  
ATOM 509  H HD3  . PRO A 1 9  ? 3.596   -0.695 -0.162  1.00 0.83 ? 9  PRO A HD3  3  
ATOM 510  N N    . LEU A 1 10 ? -1.733  -0.491 -1.415  1.00 0.60 ? 10 LEU A N    3  
ATOM 511  C CA   . LEU A 1 10 ? -2.733  -0.479 -2.480  1.00 0.59 ? 10 LEU A CA   3  
ATOM 512  C C    . LEU A 1 10 ? -2.076  -0.118 -3.811  1.00 0.53 ? 10 LEU A C    3  
ATOM 513  O O    . LEU A 1 10 ? -2.420  -0.663 -4.864  1.00 0.85 ? 10 LEU A O    3  
ATOM 514  C CB   . LEU A 1 10 ? -3.850  0.517  -2.146  1.00 0.85 ? 10 LEU A CB   3  
ATOM 515  C CG   . LEU A 1 10 ? -4.954  0.643  -3.202  1.00 1.22 ? 10 LEU A CG   3  
ATOM 516  C CD1  . LEU A 1 10 ? -5.663  -0.688 -3.404  1.00 1.94 ? 10 LEU A CD1  3  
ATOM 517  C CD2  . LEU A 1 10 ? -5.946  1.721  -2.800  1.00 1.97 ? 10 LEU A CD2  3  
ATOM 518  H H    . LEU A 1 10 ? -1.856  0.085  -0.634  1.00 1.27 ? 10 LEU A H    3  
ATOM 519  H HA   . LEU A 1 10 ? -3.151  -1.470 -2.556  1.00 0.83 ? 10 LEU A HA   3  
ATOM 520  H HB2  . LEU A 1 10 ? -4.304  0.215  -1.212  1.00 1.26 ? 10 LEU A HB2  3  
ATOM 521  H HB3  . LEU A 1 10 ? -3.404  1.489  -2.010  1.00 1.29 ? 10 LEU A HB3  3  
ATOM 522  H HG   . LEU A 1 10 ? -4.509  0.931  -4.143  1.00 1.74 ? 10 LEU A HG   3  
ATOM 523  H HD11 . LEU A 1 10 ? -6.455  -0.566 -4.130  1.00 2.49 ? 10 LEU A HD11 3  
ATOM 524  H HD12 . LEU A 1 10 ? -6.082  -1.020 -2.466  1.00 2.46 ? 10 LEU A HD12 3  
ATOM 525  H HD13 . LEU A 1 10 ? -4.957  -1.423 -3.763  1.00 2.22 ? 10 LEU A HD13 3  
ATOM 526  H HD21 . LEU A 1 10 ? -6.385  1.468  -1.848  1.00 2.55 ? 10 LEU A HD21 3  
ATOM 527  H HD22 . LEU A 1 10 ? -6.722  1.790  -3.547  1.00 2.60 ? 10 LEU A HD22 3  
ATOM 528  H HD23 . LEU A 1 10 ? -5.435  2.669  -2.722  1.00 2.11 ? 10 LEU A HD23 3  
ATOM 529  N N    . HIS A 1 11 ? -1.122  0.796  -3.747  1.00 0.78 ? 11 HIS A N    3  
ATOM 530  C CA   . HIS A 1 11 ? -0.340  1.177  -4.908  1.00 1.07 ? 11 HIS A CA   3  
ATOM 531  C C    . HIS A 1 11 ? 0.909   0.307  -4.996  1.00 1.13 ? 11 HIS A C    3  
ATOM 532  O O    . HIS A 1 11 ? 1.921   0.594  -4.356  1.00 1.78 ? 11 HIS A O    3  
ATOM 533  C CB   . HIS A 1 11 ? 0.046   2.658  -4.816  1.00 1.65 ? 11 HIS A CB   3  
ATOM 534  C CG   . HIS A 1 11 ? 0.794   3.175  -6.007  1.00 2.27 ? 11 HIS A CG   3  
ATOM 535  N ND1  . HIS A 1 11 ? 0.178   3.789  -7.075  1.00 2.69 ? 11 HIS A ND1  3  
ATOM 536  C CD2  . HIS A 1 11 ? 2.120   3.182  -6.290  1.00 3.00 ? 11 HIS A CD2  3  
ATOM 537  C CE1  . HIS A 1 11 ? 1.088   4.149  -7.957  1.00 3.39 ? 11 HIS A CE1  3  
ATOM 538  N NE2  . HIS A 1 11 ? 2.273   3.792  -7.505  1.00 3.63 ? 11 HIS A NE2  3  
ATOM 539  H H    . HIS A 1 11 ? -0.936  1.226  -2.886  1.00 1.05 ? 11 HIS A H    3  
ATOM 540  H HA   . HIS A 1 11 ? -0.945  1.019  -5.790  1.00 1.20 ? 11 HIS A HA   3  
ATOM 541  H HB2  . HIS A 1 11 ? -0.850  3.249  -4.713  1.00 1.91 ? 11 HIS A HB2  3  
ATOM 542  H HB3  . HIS A 1 11 ? 0.668   2.804  -3.945  1.00 1.93 ? 11 HIS A HB3  3  
ATOM 543  H HD1  . HIS A 1 11 ? -0.789  3.938  -7.173  1.00 2.76 ? 11 HIS A HD1  3  
ATOM 544  H HD2  . HIS A 1 11 ? 2.908   2.779  -5.670  1.00 3.30 ? 11 HIS A HD2  3  
ATOM 545  H HE1  . HIS A 1 11 ? 0.895   4.649  -8.892  1.00 3.91 ? 11 HIS A HE1  3  
ATOM 546  H HE2  . HIS A 1 11 ? 3.115   3.861  -8.009  1.00 4.29 ? 11 HIS A HE2  3  
ATOM 547  N N    . ASN A 1 12 ? 0.830   -0.758 -5.776  1.00 1.22 ? 12 ASN A N    3  
ATOM 548  C CA   . ASN A 1 12 ? 1.959   -1.665 -5.950  1.00 1.61 ? 12 ASN A CA   3  
ATOM 549  C C    . ASN A 1 12 ? 2.354   -1.770 -7.423  1.00 2.36 ? 12 ASN A C    3  
ATOM 550  O O    . ASN A 1 12 ? 1.859   -2.676 -8.127  1.00 2.92 ? 12 ASN A O    3  
ATOM 551  C CB   . ASN A 1 12 ? 1.659   -3.057 -5.350  1.00 1.56 ? 12 ASN A CB   3  
ATOM 552  C CG   . ASN A 1 12 ? 0.250   -3.582 -5.620  1.00 2.33 ? 12 ASN A CG   3  
ATOM 553  O OD1  . ASN A 1 12 ? -0.309  -4.316 -4.805  1.00 2.99 ? 12 ASN A OD1  3  
ATOM 554  N ND2  . ASN A 1 12 ? -0.326  -3.244 -6.766  1.00 2.95 ? 12 ASN A ND2  3  
ATOM 555  O OXT  . ASN A 1 12 ? 3.155   -0.927 -7.877  1.00 2.95 ? 12 ASN A OXT  3  
ATOM 556  H H    . ASN A 1 12 ? -0.008  -0.941 -6.257  1.00 1.55 ? 12 ASN A H    3  
ATOM 557  H HA   . ASN A 1 12 ? 2.792   -1.237 -5.413  1.00 2.01 ? 12 ASN A HA   3  
ATOM 558  H HB2  . ASN A 1 12 ? 2.360   -3.766 -5.761  1.00 1.71 ? 12 ASN A HB2  3  
ATOM 559  H HB3  . ASN A 1 12 ? 1.801   -3.009 -4.279  1.00 1.76 ? 12 ASN A HB3  3  
ATOM 560  H HD21 . ASN A 1 12 ? 0.183   -2.675 -7.390  1.00 3.02 ? 12 ASN A HD21 3  
ATOM 561  H HD22 . ASN A 1 12 ? -1.235  -3.563 -6.939  1.00 3.64 ? 12 ASN A HD22 3  
ATOM 562  N N    . ARG A 1 1  ? -5.001  -4.769 0.712   1.00 5.33 ? 1  ARG A N    4  
ATOM 563  C CA   . ARG A 1 1  ? -4.544  -3.589 -0.059  1.00 4.32 ? 1  ARG A CA   4  
ATOM 564  C C    . ARG A 1 1  ? -5.541  -2.447 0.076   1.00 4.18 ? 1  ARG A C    4  
ATOM 565  O O    . ARG A 1 1  ? -6.578  -2.429 -0.584  1.00 4.74 ? 1  ARG A O    4  
ATOM 566  C CB   . ARG A 1 1  ? -4.355  -3.956 -1.533  1.00 4.91 ? 1  ARG A CB   4  
ATOM 567  C CG   . ARG A 1 1  ? -3.187  -4.895 -1.776  1.00 5.44 ? 1  ARG A CG   4  
ATOM 568  C CD   . ARG A 1 1  ? -3.048  -5.253 -3.246  1.00 6.11 ? 1  ARG A CD   4  
ATOM 569  N NE   . ARG A 1 1  ? -2.744  -4.089 -4.075  1.00 6.79 ? 1  ARG A NE   4  
ATOM 570  C CZ   . ARG A 1 1  ? -3.538  -3.633 -5.048  1.00 7.57 ? 1  ARG A CZ   4  
ATOM 571  N NH1  . ARG A 1 1  ? -4.709  -4.214 -5.287  1.00 7.74 ? 1  ARG A NH1  4  
ATOM 572  N NH2  . ARG A 1 1  ? -3.160  -2.593 -5.776  1.00 8.39 ? 1  ARG A NH2  4  
ATOM 573  H H1   . ARG A 1 1  ? -5.101  -4.521 1.717   1.00 5.64 ? 1  ARG A H1   4  
ATOM 574  H H2   . ARG A 1 1  ? -4.315  -5.543 0.627   1.00 5.52 ? 1  ARG A H2   4  
ATOM 575  H H3   . ARG A 1 1  ? -5.922  -5.096 0.355   1.00 5.84 ? 1  ARG A H3   4  
ATOM 576  H HA   . ARG A 1 1  ? -3.596  -3.263 0.347   1.00 3.50 ? 1  ARG A HA   4  
ATOM 577  H HB2  . ARG A 1 1  ? -5.249  -4.443 -1.885  1.00 5.22 ? 1  ARG A HB2  4  
ATOM 578  H HB3  . ARG A 1 1  ? -4.194  -3.056 -2.103  1.00 5.06 ? 1  ARG A HB3  4  
ATOM 579  H HG2  . ARG A 1 1  ? -2.276  -4.419 -1.443  1.00 5.55 ? 1  ARG A HG2  4  
ATOM 580  H HG3  . ARG A 1 1  ? -3.353  -5.796 -1.209  1.00 5.58 ? 1  ARG A HG3  4  
ATOM 581  H HD2  . ARG A 1 1  ? -2.252  -5.974 -3.350  1.00 6.23 ? 1  ARG A HD2  4  
ATOM 582  H HD3  . ARG A 1 1  ? -3.974  -5.693 -3.583  1.00 6.31 ? 1  ARG A HD3  4  
ATOM 583  H HE   . ARG A 1 1  ? -1.883  -3.633 -3.913  1.00 6.86 ? 1  ARG A HE   4  
ATOM 584  H HH11 . ARG A 1 1  ? -5.005  -4.998 -4.740  1.00 7.33 ? 1  ARG A HH11 4  
ATOM 585  H HH12 . ARG A 1 1  ? -5.305  -3.867 -6.016  1.00 8.43 ? 1  ARG A HH12 4  
ATOM 586  H HH21 . ARG A 1 1  ? -2.274  -2.149 -5.600  1.00 8.47 ? 1  ARG A HH21 4  
ATOM 587  H HH22 . ARG A 1 1  ? -3.756  -2.238 -6.502  1.00 9.05 ? 1  ARG A HH22 4  
ATOM 588  N N    . LEU A 1 2  ? -5.201  -1.497 0.932   1.00 3.65 ? 2  LEU A N    4  
ATOM 589  C CA   . LEU A 1 2  ? -6.055  -0.363 1.239   1.00 3.53 ? 2  LEU A CA   4  
ATOM 590  C C    . LEU A 1 2  ? -5.263  0.650  2.056   1.00 2.73 ? 2  LEU A C    4  
ATOM 591  O O    . LEU A 1 2  ? -4.757  0.314  3.128   1.00 3.21 ? 2  LEU A O    4  
ATOM 592  C CB   . LEU A 1 2  ? -7.293  -0.823 2.016   1.00 3.90 ? 2  LEU A CB   4  
ATOM 593  C CG   . LEU A 1 2  ? -8.294  0.275  2.386   1.00 4.38 ? 2  LEU A CG   4  
ATOM 594  C CD1  . LEU A 1 2  ? -8.807  0.982  1.143   1.00 5.35 ? 2  LEU A CD1  4  
ATOM 595  C CD2  . LEU A 1 2  ? -9.453  -0.311 3.180   1.00 4.39 ? 2  LEU A CD2  4  
ATOM 596  H H    . LEU A 1 2  ? -4.329  -1.550 1.371   1.00 3.54 ? 2  LEU A H    4  
ATOM 597  H HA   . LEU A 1 2  ? -6.359  0.094  0.312   1.00 3.89 ? 2  LEU A HA   4  
ATOM 598  H HB2  . LEU A 1 2  ? -7.809  -1.561 1.421   1.00 4.43 ? 2  LEU A HB2  4  
ATOM 599  H HB3  . LEU A 1 2  ? -6.959  -1.293 2.928   1.00 3.67 ? 2  LEU A HB3  4  
ATOM 600  H HG   . LEU A 1 2  ? -7.801  1.009  3.008   1.00 4.45 ? 2  LEU A HG   4  
ATOM 601  H HD11 . LEU A 1 2  ? -9.526  1.735  1.425   1.00 5.80 ? 2  LEU A HD11 4  
ATOM 602  H HD12 . LEU A 1 2  ? -9.278  0.262  0.489   1.00 5.60 ? 2  LEU A HD12 4  
ATOM 603  H HD13 . LEU A 1 2  ? -7.981  1.450  0.626   1.00 5.66 ? 2  LEU A HD13 4  
ATOM 604  H HD21 . LEU A 1 2  ? -9.078  -0.752 4.093   1.00 4.59 ? 2  LEU A HD21 4  
ATOM 605  H HD22 . LEU A 1 2  ? -9.945  -1.070 2.590   1.00 4.51 ? 2  LEU A HD22 4  
ATOM 606  H HD23 . LEU A 1 2  ? -10.158 0.471  3.420   1.00 4.55 ? 2  LEU A HD23 4  
ATOM 607  N N    . VAL A 1 3  ? -5.136  1.869  1.529   1.00 1.81 ? 3  VAL A N    4  
ATOM 608  C CA   . VAL A 1 3  ? -4.390  2.944  2.189   1.00 1.16 ? 3  VAL A CA   4  
ATOM 609  C C    . VAL A 1 3  ? -2.880  2.693  2.103   1.00 0.79 ? 3  VAL A C    4  
ATOM 610  O O    . VAL A 1 3  ? -2.411  1.581  2.350   1.00 1.09 ? 3  VAL A O    4  
ATOM 611  C CB   . VAL A 1 3  ? -4.827  3.113  3.668   1.00 1.42 ? 3  VAL A CB   4  
ATOM 612  C CG1  . VAL A 1 3  ? -3.956  4.124  4.398   1.00 2.24 ? 3  VAL A CG1  4  
ATOM 613  C CG2  . VAL A 1 3  ? -6.287  3.533  3.744   1.00 2.32 ? 3  VAL A CG2  4  
ATOM 614  H H    . VAL A 1 3  ? -5.555  2.054  0.663   1.00 1.94 ? 3  VAL A H    4  
ATOM 615  H HA   . VAL A 1 3  ? -4.618  3.858  1.664   1.00 1.58 ? 3  VAL A HA   4  
ATOM 616  H HB   . VAL A 1 3  ? -4.726  2.159  4.164   1.00 1.60 ? 3  VAL A HB   4  
ATOM 617  H HG11 . VAL A 1 3  ? -4.082  5.098  3.951   1.00 2.90 ? 3  VAL A HG11 4  
ATOM 618  H HG12 . VAL A 1 3  ? -2.921  3.825  4.324   1.00 2.68 ? 3  VAL A HG12 4  
ATOM 619  H HG13 . VAL A 1 3  ? -4.245  4.164  5.438   1.00 2.49 ? 3  VAL A HG13 4  
ATOM 620  H HG21 . VAL A 1 3  ? -6.898  2.801  3.240   1.00 2.79 ? 3  VAL A HG21 4  
ATOM 621  H HG22 . VAL A 1 3  ? -6.409  4.495  3.266   1.00 2.64 ? 3  VAL A HG22 4  
ATOM 622  H HG23 . VAL A 1 3  ? -6.588  3.605  4.778   1.00 2.92 ? 3  VAL A HG23 4  
ATOM 623  N N    . PRO A 1 4  ? -2.096  3.723  1.722   1.00 1.19 ? 4  PRO A N    4  
ATOM 624  C CA   . PRO A 1 4  ? -0.635  3.610  1.590   1.00 1.55 ? 4  PRO A CA   4  
ATOM 625  C C    . PRO A 1 4  ? 0.053   3.326  2.924   1.00 1.20 ? 4  PRO A C    4  
ATOM 626  O O    . PRO A 1 4  ? 0.491   4.242  3.623   1.00 1.69 ? 4  PRO A O    4  
ATOM 627  C CB   . PRO A 1 4  ? -0.214  4.980  1.045   1.00 2.47 ? 4  PRO A CB   4  
ATOM 628  C CG   . PRO A 1 4  ? -1.316  5.901  1.435   1.00 2.67 ? 4  PRO A CG   4  
ATOM 629  C CD   . PRO A 1 4  ? -2.570  5.079  1.387   1.00 1.97 ? 4  PRO A CD   4  
ATOM 630  H HA   . PRO A 1 4  ? -0.365  2.841  0.882   1.00 1.82 ? 4  PRO A HA   4  
ATOM 631  H HB2  . PRO A 1 4  ? 0.724   5.274  1.493   1.00 2.71 ? 4  PRO A HB2  4  
ATOM 632  H HB3  . PRO A 1 4  ? -0.106  4.926  -0.028  1.00 2.93 ? 4  PRO A HB3  4  
ATOM 633  H HG2  . PRO A 1 4  ? -1.148  6.273  2.436   1.00 3.01 ? 4  PRO A HG2  4  
ATOM 634  H HG3  . PRO A 1 4  ? -1.377  6.720  0.736   1.00 3.21 ? 4  PRO A HG3  4  
ATOM 635  H HD2  . PRO A 1 4  ? -3.282  5.433  2.118   1.00 2.08 ? 4  PRO A HD2  4  
ATOM 636  H HD3  . PRO A 1 4  ? -3.000  5.103  0.397   1.00 2.24 ? 4  PRO A HD3  4  
ATOM 637  N N    . SER A 1 5  ? 0.136   2.055  3.272   1.00 0.70 ? 5  SER A N    4  
ATOM 638  C CA   . SER A 1 5  ? 0.778   1.636  4.502   1.00 1.12 ? 5  SER A CA   4  
ATOM 639  C C    . SER A 1 5  ? 1.431   0.276  4.302   1.00 0.92 ? 5  SER A C    4  
ATOM 640  O O    . SER A 1 5  ? 0.766   -0.691 3.925   1.00 1.52 ? 5  SER A O    4  
ATOM 641  C CB   . SER A 1 5  ? -0.250  1.573  5.635   1.00 1.85 ? 5  SER A CB   4  
ATOM 642  O OG   . SER A 1 5  ? 0.377   1.374  6.890   1.00 2.58 ? 5  SER A OG   4  
ATOM 643  H H    . SER A 1 5  ? -0.256  1.372  2.688   1.00 0.56 ? 5  SER A H    4  
ATOM 644  H HA   . SER A 1 5  ? 1.538   2.364  4.748   1.00 1.51 ? 5  SER A HA   4  
ATOM 645  H HB2  . SER A 1 5  ? -0.804  2.501  5.667   1.00 2.27 ? 5  SER A HB2  4  
ATOM 646  H HB3  . SER A 1 5  ? -0.933  0.756  5.452   1.00 2.17 ? 5  SER A HB3  4  
ATOM 647  H HG   . SER A 1 5  ? 0.169   0.489  7.215   1.00 3.02 ? 5  SER A HG   4  
ATOM 648  N N    . GLY A 1 6  ? 2.732   0.213  4.532   1.00 0.53 ? 6  GLY A N    4  
ATOM 649  C CA   . GLY A 1 6  ? 3.457   -1.027 4.359   1.00 0.54 ? 6  GLY A CA   4  
ATOM 650  C C    . GLY A 1 6  ? 4.047   -1.145 2.969   1.00 0.40 ? 6  GLY A C    4  
ATOM 651  O O    . GLY A 1 6  ? 3.807   -0.282 2.123   1.00 0.40 ? 6  GLY A O    4  
ATOM 652  H H    . GLY A 1 6  ? 3.210   1.021  4.813   1.00 0.88 ? 6  GLY A H    4  
ATOM 653  H HA2  . GLY A 1 6  ? 4.255   -1.070 5.085   1.00 0.76 ? 6  GLY A HA2  4  
ATOM 654  H HA3  . GLY A 1 6  ? 2.784   -1.856 4.525   1.00 0.74 ? 6  GLY A HA3  4  
ATOM 655  N N    . PRO A 1 7  ? 4.838   -2.188 2.706   1.00 0.49 ? 7  PRO A N    4  
ATOM 656  C CA   . PRO A 1 7  ? 5.434   -2.406 1.399   1.00 0.53 ? 7  PRO A CA   4  
ATOM 657  C C    . PRO A 1 7  ? 4.520   -3.189 0.467   1.00 0.57 ? 7  PRO A C    4  
ATOM 658  O O    . PRO A 1 7  ? 3.897   -4.180 0.862   1.00 0.78 ? 7  PRO A O    4  
ATOM 659  C CB   . PRO A 1 7  ? 6.703   -3.186 1.725   1.00 0.79 ? 7  PRO A CB   4  
ATOM 660  C CG   . PRO A 1 7  ? 6.408   -3.919 3.001   1.00 0.90 ? 7  PRO A CG   4  
ATOM 661  C CD   . PRO A 1 7  ? 5.234   -3.233 3.665   1.00 0.71 ? 7  PRO A CD   4  
ATOM 662  H HA   . PRO A 1 7  ? 5.686   -1.467 0.926   1.00 0.59 ? 7  PRO A HA   4  
ATOM 663  H HB2  . PRO A 1 7  ? 6.920   -3.871 0.919   1.00 0.88 ? 7  PRO A HB2  4  
ATOM 664  H HB3  . PRO A 1 7  ? 7.526   -2.500 1.849   1.00 0.90 ? 7  PRO A HB3  4  
ATOM 665  H HG2  . PRO A 1 7  ? 6.158   -4.945 2.780   1.00 1.01 ? 7  PRO A HG2  4  
ATOM 666  H HG3  . PRO A 1 7  ? 7.273   -3.882 3.647   1.00 1.11 ? 7  PRO A HG3  4  
ATOM 667  H HD2  . PRO A 1 7  ? 4.427   -3.935 3.820   1.00 0.78 ? 7  PRO A HD2  4  
ATOM 668  H HD3  . PRO A 1 7  ? 5.537   -2.797 4.606   1.00 0.82 ? 7  PRO A HD3  4  
ATOM 669  N N    . ASN A 1 8  ? 4.479   -2.738 -0.781  1.00 0.65 ? 8  ASN A N    4  
ATOM 670  C CA   . ASN A 1 8  ? 3.511   -3.211 -1.769  1.00 0.83 ? 8  ASN A CA   4  
ATOM 671  C C    . ASN A 1 8  ? 2.095   -3.191 -1.201  1.00 0.79 ? 8  ASN A C    4  
ATOM 672  O O    . ASN A 1 8  ? 1.428   -4.225 -1.125  1.00 1.02 ? 8  ASN A O    4  
ATOM 673  C CB   . ASN A 1 8  ? 3.855   -4.608 -2.283  1.00 1.11 ? 8  ASN A CB   4  
ATOM 674  C CG   . ASN A 1 8  ? 5.183   -4.644 -3.012  1.00 1.84 ? 8  ASN A CG   4  
ATOM 675  O OD1  . ASN A 1 8  ? 5.596   -3.657 -3.621  1.00 2.65 ? 8  ASN A OD1  4  
ATOM 676  N ND2  . ASN A 1 8  ? 5.860   -5.780 -2.957  1.00 2.25 ? 8  ASN A ND2  4  
ATOM 677  H H    . ASN A 1 8  ? 5.126   -2.053 -1.052  1.00 0.75 ? 8  ASN A H    4  
ATOM 678  H HA   . ASN A 1 8  ? 3.547   -2.522 -2.599  1.00 0.94 ? 8  ASN A HA   4  
ATOM 679  H HB2  . ASN A 1 8  ? 3.898   -5.295 -1.451  1.00 1.18 ? 8  ASN A HB2  4  
ATOM 680  H HB3  . ASN A 1 8  ? 3.080   -4.923 -2.970  1.00 1.43 ? 8  ASN A HB3  4  
ATOM 681  H HD21 . ASN A 1 8  ? 5.471   -6.529 -2.455  1.00 2.35 ? 8  ASN A HD21 4  
ATOM 682  H HD22 . ASN A 1 8  ? 6.725   -5.825 -3.418  1.00 2.84 ? 8  ASN A HD22 4  
ATOM 683  N N    . PRO A 1 9  ? 1.621   -2.007 -0.776  1.00 0.71 ? 9  PRO A N    4  
ATOM 684  C CA   . PRO A 1 9  ? 0.256   -1.841 -0.282  1.00 0.86 ? 9  PRO A CA   4  
ATOM 685  C C    . PRO A 1 9  ? -0.738  -1.745 -1.438  1.00 0.96 ? 9  PRO A C    4  
ATOM 686  O O    . PRO A 1 9  ? -0.515  -2.322 -2.502  1.00 1.99 ? 9  PRO A O    4  
ATOM 687  C CB   . PRO A 1 9  ? 0.335   -0.520 0.488   1.00 0.94 ? 9  PRO A CB   4  
ATOM 688  C CG   . PRO A 1 9  ? 1.400   0.264  -0.196  1.00 0.91 ? 9  PRO A CG   4  
ATOM 689  C CD   . PRO A 1 9  ? 2.380   -0.737 -0.747  1.00 0.73 ? 9  PRO A CD   4  
ATOM 690  H HA   . PRO A 1 9  ? -0.028  -2.642 0.384   1.00 1.10 ? 9  PRO A HA   4  
ATOM 691  H HB2  . PRO A 1 9  ? -0.619  -0.014 0.436   1.00 1.09 ? 9  PRO A HB2  4  
ATOM 692  H HB3  . PRO A 1 9  ? 0.588   -0.715 1.520   1.00 1.15 ? 9  PRO A HB3  4  
ATOM 693  H HG2  . PRO A 1 9  ? 0.969   0.846  -0.997  1.00 1.17 ? 9  PRO A HG2  4  
ATOM 694  H HG3  . PRO A 1 9  ? 1.890   0.912  0.516   1.00 1.07 ? 9  PRO A HG3  4  
ATOM 695  H HD2  . PRO A 1 9  ? 2.686   -0.452 -1.742  1.00 0.81 ? 9  PRO A HD2  4  
ATOM 696  H HD3  . PRO A 1 9  ? 3.248   -0.824 -0.094  1.00 0.83 ? 9  PRO A HD3  4  
ATOM 697  N N    . LEU A 1 10 ? -1.847  -1.045 -1.228  1.00 0.60 ? 10 LEU A N    4  
ATOM 698  C CA   . LEU A 1 10 ? -2.745  -0.727 -2.331  1.00 0.59 ? 10 LEU A CA   4  
ATOM 699  C C    . LEU A 1 10 ? -1.962  0.032  -3.404  1.00 0.53 ? 10 LEU A C    4  
ATOM 700  O O    . LEU A 1 10 ? -2.125  -0.203 -4.599  1.00 0.85 ? 10 LEU A O    4  
ATOM 701  C CB   . LEU A 1 10 ? -3.951  0.095  -1.836  1.00 0.85 ? 10 LEU A CB   4  
ATOM 702  C CG   . LEU A 1 10 ? -5.126  0.218  -2.825  1.00 1.22 ? 10 LEU A CG   4  
ATOM 703  C CD1  . LEU A 1 10 ? -6.405  0.588  -2.095  1.00 1.94 ? 10 LEU A CD1  4  
ATOM 704  C CD2  . LEU A 1 10 ? -4.837  1.254  -3.901  1.00 1.97 ? 10 LEU A CD2  4  
ATOM 705  H H    . LEU A 1 10 ? -2.076  -0.762 -0.316  1.00 1.27 ? 10 LEU A H    4  
ATOM 706  H HA   . LEU A 1 10 ? -3.095  -1.657 -2.752  1.00 0.83 ? 10 LEU A HA   4  
ATOM 707  H HB2  . LEU A 1 10 ? -4.321  -0.360 -0.922  1.00 1.26 ? 10 LEU A HB2  4  
ATOM 708  H HB3  . LEU A 1 10 ? -3.604  1.091  -1.602  1.00 1.29 ? 10 LEU A HB3  4  
ATOM 709  H HG   . LEU A 1 10 ? -5.282  -0.735 -3.311  1.00 1.74 ? 10 LEU A HG   4  
ATOM 710  H HD11 . LEU A 1 10 ? -6.737  -0.251 -1.505  1.00 2.49 ? 10 LEU A HD11 4  
ATOM 711  H HD12 . LEU A 1 10 ? -7.169  0.849  -2.813  1.00 2.46 ? 10 LEU A HD12 4  
ATOM 712  H HD13 . LEU A 1 10 ? -6.219  1.432  -1.447  1.00 2.22 ? 10 LEU A HD13 4  
ATOM 713  H HD21 . LEU A 1 10 ? -4.680  2.219  -3.441  1.00 2.55 ? 10 LEU A HD21 4  
ATOM 714  H HD22 . LEU A 1 10 ? -5.673  1.312  -4.580  1.00 2.60 ? 10 LEU A HD22 4  
ATOM 715  H HD23 . LEU A 1 10 ? -3.950  0.967  -4.446  1.00 2.11 ? 10 LEU A HD23 4  
ATOM 716  N N    . HIS A 1 11 ? -1.084  0.919  -2.956  1.00 0.78 ? 11 HIS A N    4  
ATOM 717  C CA   . HIS A 1 11 ? -0.209  1.659  -3.854  1.00 1.07 ? 11 HIS A CA   4  
ATOM 718  C C    . HIS A 1 11 ? 1.129   0.936  -4.006  1.00 1.13 ? 11 HIS A C    4  
ATOM 719  O O    . HIS A 1 11 ? 2.174   1.468  -3.635  1.00 1.78 ? 11 HIS A O    4  
ATOM 720  C CB   . HIS A 1 11 ? 0.038   3.077  -3.333  1.00 1.65 ? 11 HIS A CB   4  
ATOM 721  C CG   . HIS A 1 11 ? -1.136  3.997  -3.450  1.00 2.27 ? 11 HIS A CG   4  
ATOM 722  N ND1  . HIS A 1 11 ? -1.108  5.301  -3.008  1.00 2.69 ? 11 HIS A ND1  4  
ATOM 723  C CD2  . HIS A 1 11 ? -2.371  3.807  -3.969  1.00 3.00 ? 11 HIS A CD2  4  
ATOM 724  C CE1  . HIS A 1 11 ? -2.272  5.872  -3.250  1.00 3.39 ? 11 HIS A CE1  4  
ATOM 725  N NE2  . HIS A 1 11 ? -3.056  4.989  -3.832  1.00 3.63 ? 11 HIS A NE2  4  
ATOM 726  H H    . HIS A 1 11 ? -1.015  1.074  -1.992  1.00 1.05 ? 11 HIS A H    4  
ATOM 727  H HA   . HIS A 1 11 ? -0.689  1.714  -4.819  1.00 1.20 ? 11 HIS A HA   4  
ATOM 728  H HB2  . HIS A 1 11 ? 0.309   3.025  -2.289  1.00 1.91 ? 11 HIS A HB2  4  
ATOM 729  H HB3  . HIS A 1 11 ? 0.856   3.513  -3.886  1.00 1.93 ? 11 HIS A HB3  4  
ATOM 730  H HD1  . HIS A 1 11 ? -0.340  5.747  -2.578  1.00 2.76 ? 11 HIS A HD1  4  
ATOM 731  H HD2  . HIS A 1 11 ? -2.748  2.895  -4.407  1.00 3.30 ? 11 HIS A HD2  4  
ATOM 732  H HE1  . HIS A 1 11 ? -2.535  6.891  -3.014  1.00 3.91 ? 11 HIS A HE1  4  
ATOM 733  H HE2  . HIS A 1 11 ? -3.927  5.192  -4.241  1.00 4.29 ? 11 HIS A HE2  4  
ATOM 734  N N    . ASN A 1 12 ? 1.087   -0.282 -4.524  1.00 1.22 ? 12 ASN A N    4  
ATOM 735  C CA   . ASN A 1 12 ? 2.300   -1.061 -4.750  1.00 1.61 ? 12 ASN A CA   4  
ATOM 736  C C    . ASN A 1 12 ? 3.051   -0.540 -5.970  1.00 2.36 ? 12 ASN A C    4  
ATOM 737  O O    . ASN A 1 12 ? 4.231   -0.158 -5.819  1.00 2.92 ? 12 ASN A O    4  
ATOM 738  C CB   . ASN A 1 12 ? 1.980   -2.558 -4.903  1.00 1.56 ? 12 ASN A CB   4  
ATOM 739  C CG   . ASN A 1 12 ? 0.844   -2.827 -5.873  1.00 2.33 ? 12 ASN A CG   4  
ATOM 740  O OD1  . ASN A 1 12 ? -0.330  -2.781 -5.503  1.00 2.99 ? 12 ASN A OD1  4  
ATOM 741  N ND2  . ASN A 1 12 ? 1.181   -3.130 -7.114  1.00 2.95 ? 12 ASN A ND2  4  
ATOM 742  O OXT  . ASN A 1 12 ? 2.450   -0.471 -7.065  1.00 2.95 ? 12 ASN A OXT  4  
ATOM 743  H H    . ASN A 1 12 ? 0.220   -0.668 -4.768  1.00 1.55 ? 12 ASN A H    4  
ATOM 744  H HA   . ASN A 1 12 ? 2.932   -0.931 -3.884  1.00 2.01 ? 12 ASN A HA   4  
ATOM 745  H HB2  . ASN A 1 12 ? 2.859   -3.064 -5.271  1.00 1.71 ? 12 ASN A HB2  4  
ATOM 746  H HB3  . ASN A 1 12 ? 1.716   -2.971 -3.937  1.00 1.76 ? 12 ASN A HB3  4  
ATOM 747  H HD21 . ASN A 1 12 ? 2.134   -3.167 -7.341  1.00 3.02 ? 12 ASN A HD21 4  
ATOM 748  H HD22 . ASN A 1 12 ? 0.462   -3.294 -7.761  1.00 3.64 ? 12 ASN A HD22 4  
ATOM 749  N N    . ARG A 1 1  ? -1.491  4.075  -5.493  1.00 5.33 ? 1  ARG A N    5  
ATOM 750  C CA   . ARG A 1 1  ? -1.186  3.965  -4.048  1.00 4.32 ? 1  ARG A CA   5  
ATOM 751  C C    . ARG A 1 1  ? -2.110  4.874  -3.242  1.00 4.18 ? 1  ARG A C    5  
ATOM 752  O O    . ARG A 1 1  ? -1.925  6.088  -3.192  1.00 4.74 ? 1  ARG A O    5  
ATOM 753  C CB   . ARG A 1 1  ? 0.286   4.311  -3.777  1.00 4.91 ? 1  ARG A CB   5  
ATOM 754  C CG   . ARG A 1 1  ? 0.737   5.625  -4.384  1.00 5.44 ? 1  ARG A CG   5  
ATOM 755  C CD   . ARG A 1 1  ? 2.179   5.939  -4.030  1.00 6.11 ? 1  ARG A CD   5  
ATOM 756  N NE   . ARG A 1 1  ? 2.626   7.193  -4.632  1.00 6.79 ? 1  ARG A NE   5  
ATOM 757  C CZ   . ARG A 1 1  ? 3.527   8.007  -4.081  1.00 7.57 ? 1  ARG A CZ   5  
ATOM 758  N NH1  . ARG A 1 1  ? 4.056   7.723  -2.896  1.00 7.74 ? 1  ARG A NH1  5  
ATOM 759  N NH2  . ARG A 1 1  ? 3.898   9.109  -4.718  1.00 8.39 ? 1  ARG A NH2  5  
ATOM 760  H H1   . ARG A 1 1  ? -2.476  3.795  -5.671  1.00 5.64 ? 1  ARG A H1   5  
ATOM 761  H H2   . ARG A 1 1  ? -0.863  3.460  -6.044  1.00 5.52 ? 1  ARG A H2   5  
ATOM 762  H H3   . ARG A 1 1  ? -1.364  5.056  -5.813  1.00 5.84 ? 1  ARG A H3   5  
ATOM 763  H HA   . ARG A 1 1  ? -1.366  2.943  -3.748  1.00 3.50 ? 1  ARG A HA   5  
ATOM 764  H HB2  . ARG A 1 1  ? 0.433   4.375  -2.711  1.00 5.22 ? 1  ARG A HB2  5  
ATOM 765  H HB3  . ARG A 1 1  ? 0.909   3.522  -4.172  1.00 5.06 ? 1  ARG A HB3  5  
ATOM 766  H HG2  . ARG A 1 1  ? 0.642   5.569  -5.458  1.00 5.55 ? 1  ARG A HG2  5  
ATOM 767  H HG3  . ARG A 1 1  ? 0.104   6.410  -4.003  1.00 5.58 ? 1  ARG A HG3  5  
ATOM 768  H HD2  . ARG A 1 1  ? 2.265   6.017  -2.956  1.00 6.23 ? 1  ARG A HD2  5  
ATOM 769  H HD3  . ARG A 1 1  ? 2.808   5.134  -4.383  1.00 6.31 ? 1  ARG A HD3  5  
ATOM 770  H HE   . ARG A 1 1  ? 2.238   7.434  -5.507  1.00 6.86 ? 1  ARG A HE   5  
ATOM 771  H HH11 . ARG A 1 1  ? 3.780   6.893  -2.406  1.00 7.33 ? 1  ARG A HH11 5  
ATOM 772  H HH12 . ARG A 1 1  ? 4.735   8.340  -2.484  1.00 8.43 ? 1  ARG A HH12 5  
ATOM 773  H HH21 . ARG A 1 1  ? 3.504   9.331  -5.613  1.00 8.47 ? 1  ARG A HH21 5  
ATOM 774  H HH22 . ARG A 1 1  ? 4.579   9.723  -4.310  1.00 9.05 ? 1  ARG A HH22 5  
ATOM 775  N N    . LEU A 1 2  ? -3.115  4.277  -2.622  1.00 3.65 ? 2  LEU A N    5  
ATOM 776  C CA   . LEU A 1 2  ? -4.092  5.039  -1.861  1.00 3.53 ? 2  LEU A CA   5  
ATOM 777  C C    . LEU A 1 2  ? -3.746  5.023  -0.378  1.00 2.73 ? 2  LEU A C    5  
ATOM 778  O O    . LEU A 1 2  ? -3.268  6.017  0.168   1.00 3.21 ? 2  LEU A O    5  
ATOM 779  C CB   . LEU A 1 2  ? -5.495  4.471  -2.086  1.00 3.90 ? 2  LEU A CB   5  
ATOM 780  C CG   . LEU A 1 2  ? -6.630  5.225  -1.394  1.00 4.38 ? 2  LEU A CG   5  
ATOM 781  C CD1  . LEU A 1 2  ? -6.785  6.620  -1.978  1.00 5.35 ? 2  LEU A CD1  5  
ATOM 782  C CD2  . LEU A 1 2  ? -7.929  4.445  -1.518  1.00 4.39 ? 2  LEU A CD2  5  
ATOM 783  H H    . LEU A 1 2  ? -3.207  3.304  -2.681  1.00 3.54 ? 2  LEU A H    5  
ATOM 784  H HA   . LEU A 1 2  ? -4.064  6.058  -2.214  1.00 3.89 ? 2  LEU A HA   5  
ATOM 785  H HB2  . LEU A 1 2  ? -5.690  4.469  -3.148  1.00 4.43 ? 2  LEU A HB2  5  
ATOM 786  H HB3  . LEU A 1 2  ? -5.505  3.451  -1.734  1.00 3.67 ? 2  LEU A HB3  5  
ATOM 787  H HG   . LEU A 1 2  ? -6.399  5.327  -0.342  1.00 4.45 ? 2  LEU A HG   5  
ATOM 788  H HD11 . LEU A 1 2  ? -7.606  7.125  -1.490  1.00 5.80 ? 2  LEU A HD11 5  
ATOM 789  H HD12 . LEU A 1 2  ? -6.984  6.547  -3.036  1.00 5.60 ? 2  LEU A HD12 5  
ATOM 790  H HD13 . LEU A 1 2  ? -5.875  7.180  -1.820  1.00 5.66 ? 2  LEU A HD13 5  
ATOM 791  H HD21 . LEU A 1 2  ? -8.185  4.337  -2.561  1.00 4.59 ? 2  LEU A HD21 5  
ATOM 792  H HD22 . LEU A 1 2  ? -8.716  4.976  -1.005  1.00 4.51 ? 2  LEU A HD22 5  
ATOM 793  H HD23 . LEU A 1 2  ? -7.806  3.468  -1.075  1.00 4.55 ? 2  LEU A HD23 5  
ATOM 794  N N    . VAL A 1 3  ? -3.973  3.887  0.263   1.00 1.81 ? 3  VAL A N    5  
ATOM 795  C CA   . VAL A 1 3  ? -3.709  3.750  1.687   1.00 1.16 ? 3  VAL A CA   5  
ATOM 796  C C    . VAL A 1 3  ? -2.297  3.222  1.925   1.00 0.79 ? 3  VAL A C    5  
ATOM 797  O O    . VAL A 1 3  ? -1.948  2.143  1.448   1.00 1.09 ? 3  VAL A O    5  
ATOM 798  C CB   . VAL A 1 3  ? -4.728  2.802  2.358   1.00 1.42 ? 3  VAL A CB   5  
ATOM 799  C CG1  . VAL A 1 3  ? -4.443  2.660  3.847   1.00 2.24 ? 3  VAL A CG1  5  
ATOM 800  C CG2  . VAL A 1 3  ? -6.148  3.299  2.131   1.00 2.32 ? 3  VAL A CG2  5  
ATOM 801  H H    . VAL A 1 3  ? -4.324  3.119  -0.230  1.00 1.94 ? 3  VAL A H    5  
ATOM 802  H HA   . VAL A 1 3  ? -3.803  4.725  2.141   1.00 1.58 ? 3  VAL A HA   5  
ATOM 803  H HB   . VAL A 1 3  ? -4.634  1.827  1.902   1.00 1.60 ? 3  VAL A HB   5  
ATOM 804  H HG11 . VAL A 1 3  ? -5.167  1.992  4.291   1.00 2.90 ? 3  VAL A HG11 5  
ATOM 805  H HG12 . VAL A 1 3  ? -4.508  3.628  4.321   1.00 2.68 ? 3  VAL A HG12 5  
ATOM 806  H HG13 . VAL A 1 3  ? -3.451  2.258  3.987   1.00 2.49 ? 3  VAL A HG13 5  
ATOM 807  H HG21 . VAL A 1 3  ? -6.254  4.290  2.543   1.00 2.79 ? 3  VAL A HG21 5  
ATOM 808  H HG22 . VAL A 1 3  ? -6.846  2.631  2.615   1.00 2.64 ? 3  VAL A HG22 5  
ATOM 809  H HG23 . VAL A 1 3  ? -6.354  3.325  1.070   1.00 2.92 ? 3  VAL A HG23 5  
ATOM 810  N N    . PRO A 1 4  ? -1.458  3.987  2.640   1.00 1.19 ? 4  PRO A N    5  
ATOM 811  C CA   . PRO A 1 4  ? -0.111  3.552  3.006   1.00 1.55 ? 4  PRO A CA   5  
ATOM 812  C C    . PRO A 1 4  ? -0.148  2.428  4.036   1.00 1.20 ? 4  PRO A C    5  
ATOM 813  O O    . PRO A 1 4  ? -0.341  2.668  5.230   1.00 1.69 ? 4  PRO A O    5  
ATOM 814  C CB   . PRO A 1 4  ? 0.544   4.807  3.604   1.00 2.47 ? 4  PRO A CB   5  
ATOM 815  C CG   . PRO A 1 4  ? -0.373  5.938  3.275   1.00 2.67 ? 4  PRO A CG   5  
ATOM 816  C CD   . PRO A 1 4  ? -1.742  5.340  3.138   1.00 1.97 ? 4  PRO A CD   5  
ATOM 817  H HA   . PRO A 1 4  ? 0.445   3.226  2.140   1.00 1.82 ? 4  PRO A HA   5  
ATOM 818  H HB2  . PRO A 1 4  ? 0.645   4.683  4.673   1.00 2.71 ? 4  PRO A HB2  5  
ATOM 819  H HB3  . PRO A 1 4  ? 1.519   4.950  3.162   1.00 2.93 ? 4  PRO A HB3  5  
ATOM 820  H HG2  . PRO A 1 4  ? -0.360  6.665  4.072   1.00 3.01 ? 4  PRO A HG2  5  
ATOM 821  H HG3  . PRO A 1 4  ? -0.070  6.396  2.346   1.00 3.21 ? 4  PRO A HG3  5  
ATOM 822  H HD2  . PRO A 1 4  ? -2.238  5.304  4.098   1.00 2.08 ? 4  PRO A HD2  5  
ATOM 823  H HD3  . PRO A 1 4  ? -2.328  5.900  2.426   1.00 2.24 ? 4  PRO A HD3  5  
ATOM 824  N N    . SER A 1 5  ? 0.022   1.203  3.570   1.00 0.70 ? 5  SER A N    5  
ATOM 825  C CA   . SER A 1 5  ? -0.054  0.044  4.438   1.00 1.12 ? 5  SER A CA   5  
ATOM 826  C C    . SER A 1 5  ? 1.120   -0.897 4.176   1.00 0.92 ? 5  SER A C    5  
ATOM 827  O O    . SER A 1 5  ? 1.011   -1.852 3.403   1.00 1.52 ? 5  SER A O    5  
ATOM 828  C CB   . SER A 1 5  ? -1.388  -0.682 4.216   1.00 1.85 ? 5  SER A CB   5  
ATOM 829  O OG   . SER A 1 5  ? -1.593  -1.704 5.181   1.00 2.58 ? 5  SER A OG   5  
ATOM 830  H H    . SER A 1 5  ? 0.204   1.077  2.616   1.00 0.56 ? 5  SER A H    5  
ATOM 831  H HA   . SER A 1 5  ? -0.006  0.389  5.460   1.00 1.51 ? 5  SER A HA   5  
ATOM 832  H HB2  . SER A 1 5  ? -2.195  0.028  4.291   1.00 2.27 ? 5  SER A HB2  5  
ATOM 833  H HB3  . SER A 1 5  ? -1.392  -1.128 3.231   1.00 2.17 ? 5  SER A HB3  5  
ATOM 834  H HG   . SER A 1 5  ? -1.362  -1.369 6.057   1.00 3.02 ? 5  SER A HG   5  
ATOM 835  N N    . GLY A 1 6  ? 2.245   -0.614 4.820   1.00 0.53 ? 6  GLY A N    5  
ATOM 836  C CA   . GLY A 1 6  ? 3.421   -1.446 4.667   1.00 0.54 ? 6  GLY A CA   5  
ATOM 837  C C    . GLY A 1 6  ? 4.013   -1.366 3.274   1.00 0.40 ? 6  GLY A C    5  
ATOM 838  O O    . GLY A 1 6  ? 3.845   -0.355 2.584   1.00 0.40 ? 6  GLY A O    5  
ATOM 839  H H    . GLY A 1 6  ? 2.277   0.170  5.411   1.00 0.88 ? 6  GLY A H    5  
ATOM 840  H HA2  . GLY A 1 6  ? 4.167   -1.132 5.381   1.00 0.76 ? 6  GLY A HA2  5  
ATOM 841  H HA3  . GLY A 1 6  ? 3.151   -2.469 4.873   1.00 0.74 ? 6  GLY A HA3  5  
ATOM 842  N N    . PRO A 1 7  ? 4.722   -2.416 2.834   1.00 0.49 ? 7  PRO A N    5  
ATOM 843  C CA   . PRO A 1 7  ? 5.292   -2.474 1.488   1.00 0.53 ? 7  PRO A CA   5  
ATOM 844  C C    . PRO A 1 7  ? 4.207   -2.545 0.419   1.00 0.57 ? 7  PRO A C    5  
ATOM 845  O O    . PRO A 1 7  ? 3.208   -3.251 0.586   1.00 0.78 ? 7  PRO A O    5  
ATOM 846  C CB   . PRO A 1 7  ? 6.127   -3.758 1.498   1.00 0.79 ? 7  PRO A CB   5  
ATOM 847  C CG   . PRO A 1 7  ? 5.534   -4.593 2.580   1.00 0.90 ? 7  PRO A CG   5  
ATOM 848  C CD   . PRO A 1 7  ? 5.027   -3.628 3.618   1.00 0.71 ? 7  PRO A CD   5  
ATOM 849  H HA   . PRO A 1 7  ? 5.931   -1.624 1.293   1.00 0.59 ? 7  PRO A HA   5  
ATOM 850  H HB2  . PRO A 1 7  ? 6.052   -4.245 0.538   1.00 0.88 ? 7  PRO A HB2  5  
ATOM 851  H HB3  . PRO A 1 7  ? 7.158   -3.518 1.707   1.00 0.90 ? 7  PRO A HB3  5  
ATOM 852  H HG2  . PRO A 1 7  ? 4.718   -5.179 2.185   1.00 1.01 ? 7  PRO A HG2  5  
ATOM 853  H HG3  . PRO A 1 7  ? 6.291   -5.236 3.006   1.00 1.11 ? 7  PRO A HG3  5  
ATOM 854  H HD2  . PRO A 1 7  ? 4.139   -4.017 4.091   1.00 0.78 ? 7  PRO A HD2  5  
ATOM 855  H HD3  . PRO A 1 7  ? 5.792   -3.429 4.353   1.00 0.82 ? 7  PRO A HD3  5  
ATOM 856  N N    . ASN A 1 8  ? 4.412   -1.805 -0.670  1.00 0.65 ? 8  ASN A N    5  
ATOM 857  C CA   . ASN A 1 8  ? 3.430   -1.718 -1.754  1.00 0.83 ? 8  ASN A CA   5  
ATOM 858  C C    . ASN A 1 8  ? 2.077   -1.255 -1.208  1.00 0.79 ? 8  ASN A C    5  
ATOM 859  O O    . ASN A 1 8  ? 1.090   -1.978 -1.328  1.00 1.02 ? 8  ASN A O    5  
ATOM 860  C CB   . ASN A 1 8  ? 3.267   -3.073 -2.464  1.00 1.11 ? 8  ASN A CB   5  
ATOM 861  C CG   . ASN A 1 8  ? 4.528   -3.544 -3.173  1.00 1.84 ? 8  ASN A CG   5  
ATOM 862  O OD1  . ASN A 1 8  ? 5.648   -3.249 -2.754  1.00 2.65 ? 8  ASN A OD1  5  
ATOM 863  N ND2  . ASN A 1 8  ? 4.352   -4.287 -4.252  1.00 2.25 ? 8  ASN A ND2  5  
ATOM 864  H H    . ASN A 1 8  ? 5.250   -1.299 -0.749  1.00 0.75 ? 8  ASN A H    5  
ATOM 865  H HA   . ASN A 1 8  ? 3.786   -0.989 -2.465  1.00 0.94 ? 8  ASN A HA   5  
ATOM 866  H HB2  . ASN A 1 8  ? 2.991   -3.821 -1.737  1.00 1.18 ? 8  ASN A HB2  5  
ATOM 867  H HB3  . ASN A 1 8  ? 2.476   -2.990 -3.199  1.00 1.43 ? 8  ASN A HB3  5  
ATOM 868  H HD21 . ASN A 1 8  ? 3.431   -4.492 -4.531  1.00 2.35 ? 8  ASN A HD21 5  
ATOM 869  H HD22 . ASN A 1 8  ? 5.145   -4.600 -4.737  1.00 2.84 ? 8  ASN A HD22 5  
ATOM 870  N N    . PRO A 1 9  ? 2.034   -0.027 -0.626  1.00 0.71 ? 9  PRO A N    5  
ATOM 871  C CA   . PRO A 1 9  ? 0.908   0.543  0.103   1.00 0.86 ? 9  PRO A CA   5  
ATOM 872  C C    . PRO A 1 9  ? -0.438  -0.139 -0.126  1.00 0.96 ? 9  PRO A C    5  
ATOM 873  O O    . PRO A 1 9  ? -0.915  -0.889 0.726   1.00 1.99 ? 9  PRO A O    5  
ATOM 874  C CB   . PRO A 1 9  ? 0.912   1.972  -0.432  1.00 0.94 ? 9  PRO A CB   5  
ATOM 875  C CG   . PRO A 1 9  ? 2.357   2.278  -0.692  1.00 0.91 ? 9  PRO A CG   5  
ATOM 876  C CD   . PRO A 1 9  ? 3.108   0.963  -0.636  1.00 0.73 ? 9  PRO A CD   5  
ATOM 877  H HA   . PRO A 1 9  ? 1.122   0.570  1.159   1.00 1.10 ? 9  PRO A HA   5  
ATOM 878  H HB2  . PRO A 1 9  ? 0.328   2.021  -1.340  1.00 1.09 ? 9  PRO A HB2  5  
ATOM 879  H HB3  . PRO A 1 9  ? 0.494   2.638  0.304   1.00 1.15 ? 9  PRO A HB3  5  
ATOM 880  H HG2  . PRO A 1 9  ? 2.465   2.728  -1.668  1.00 1.17 ? 9  PRO A HG2  5  
ATOM 881  H HG3  . PRO A 1 9  ? 2.726   2.948  0.071   1.00 1.07 ? 9  PRO A HG3  5  
ATOM 882  H HD2  . PRO A 1 9  ? 3.743   0.844  -1.500  1.00 0.81 ? 9  PRO A HD2  5  
ATOM 883  H HD3  . PRO A 1 9  ? 3.683   0.902  0.275   1.00 0.83 ? 9  PRO A HD3  5  
ATOM 884  N N    . LEU A 1 10 ? -1.044  0.121  -1.273  1.00 0.60 ? 10 LEU A N    5  
ATOM 885  C CA   . LEU A 1 10 ? -2.302  -0.517 -1.627  1.00 0.59 ? 10 LEU A CA   5  
ATOM 886  C C    . LEU A 1 10 ? -2.291  -0.859 -3.111  1.00 0.53 ? 10 LEU A C    5  
ATOM 887  O O    . LEU A 1 10 ? -3.289  -1.308 -3.674  1.00 0.85 ? 10 LEU A O    5  
ATOM 888  C CB   . LEU A 1 10 ? -3.479  0.407  -1.290  1.00 0.85 ? 10 LEU A CB   5  
ATOM 889  C CG   . LEU A 1 10 ? -4.866  -0.236 -1.381  1.00 1.22 ? 10 LEU A CG   5  
ATOM 890  C CD1  . LEU A 1 10 ? -5.006  -1.356 -0.361  1.00 1.94 ? 10 LEU A CD1  5  
ATOM 891  C CD2  . LEU A 1 10 ? -5.953  0.808  -1.182  1.00 1.97 ? 10 LEU A CD2  5  
ATOM 892  H H    . LEU A 1 10 ? -0.641  0.759  -1.894  1.00 1.27 ? 10 LEU A H    5  
ATOM 893  H HA   . LEU A 1 10 ? -2.386  -1.429 -1.055  1.00 0.83 ? 10 LEU A HA   5  
ATOM 894  H HB2  . LEU A 1 10 ? -3.342  0.775  -0.284  1.00 1.26 ? 10 LEU A HB2  5  
ATOM 895  H HB3  . LEU A 1 10 ? -3.453  1.247  -1.968  1.00 1.29 ? 10 LEU A HB3  5  
ATOM 896  H HG   . LEU A 1 10 ? -4.992  -0.667 -2.364  1.00 1.74 ? 10 LEU A HG   5  
ATOM 897  H HD11 . LEU A 1 10 ? -4.818  -0.966 0.628   1.00 2.49 ? 10 LEU A HD11 5  
ATOM 898  H HD12 . LEU A 1 10 ? -4.294  -2.138 -0.582  1.00 2.46 ? 10 LEU A HD12 5  
ATOM 899  H HD13 . LEU A 1 10 ? -6.008  -1.759 -0.403  1.00 2.22 ? 10 LEU A HD13 5  
ATOM 900  H HD21 . LEU A 1 10 ? -5.796  1.316  -0.242  1.00 2.55 ? 10 LEU A HD21 5  
ATOM 901  H HD22 . LEU A 1 10 ? -6.918  0.323  -1.170  1.00 2.60 ? 10 LEU A HD22 5  
ATOM 902  H HD23 . LEU A 1 10 ? -5.918  1.522  -1.989  1.00 2.11 ? 10 LEU A HD23 5  
ATOM 903  N N    . HIS A 1 11 ? -1.133  -0.652 -3.724  1.00 0.78 ? 11 HIS A N    5  
ATOM 904  C CA   . HIS A 1 11 ? -0.941  -0.871 -5.150  1.00 1.07 ? 11 HIS A CA   5  
ATOM 905  C C    . HIS A 1 11 ? 0.518   -0.623 -5.489  1.00 1.13 ? 11 HIS A C    5  
ATOM 906  O O    . HIS A 1 11 ? 1.152   0.247  -4.885  1.00 1.78 ? 11 HIS A O    5  
ATOM 907  C CB   . HIS A 1 11 ? -1.833  0.069  -5.970  1.00 1.65 ? 11 HIS A CB   5  
ATOM 908  C CG   . HIS A 1 11 ? -1.873  -0.245 -7.436  1.00 2.27 ? 11 HIS A CG   5  
ATOM 909  N ND1  . HIS A 1 11 ? -2.837  -1.051 -8.003  1.00 2.69 ? 11 HIS A ND1  5  
ATOM 910  C CD2  . HIS A 1 11 ? -1.066  0.141  -8.455  1.00 3.00 ? 11 HIS A CD2  5  
ATOM 911  C CE1  . HIS A 1 11 ? -2.621  -1.149 -9.300  1.00 3.39 ? 11 HIS A CE1  5  
ATOM 912  N NE2  . HIS A 1 11 ? -1.553  -0.436 -9.600  1.00 3.63 ? 11 HIS A NE2  5  
ATOM 913  H H    . HIS A 1 11 ? -0.366  -0.358 -3.193  1.00 1.05 ? 11 HIS A H    5  
ATOM 914  H HA   . HIS A 1 11 ? -1.190  -1.896 -5.374  1.00 1.20 ? 11 HIS A HA   5  
ATOM 915  H HB2  . HIS A 1 11 ? -2.841  0.009  -5.594  1.00 1.91 ? 11 HIS A HB2  5  
ATOM 916  H HB3  . HIS A 1 11 ? -1.472  1.080  -5.858  1.00 1.93 ? 11 HIS A HB3  5  
ATOM 917  H HD1  . HIS A 1 11 ? -3.579  -1.484 -7.522  1.00 2.76 ? 11 HIS A HD1  5  
ATOM 918  H HD2  . HIS A 1 11 ? -0.198  0.779  -8.379  1.00 3.30 ? 11 HIS A HD2  5  
ATOM 919  H HE1  . HIS A 1 11 ? -3.214  -1.722 -9.996  1.00 3.91 ? 11 HIS A HE1  5  
ATOM 920  H HE2  . HIS A 1 11 ? -1.253  -0.233 -10.513 1.00 4.29 ? 11 HIS A HE2  5  
ATOM 921  N N    . ASN A 1 12 ? 1.047   -1.402 -6.421  1.00 1.22 ? 12 ASN A N    5  
ATOM 922  C CA   . ASN A 1 12 ? 2.406   -1.220 -6.912  1.00 1.61 ? 12 ASN A CA   5  
ATOM 923  C C    . ASN A 1 12 ? 2.660   -2.173 -8.069  1.00 2.36 ? 12 ASN A C    5  
ATOM 924  O O    . ASN A 1 12 ? 2.631   -1.716 -9.231  1.00 2.92 ? 12 ASN A O    5  
ATOM 925  C CB   . ASN A 1 12 ? 3.432   -1.442 -5.798  1.00 1.56 ? 12 ASN A CB   5  
ATOM 926  C CG   . ASN A 1 12 ? 4.860   -1.220 -6.261  1.00 2.33 ? 12 ASN A CG   5  
ATOM 927  O OD1  . ASN A 1 12 ? 5.572   -2.162 -6.608  1.00 2.99 ? 12 ASN A OD1  5  
ATOM 928  N ND2  . ASN A 1 12 ? 5.289   0.034  -6.279  1.00 2.95 ? 12 ASN A ND2  5  
ATOM 929  O OXT  . ASN A 1 12 ? 2.842   -3.382 -7.818  1.00 2.95 ? 12 ASN A OXT  5  
ATOM 930  H H    . ASN A 1 12 ? 0.509   -2.136 -6.789  1.00 1.55 ? 12 ASN A H    5  
ATOM 931  H HA   . ASN A 1 12 ? 2.492   -0.205 -7.274  1.00 2.01 ? 12 ASN A HA   5  
ATOM 932  H HB2  . ASN A 1 12 ? 3.225   -0.759 -4.988  1.00 1.71 ? 12 ASN A HB2  5  
ATOM 933  H HB3  . ASN A 1 12 ? 3.343   -2.457 -5.436  1.00 1.76 ? 12 ASN A HB3  5  
ATOM 934  H HD21 . ASN A 1 12 ? 4.669   0.742  -6.000  1.00 3.02 ? 12 ASN A HD21 5  
ATOM 935  H HD22 . ASN A 1 12 ? 6.209   0.207  -6.571  1.00 3.64 ? 12 ASN A HD22 5  
ATOM 936  N N    . ARG A 1 1  ? -1.224  5.116  -4.359  1.00 5.33 ? 1  ARG A N    6  
ATOM 937  C CA   . ARG A 1 1  ? -0.999  4.762  -2.940  1.00 4.32 ? 1  ARG A CA   6  
ATOM 938  C C    . ARG A 1 1  ? -1.902  5.593  -2.040  1.00 4.18 ? 1  ARG A C    6  
ATOM 939  O O    . ARG A 1 1  ? -1.558  6.714  -1.660  1.00 4.74 ? 1  ARG A O    6  
ATOM 940  C CB   . ARG A 1 1  ? 0.464   4.992  -2.552  1.00 4.91 ? 1  ARG A CB   6  
ATOM 941  C CG   . ARG A 1 1  ? 1.434   3.992  -3.154  1.00 5.44 ? 1  ARG A CG   6  
ATOM 942  C CD   . ARG A 1 1  ? 2.877   4.352  -2.828  1.00 6.11 ? 1  ARG A CD   6  
ATOM 943  N NE   . ARG A 1 1  ? 3.298   5.585  -3.488  1.00 6.79 ? 1  ARG A NE   6  
ATOM 944  C CZ   . ARG A 1 1  ? 4.264   6.387  -3.037  1.00 7.57 ? 1  ARG A CZ   6  
ATOM 945  N NH1  . ARG A 1 1  ? 4.893   6.109  -1.903  1.00 7.74 ? 1  ARG A NH1  6  
ATOM 946  N NH2  . ARG A 1 1  ? 4.593   7.470  -3.725  1.00 8.39 ? 1  ARG A NH2  6  
ATOM 947  H H1   . ARG A 1 1  ? -0.998  6.119  -4.517  1.00 5.64 ? 1  ARG A H1   6  
ATOM 948  H H2   . ARG A 1 1  ? -2.220  4.958  -4.614  1.00 5.52 ? 1  ARG A H2   6  
ATOM 949  H H3   . ARG A 1 1  ? -0.625  4.537  -4.978  1.00 5.84 ? 1  ARG A H3   6  
ATOM 950  H HA   . ARG A 1 1  ? -1.239  3.714  -2.806  1.00 3.50 ? 1  ARG A HA   6  
ATOM 951  H HB2  . ARG A 1 1  ? 0.756   5.979  -2.872  1.00 5.22 ? 1  ARG A HB2  6  
ATOM 952  H HB3  . ARG A 1 1  ? 0.548   4.932  -1.478  1.00 5.06 ? 1  ARG A HB3  6  
ATOM 953  H HG2  . ARG A 1 1  ? 1.218   3.015  -2.750  1.00 5.55 ? 1  ARG A HG2  6  
ATOM 954  H HG3  . ARG A 1 1  ? 1.307   3.979  -4.226  1.00 5.58 ? 1  ARG A HG3  6  
ATOM 955  H HD2  . ARG A 1 1  ? 2.971   4.477  -1.760  1.00 6.23 ? 1  ARG A HD2  6  
ATOM 956  H HD3  . ARG A 1 1  ? 3.516   3.546  -3.152  1.00 6.31 ? 1  ARG A HD3  6  
ATOM 957  H HE   . ARG A 1 1  ? 2.840   5.825  -4.327  1.00 6.86 ? 1  ARG A HE   6  
ATOM 958  H HH11 . ARG A 1 1  ? 4.649   5.294  -1.371  1.00 7.33 ? 1  ARG A HH11 6  
ATOM 959  H HH12 . ARG A 1 1  ? 5.623   6.714  -1.572  1.00 8.43 ? 1  ARG A HH12 6  
ATOM 960  H HH21 . ARG A 1 1  ? 4.116   7.687  -4.582  1.00 8.47 ? 1  ARG A HH21 6  
ATOM 961  H HH22 . ARG A 1 1  ? 5.319   8.080  -3.393  1.00 9.05 ? 1  ARG A HH22 6  
ATOM 962  N N    . LEU A 1 2  ? -3.059  5.040  -1.707  1.00 3.65 ? 2  LEU A N    6  
ATOM 963  C CA   . LEU A 1 2  ? -4.036  5.745  -0.892  1.00 3.53 ? 2  LEU A CA   6  
ATOM 964  C C    . LEU A 1 2  ? -3.766  5.504  0.586   1.00 2.73 ? 2  LEU A C    6  
ATOM 965  O O    . LEU A 1 2  ? -3.406  6.429  1.317   1.00 3.21 ? 2  LEU A O    6  
ATOM 966  C CB   . LEU A 1 2  ? -5.456  5.299  -1.258  1.00 3.90 ? 2  LEU A CB   6  
ATOM 967  C CG   . LEU A 1 2  ? -6.582  5.969  -0.467  1.00 4.38 ? 2  LEU A CG   6  
ATOM 968  C CD1  . LEU A 1 2  ? -6.651  7.454  -0.778  1.00 5.35 ? 2  LEU A CD1  6  
ATOM 969  C CD2  . LEU A 1 2  ? -7.911  5.296  -0.764  1.00 4.39 ? 2  LEU A CD2  6  
ATOM 970  H H    . LEU A 1 2  ? -3.262  4.135  -2.018  1.00 3.54 ? 2  LEU A H    6  
ATOM 971  H HA   . LEU A 1 2  ? -3.935  6.801  -1.097  1.00 3.89 ? 2  LEU A HA   6  
ATOM 972  H HB2  . LEU A 1 2  ? -5.612  5.503  -2.308  1.00 4.43 ? 2  LEU A HB2  6  
ATOM 973  H HB3  . LEU A 1 2  ? -5.525  4.236  -1.106  1.00 3.67 ? 2  LEU A HB3  6  
ATOM 974  H HG   . LEU A 1 2  ? -6.381  5.861  0.590   1.00 4.45 ? 2  LEU A HG   6  
ATOM 975  H HD11 . LEU A 1 2  ? -7.444  7.906  -0.203  1.00 5.80 ? 2  LEU A HD11 6  
ATOM 976  H HD12 . LEU A 1 2  ? -6.845  7.593  -1.832  1.00 5.60 ? 2  LEU A HD12 6  
ATOM 977  H HD13 . LEU A 1 2  ? -5.711  7.920  -0.521  1.00 5.66 ? 2  LEU A HD13 6  
ATOM 978  H HD21 . LEU A 1 2  ? -8.694  5.778  -0.197  1.00 4.59 ? 2  LEU A HD21 6  
ATOM 979  H HD22 . LEU A 1 2  ? -7.856  4.254  -0.488  1.00 4.51 ? 2  LEU A HD22 6  
ATOM 980  H HD23 . LEU A 1 2  ? -8.129  5.379  -1.819  1.00 4.55 ? 2  LEU A HD23 6  
ATOM 981  N N    . VAL A 1 3  ? -3.918  4.261  1.023   1.00 1.81 ? 3  VAL A N    6  
ATOM 982  C CA   . VAL A 1 3  ? -3.680  3.925  2.418   1.00 1.16 ? 3  VAL A CA   6  
ATOM 983  C C    . VAL A 1 3  ? -2.286  3.331  2.582   1.00 0.79 ? 3  VAL A C    6  
ATOM 984  O O    . VAL A 1 3  ? -1.920  2.375  1.897   1.00 1.09 ? 3  VAL A O    6  
ATOM 985  C CB   . VAL A 1 3  ? -4.749  2.956  2.988   1.00 1.42 ? 3  VAL A CB   6  
ATOM 986  C CG1  . VAL A 1 3  ? -6.128  3.595  2.933   1.00 2.24 ? 3  VAL A CG1  6  
ATOM 987  C CG2  . VAL A 1 3  ? -4.754  1.621  2.256   1.00 2.32 ? 3  VAL A CG2  6  
ATOM 988  H H    . VAL A 1 3  ? -4.173  3.555  0.394   1.00 1.94 ? 3  VAL A H    6  
ATOM 989  H HA   . VAL A 1 3  ? -3.727  4.845  2.982   1.00 1.58 ? 3  VAL A HA   6  
ATOM 990  H HB   . VAL A 1 3  ? -4.512  2.770  4.026   1.00 1.60 ? 3  VAL A HB   6  
ATOM 991  H HG11 . VAL A 1 3  ? -6.376  3.827  1.908   1.00 2.90 ? 3  VAL A HG11 6  
ATOM 992  H HG12 . VAL A 1 3  ? -6.127  4.501  3.518   1.00 2.68 ? 3  VAL A HG12 6  
ATOM 993  H HG13 . VAL A 1 3  ? -6.858  2.907  3.334   1.00 2.49 ? 3  VAL A HG13 6  
ATOM 994  H HG21 . VAL A 1 3  ? -3.787  1.149  2.362   1.00 2.79 ? 3  VAL A HG21 6  
ATOM 995  H HG22 . VAL A 1 3  ? -4.959  1.786  1.210   1.00 2.64 ? 3  VAL A HG22 6  
ATOM 996  H HG23 . VAL A 1 3  ? -5.516  0.981  2.678   1.00 2.92 ? 3  VAL A HG23 6  
ATOM 997  N N    . PRO A 1 4  ? -1.473  3.922  3.462   1.00 1.19 ? 4  PRO A N    6  
ATOM 998  C CA   . PRO A 1 4  ? -0.107  3.471  3.688   1.00 1.55 ? 4  PRO A CA   6  
ATOM 999  C C    . PRO A 1 4  ? -0.052  2.217  4.559   1.00 1.20 ? 4  PRO A C    6  
ATOM 1000 O O    . PRO A 1 4  ? -0.006  2.296  5.787   1.00 1.69 ? 4  PRO A O    6  
ATOM 1001 C CB   . PRO A 1 4  ? 0.540   4.662  4.396   1.00 2.47 ? 4  PRO A CB   6  
ATOM 1002 C CG   . PRO A 1 4  ? -0.578  5.350  5.101   1.00 2.67 ? 4  PRO A CG   6  
ATOM 1003 C CD   . PRO A 1 4  ? -1.826  5.081  4.301   1.00 1.97 ? 4  PRO A CD   6  
ATOM 1004 H HA   . PRO A 1 4  ? 0.401   3.283  2.753   1.00 1.82 ? 4  PRO A HA   6  
ATOM 1005 H HB2  . PRO A 1 4  ? 1.285   4.307  5.091   1.00 2.71 ? 4  PRO A HB2  6  
ATOM 1006 H HB3  . PRO A 1 4  ? 1.003   5.309  3.667   1.00 2.93 ? 4  PRO A HB3  6  
ATOM 1007 H HG2  . PRO A 1 4  ? -0.682  4.948  6.098   1.00 3.01 ? 4  PRO A HG2  6  
ATOM 1008 H HG3  . PRO A 1 4  ? -0.384  6.411  5.145   1.00 3.21 ? 4  PRO A HG3  6  
ATOM 1009 H HD2  . PRO A 1 4  ? -2.648  4.841  4.959   1.00 2.08 ? 4  PRO A HD2  6  
ATOM 1010 H HD3  . PRO A 1 4  ? -2.071  5.938  3.691   1.00 2.24 ? 4  PRO A HD3  6  
ATOM 1011 N N    . SER A 1 5  ? -0.078  1.061  3.917   1.00 0.70 ? 5  SER A N    6  
ATOM 1012 C CA   . SER A 1 5  ? -0.055  -0.205 4.632   1.00 1.12 ? 5  SER A CA   6  
ATOM 1013 C C    . SER A 1 5  ? 1.207   -0.987 4.287   1.00 0.92 ? 5  SER A C    6  
ATOM 1014 O O    . SER A 1 5  ? 1.175   -1.917 3.478   1.00 1.52 ? 5  SER A O    6  
ATOM 1015 C CB   . SER A 1 5  ? -1.301  -1.019 4.282   1.00 1.85 ? 5  SER A CB   6  
ATOM 1016 O OG   . SER A 1 5  ? -2.481  -0.262 4.505   1.00 2.58 ? 5  SER A OG   6  
ATOM 1017 H H    . SER A 1 5  ? -0.118  1.056  2.938   1.00 0.56 ? 5  SER A H    6  
ATOM 1018 H HA   . SER A 1 5  ? -0.059  0.010  5.690   1.00 1.51 ? 5  SER A HA   6  
ATOM 1019 H HB2  . SER A 1 5  ? -1.261  -1.306 3.241   1.00 2.27 ? 5  SER A HB2  6  
ATOM 1020 H HB3  . SER A 1 5  ? -1.334  -1.905 4.898   1.00 2.17 ? 5  SER A HB3  6  
ATOM 1021 H HG   . SER A 1 5  ? -3.235  -0.728 4.124   1.00 3.02 ? 5  SER A HG   6  
ATOM 1022 N N    . GLY A 1 6  ? 2.321   -0.599 4.901   1.00 0.53 ? 6  GLY A N    6  
ATOM 1023 C CA   . GLY A 1 6  ? 3.586   -1.255 4.631   1.00 0.54 ? 6  GLY A CA   6  
ATOM 1024 C C    . GLY A 1 6  ? 4.061   -1.007 3.213   1.00 0.40 ? 6  GLY A C    6  
ATOM 1025 O O    . GLY A 1 6  ? 3.662   -0.021 2.591   1.00 0.40 ? 6  GLY A O    6  
ATOM 1026 H H    . GLY A 1 6  ? 2.282   0.145  5.540   1.00 0.88 ? 6  GLY A H    6  
ATOM 1027 H HA2  . GLY A 1 6  ? 4.331   -0.883 5.320   1.00 0.76 ? 6  GLY A HA2  6  
ATOM 1028 H HA3  . GLY A 1 6  ? 3.470   -2.317 4.779   1.00 0.74 ? 6  GLY A HA3  6  
ATOM 1029 N N    . PRO A 1 7  ? 4.931   -1.875 2.677   1.00 0.49 ? 7  PRO A N    6  
ATOM 1030 C CA   . PRO A 1 7  ? 5.371   -1.784 1.286   1.00 0.53 ? 7  PRO A CA   6  
ATOM 1031 C C    . PRO A 1 7  ? 4.278   -2.226 0.325   1.00 0.57 ? 7  PRO A C    6  
ATOM 1032 O O    . PRO A 1 7  ? 3.490   -3.120 0.639   1.00 0.78 ? 7  PRO A O    6  
ATOM 1033 C CB   . PRO A 1 7  ? 6.566   -2.733 1.227   1.00 0.79 ? 7  PRO A CB   6  
ATOM 1034 C CG   . PRO A 1 7  ? 6.307   -3.732 2.305   1.00 0.90 ? 7  PRO A CG   6  
ATOM 1035 C CD   . PRO A 1 7  ? 5.564   -2.998 3.389   1.00 0.71 ? 7  PRO A CD   6  
ATOM 1036 H HA   . PRO A 1 7  ? 5.679   -0.779 1.031   1.00 0.59 ? 7  PRO A HA   6  
ATOM 1037 H HB2  . PRO A 1 7  ? 6.610   -3.201 0.254   1.00 0.88 ? 7  PRO A HB2  6  
ATOM 1038 H HB3  . PRO A 1 7  ? 7.476   -2.183 1.410   1.00 0.90 ? 7  PRO A HB3  6  
ATOM 1039 H HG2  . PRO A 1 7  ? 5.704   -4.540 1.917   1.00 1.01 ? 7  PRO A HG2  6  
ATOM 1040 H HG3  . PRO A 1 7  ? 7.244   -4.112 2.684   1.00 1.11 ? 7  PRO A HG3  6  
ATOM 1041 H HD2  . PRO A 1 7  ? 4.819   -3.637 3.836   1.00 0.78 ? 7  PRO A HD2  6  
ATOM 1042 H HD3  . PRO A 1 7  ? 6.252   -2.639 4.139   1.00 0.82 ? 7  PRO A HD3  6  
ATOM 1043 N N    . ASN A 1 8  ? 4.247   -1.600 -0.848  1.00 0.65 ? 8  ASN A N    6  
ATOM 1044 C CA   . ASN A 1 8  ? 3.154   -1.782 -1.804  1.00 0.83 ? 8  ASN A CA   6  
ATOM 1045 C C    . ASN A 1 8  ? 1.798   -1.553 -1.128  1.00 0.79 ? 8  ASN A C    6  
ATOM 1046 O O    . ASN A 1 8  ? 0.941   -2.437 -1.140  1.00 1.02 ? 8  ASN A O    6  
ATOM 1047 C CB   . ASN A 1 8  ? 3.201   -3.183 -2.433  1.00 1.11 ? 8  ASN A CB   6  
ATOM 1048 C CG   . ASN A 1 8  ? 4.379   -3.367 -3.371  1.00 1.84 ? 8  ASN A CG   6  
ATOM 1049 O OD1  . ASN A 1 8  ? 4.836   -2.420 -4.008  1.00 2.65 ? 8  ASN A OD1  6  
ATOM 1050 N ND2  . ASN A 1 8  ? 4.880   -4.588 -3.463  1.00 2.25 ? 8  ASN A ND2  6  
ATOM 1051 H H    . ASN A 1 8  ? 4.987   -0.998 -1.083  1.00 0.75 ? 8  ASN A H    6  
ATOM 1052 H HA   . ASN A 1 8  ? 3.277   -1.046 -2.585  1.00 0.94 ? 8  ASN A HA   6  
ATOM 1053 H HB2  . ASN A 1 8  ? 3.276   -3.918 -1.648  1.00 1.18 ? 8  ASN A HB2  6  
ATOM 1054 H HB3  . ASN A 1 8  ? 2.289   -3.352 -2.991  1.00 1.43 ? 8  ASN A HB3  6  
ATOM 1055 H HD21 . ASN A 1 8  ? 4.468   -5.301 -2.928  1.00 2.35 ? 8  ASN A HD21 6  
ATOM 1056 H HD22 . ASN A 1 8  ? 5.643   -4.733 -4.062  1.00 2.84 ? 8  ASN A HD22 6  
ATOM 1057 N N    . PRO A 1 9  ? 1.596   -0.356 -0.520  1.00 0.71 ? 9  PRO A N    6  
ATOM 1058 C CA   . PRO A 1 9  ? 0.358   -0.005 0.191   1.00 0.86 ? 9  PRO A CA   6  
ATOM 1059 C C    . PRO A 1 9  ? -0.910  -0.386 -0.572  1.00 0.96 ? 9  PRO A C    6  
ATOM 1060 O O    . PRO A 1 9  ? -1.686  -1.225 -0.120  1.00 1.99 ? 9  PRO A O    6  
ATOM 1061 C CB   . PRO A 1 9  ? 0.463   1.514  0.320   1.00 0.94 ? 9  PRO A CB   6  
ATOM 1062 C CG   . PRO A 1 9  ? 1.921   1.770  0.427   1.00 0.91 ? 9  PRO A CG   6  
ATOM 1063 C CD   . PRO A 1 9  ? 2.581   0.749  -0.459  1.00 0.73 ? 9  PRO A CD   6  
ATOM 1064 H HA   . PRO A 1 9  ? 0.329   -0.445 1.176   1.00 1.10 ? 9  PRO A HA   6  
ATOM 1065 H HB2  . PRO A 1 9  ? 0.039   1.982  -0.556  1.00 1.09 ? 9  PRO A HB2  6  
ATOM 1066 H HB3  . PRO A 1 9  ? -0.064  1.843  1.203   1.00 1.15 ? 9  PRO A HB3  6  
ATOM 1067 H HG2  . PRO A 1 9  ? 2.144   2.769  0.083   1.00 1.17 ? 9  PRO A HG2  6  
ATOM 1068 H HG3  . PRO A 1 9  ? 2.243   1.642  1.449   1.00 1.07 ? 9  PRO A HG3  6  
ATOM 1069 H HD2  . PRO A 1 9  ? 2.759   1.162  -1.440  1.00 0.81 ? 9  PRO A HD2  6  
ATOM 1070 H HD3  . PRO A 1 9  ? 3.513   0.407  -0.015  1.00 0.83 ? 9  PRO A HD3  6  
ATOM 1071 N N    . LEU A 1 10 ? -1.116  0.240  -1.723  1.00 0.60 ? 10 LEU A N    6  
ATOM 1072 C CA   . LEU A 1 10 ? -2.261  -0.070 -2.569  1.00 0.59 ? 10 LEU A CA   6  
ATOM 1073 C C    . LEU A 1 10 ? -1.860  -0.075 -4.033  1.00 0.53 ? 10 LEU A C    6  
ATOM 1074 O O    . LEU A 1 10 ? -2.677  0.156  -4.921  1.00 0.85 ? 10 LEU A O    6  
ATOM 1075 C CB   . LEU A 1 10 ? -3.393  0.928  -2.335  1.00 0.85 ? 10 LEU A CB   6  
ATOM 1076 C CG   . LEU A 1 10 ? -4.423  0.511  -1.285  1.00 1.22 ? 10 LEU A CG   6  
ATOM 1077 C CD1  . LEU A 1 10 ? -5.506  1.566  -1.163  1.00 1.94 ? 10 LEU A CD1  6  
ATOM 1078 C CD2  . LEU A 1 10 ? -5.036  -0.834 -1.643  1.00 1.97 ? 10 LEU A CD2  6  
ATOM 1079 H H    . LEU A 1 10 ? -0.483  0.930  -2.011  1.00 1.27 ? 10 LEU A H    6  
ATOM 1080 H HA   . LEU A 1 10 ? -2.604  -1.057 -2.304  1.00 0.83 ? 10 LEU A HA   6  
ATOM 1081 H HB2  . LEU A 1 10 ? -2.951  1.864  -2.021  1.00 1.26 ? 10 LEU A HB2  6  
ATOM 1082 H HB3  . LEU A 1 10 ? -3.906  1.085  -3.269  1.00 1.29 ? 10 LEU A HB3  6  
ATOM 1083 H HG   . LEU A 1 10 ? -3.936  0.414  -0.326  1.00 1.74 ? 10 LEU A HG   6  
ATOM 1084 H HD11 . LEU A 1 10 ? -5.958  1.733  -2.129  1.00 2.49 ? 10 LEU A HD11 6  
ATOM 1085 H HD12 . LEU A 1 10 ? -5.070  2.483  -0.805  1.00 2.46 ? 10 LEU A HD12 6  
ATOM 1086 H HD13 . LEU A 1 10 ? -6.259  1.229  -0.467  1.00 2.22 ? 10 LEU A HD13 6  
ATOM 1087 H HD21 . LEU A 1 10 ? -5.828  -1.062 -0.948  1.00 2.55 ? 10 LEU A HD21 6  
ATOM 1088 H HD22 . LEU A 1 10 ? -4.281  -1.601 -1.589  1.00 2.60 ? 10 LEU A HD22 6  
ATOM 1089 H HD23 . LEU A 1 10 ? -5.436  -0.792 -2.645  1.00 2.11 ? 10 LEU A HD23 6  
ATOM 1090 N N    . HIS A 1 11 ? -0.588  -0.331 -4.265  1.00 0.78 ? 11 HIS A N    6  
ATOM 1091 C CA   . HIS A 1 11 ? -0.058  -0.449 -5.614  1.00 1.07 ? 11 HIS A CA   6  
ATOM 1092 C C    . HIS A 1 11 ? 0.866   -1.658 -5.680  1.00 1.13 ? 11 HIS A C    6  
ATOM 1093 O O    . HIS A 1 11 ? 2.067   -1.534 -5.913  1.00 1.78 ? 11 HIS A O    6  
ATOM 1094 C CB   . HIS A 1 11 ? 0.680   0.836  -6.017  1.00 1.65 ? 11 HIS A CB   6  
ATOM 1095 C CG   . HIS A 1 11 ? 1.077   0.899  -7.465  1.00 2.27 ? 11 HIS A CG   6  
ATOM 1096 N ND1  . HIS A 1 11 ? 0.227   1.323  -8.462  1.00 2.69 ? 11 HIS A ND1  6  
ATOM 1097 C CD2  . HIS A 1 11 ? 2.250   0.610  -8.075  1.00 3.00 ? 11 HIS A CD2  6  
ATOM 1098 C CE1  . HIS A 1 11 ? 0.859   1.291  -9.620  1.00 3.39 ? 11 HIS A CE1  6  
ATOM 1099 N NE2  . HIS A 1 11 ? 2.090   0.863  -9.414  1.00 3.63 ? 11 HIS A NE2  6  
ATOM 1100 H H    . HIS A 1 11 ? 0.013   -0.456 -3.504  1.00 1.05 ? 11 HIS A H    6  
ATOM 1101 H HA   . HIS A 1 11 ? -0.889  -0.608 -6.285  1.00 1.20 ? 11 HIS A HA   6  
ATOM 1102 H HB2  . HIS A 1 11 ? 0.046   1.683  -5.813  1.00 1.91 ? 11 HIS A HB2  6  
ATOM 1103 H HB3  . HIS A 1 11 ? 1.577   0.920  -5.425  1.00 1.93 ? 11 HIS A HB3  6  
ATOM 1104 H HD1  . HIS A 1 11 ? -0.707  1.606  -8.341  1.00 2.76 ? 11 HIS A HD1  6  
ATOM 1105 H HD2  . HIS A 1 11 ? 3.148   0.248  -7.596  1.00 3.30 ? 11 HIS A HD2  6  
ATOM 1106 H HE1  . HIS A 1 11 ? 0.441   1.573  -10.574 1.00 3.91 ? 11 HIS A HE1  6  
ATOM 1107 H HE2  . HIS A 1 11 ? 2.824   0.946  -10.063 1.00 4.29 ? 11 HIS A HE2  6  
ATOM 1108 N N    . ASN A 1 12 ? 0.294   -2.823 -5.426  1.00 1.22 ? 12 ASN A N    6  
ATOM 1109 C CA   . ASN A 1 12 ? 1.043   -4.069 -5.465  1.00 1.61 ? 12 ASN A CA   6  
ATOM 1110 C C    . ASN A 1 12 ? 1.123   -4.579 -6.895  1.00 2.36 ? 12 ASN A C    6  
ATOM 1111 O O    . ASN A 1 12 ? 2.185   -4.413 -7.532  1.00 2.92 ? 12 ASN A O    6  
ATOM 1112 C CB   . ASN A 1 12 ? 0.382   -5.120 -4.569  1.00 1.56 ? 12 ASN A CB   6  
ATOM 1113 C CG   . ASN A 1 12 ? 1.171   -6.415 -4.509  1.00 2.33 ? 12 ASN A CG   6  
ATOM 1114 O OD1  . ASN A 1 12 ? 1.008   -7.302 -5.351  1.00 2.99 ? 12 ASN A OD1  6  
ATOM 1115 N ND2  . ASN A 1 12 ? 2.011   -6.548 -3.497  1.00 2.95 ? 12 ASN A ND2  6  
ATOM 1116 O OXT  . ASN A 1 12 ? 0.109   -5.106 -7.396  1.00 2.95 ? 12 ASN A OXT  6  
ATOM 1117 H H    . ASN A 1 12 ? -0.663  -2.849 -5.206  1.00 1.55 ? 12 ASN A H    6  
ATOM 1118 H HA   . ASN A 1 12 ? 2.043   -3.872 -5.107  1.00 2.01 ? 12 ASN A HA   6  
ATOM 1119 H HB2  . ASN A 1 12 ? 0.301   -4.726 -3.566  1.00 1.71 ? 12 ASN A HB2  6  
ATOM 1120 H HB3  . ASN A 1 12 ? -0.605  -5.337 -4.947  1.00 1.76 ? 12 ASN A HB3  6  
ATOM 1121 H HD21 . ASN A 1 12 ? 2.071   -5.815 -2.846  1.00 3.02 ? 12 ASN A HD21 6  
ATOM 1122 H HD22 . ASN A 1 12 ? 2.540   -7.372 -3.434  1.00 3.64 ? 12 ASN A HD22 6  
ATOM 1123 N N    . ARG A 1 1  ? -3.117  -3.574 0.395   1.00 5.33 ? 1  ARG A N    7  
ATOM 1124 C CA   . ARG A 1 1  ? -3.631  -2.614 -0.607  1.00 4.32 ? 1  ARG A CA   7  
ATOM 1125 C C    . ARG A 1 1  ? -4.645  -1.667 0.024   1.00 4.18 ? 1  ARG A C    7  
ATOM 1126 O O    . ARG A 1 1  ? -5.238  -0.834 -0.659  1.00 4.74 ? 1  ARG A O    7  
ATOM 1127 C CB   . ARG A 1 1  ? -4.292  -3.353 -1.775  1.00 4.91 ? 1  ARG A CB   7  
ATOM 1128 C CG   . ARG A 1 1  ? -5.518  -4.154 -1.372  1.00 5.44 ? 1  ARG A CG   7  
ATOM 1129 C CD   . ARG A 1 1  ? -6.255  -4.709 -2.580  1.00 6.11 ? 1  ARG A CD   7  
ATOM 1130 N NE   . ARG A 1 1  ? -7.445  -5.457 -2.186  1.00 6.79 ? 1  ARG A NE   7  
ATOM 1131 C CZ   . ARG A 1 1  ? -8.348  -5.935 -3.041  1.00 7.57 ? 1  ARG A CZ   7  
ATOM 1132 N NH1  . ARG A 1 1  ? -8.211  -5.735 -4.345  1.00 7.74 ? 1  ARG A NH1  7  
ATOM 1133 N NH2  . ARG A 1 1  ? -9.395  -6.607 -2.585  1.00 8.39 ? 1  ARG A NH2  7  
ATOM 1134 H H1   . ARG A 1 1  ? -3.901  -4.102 0.823   1.00 5.64 ? 1  ARG A H1   7  
ATOM 1135 H H2   . ARG A 1 1  ? -2.602  -3.069 1.145   1.00 5.52 ? 1  ARG A H2   7  
ATOM 1136 H H3   . ARG A 1 1  ? -2.465  -4.247 -0.055  1.00 5.84 ? 1  ARG A H3   7  
ATOM 1137 H HA   . ARG A 1 1  ? -2.797  -2.034 -0.977  1.00 3.50 ? 1  ARG A HA   7  
ATOM 1138 H HB2  . ARG A 1 1  ? -4.589  -2.633 -2.522  1.00 5.22 ? 1  ARG A HB2  7  
ATOM 1139 H HB3  . ARG A 1 1  ? -3.575  -4.033 -2.208  1.00 5.06 ? 1  ARG A HB3  7  
ATOM 1140 H HG2  . ARG A 1 1  ? -5.203  -4.975 -0.751  1.00 5.55 ? 1  ARG A HG2  7  
ATOM 1141 H HG3  . ARG A 1 1  ? -6.186  -3.513 -0.814  1.00 5.58 ? 1  ARG A HG3  7  
ATOM 1142 H HD2  . ARG A 1 1  ? -6.552  -3.887 -3.215  1.00 6.23 ? 1  ARG A HD2  7  
ATOM 1143 H HD3  . ARG A 1 1  ? -5.591  -5.363 -3.123  1.00 6.31 ? 1  ARG A HD3  7  
ATOM 1144 H HE   . ARG A 1 1  ? -7.579  -5.614 -1.222  1.00 6.86 ? 1  ARG A HE   7  
ATOM 1145 H HH11 . ARG A 1 1  ? -7.426  -5.222 -4.700  1.00 7.33 ? 1  ARG A HH11 7  
ATOM 1146 H HH12 . ARG A 1 1  ? -8.895  -6.098 -4.985  1.00 8.43 ? 1  ARG A HH12 7  
ATOM 1147 H HH21 . ARG A 1 1  ? -9.508  -6.755 -1.599  1.00 8.47 ? 1  ARG A HH21 7  
ATOM 1148 H HH22 . ARG A 1 1  ? -10.082 -6.966 -3.224  1.00 9.05 ? 1  ARG A HH22 7  
ATOM 1149 N N    . LEU A 1 2  ? -4.836  -1.789 1.327   1.00 3.65 ? 2  LEU A N    7  
ATOM 1150 C CA   . LEU A 1 2  ? -5.835  -1.011 2.022   1.00 3.53 ? 2  LEU A CA   7  
ATOM 1151 C C    . LEU A 1 2  ? -5.168  0.135  2.762   1.00 2.73 ? 2  LEU A C    7  
ATOM 1152 O O    . LEU A 1 2  ? -4.659  -0.053 3.866   1.00 3.21 ? 2  LEU A O    7  
ATOM 1153 C CB   . LEU A 1 2  ? -6.587  -1.907 2.997   1.00 3.90 ? 2  LEU A CB   7  
ATOM 1154 C CG   . LEU A 1 2  ? -7.361  -3.062 2.354   1.00 4.38 ? 2  LEU A CG   7  
ATOM 1155 C CD1  . LEU A 1 2  ? -8.012  -3.925 3.423   1.00 5.35 ? 2  LEU A CD1  7  
ATOM 1156 C CD2  . LEU A 1 2  ? -8.408  -2.534 1.383   1.00 4.39 ? 2  LEU A CD2  7  
ATOM 1157 H H    . LEU A 1 2  ? -4.271  -2.398 1.847   1.00 3.54 ? 2  LEU A H    7  
ATOM 1158 H HA   . LEU A 1 2  ? -6.525  -0.613 1.294   1.00 3.89 ? 2  LEU A HA   7  
ATOM 1159 H HB2  . LEU A 1 2  ? -5.863  -2.328 3.678   1.00 4.43 ? 2  LEU A HB2  7  
ATOM 1160 H HB3  . LEU A 1 2  ? -7.282  -1.300 3.557   1.00 3.67 ? 2  LEU A HB3  7  
ATOM 1161 H HG   . LEU A 1 2  ? -6.671  -3.683 1.800   1.00 4.45 ? 2  LEU A HG   7  
ATOM 1162 H HD11 . LEU A 1 2  ? -7.252  -4.309 4.087   1.00 5.80 ? 2  LEU A HD11 7  
ATOM 1163 H HD12 . LEU A 1 2  ? -8.529  -4.748 2.955   1.00 5.60 ? 2  LEU A HD12 7  
ATOM 1164 H HD13 . LEU A 1 2  ? -8.715  -3.331 3.986   1.00 5.66 ? 2  LEU A HD13 7  
ATOM 1165 H HD21 . LEU A 1 2  ? -7.920  -1.993 0.585   1.00 4.59 ? 2  LEU A HD21 7  
ATOM 1166 H HD22 . LEU A 1 2  ? -9.084  -1.876 1.905   1.00 4.51 ? 2  LEU A HD22 7  
ATOM 1167 H HD23 . LEU A 1 2  ? -8.963  -3.363 0.967   1.00 4.55 ? 2  LEU A HD23 7  
ATOM 1168 N N    . VAL A 1 3  ? -5.159  1.307  2.130   1.00 1.81 ? 3  VAL A N    7  
ATOM 1169 C CA   . VAL A 1 3  ? -4.477  2.483  2.665   1.00 1.16 ? 3  VAL A CA   7  
ATOM 1170 C C    . VAL A 1 3  ? -2.962  2.294  2.585   1.00 0.79 ? 3  VAL A C    7  
ATOM 1171 O O    . VAL A 1 3  ? -2.434  1.272  3.027   1.00 1.09 ? 3  VAL A O    7  
ATOM 1172 C CB   . VAL A 1 3  ? -4.904  2.789  4.124   1.00 1.42 ? 3  VAL A CB   7  
ATOM 1173 C CG1  . VAL A 1 3  ? -4.116  3.957  4.695   1.00 2.24 ? 3  VAL A CG1  7  
ATOM 1174 C CG2  . VAL A 1 3  ? -6.397  3.071  4.195   1.00 2.32 ? 3  VAL A CG2  7  
ATOM 1175 H H    . VAL A 1 3  ? -5.627  1.385  1.272   1.00 1.94 ? 3  VAL A H    7  
ATOM 1176 H HA   . VAL A 1 3  ? -4.755  3.324  2.049   1.00 1.58 ? 3  VAL A HA   7  
ATOM 1177 H HB   . VAL A 1 3  ? -4.698  1.917  4.725   1.00 1.60 ? 3  VAL A HB   7  
ATOM 1178 H HG11 . VAL A 1 3  ? -3.063  3.719  4.694   1.00 2.90 ? 3  VAL A HG11 7  
ATOM 1179 H HG12 . VAL A 1 3  ? -4.441  4.149  5.707   1.00 2.68 ? 3  VAL A HG12 7  
ATOM 1180 H HG13 . VAL A 1 3  ? -4.287  4.836  4.091   1.00 2.49 ? 3  VAL A HG13 7  
ATOM 1181 H HG21 . VAL A 1 3  ? -6.627  3.941  3.596   1.00 2.79 ? 3  VAL A HG21 7  
ATOM 1182 H HG22 . VAL A 1 3  ? -6.680  3.256  5.221   1.00 2.64 ? 3  VAL A HG22 7  
ATOM 1183 H HG23 . VAL A 1 3  ? -6.943  2.219  3.818   1.00 2.92 ? 3  VAL A HG23 7  
ATOM 1184 N N    . PRO A 1 4  ? -2.243  3.257  1.981   1.00 1.19 ? 4  PRO A N    7  
ATOM 1185 C CA   . PRO A 1 4  ? -0.787  3.175  1.826   1.00 1.55 ? 4  PRO A CA   7  
ATOM 1186 C C    . PRO A 1 4  ? -0.059  3.059  3.164   1.00 1.20 ? 4  PRO A C    7  
ATOM 1187 O O    . PRO A 1 4  ? 0.215   4.056  3.828   1.00 1.69 ? 4  PRO A O    7  
ATOM 1188 C CB   . PRO A 1 4  ? -0.415  4.489  1.129   1.00 2.47 ? 4  PRO A CB   7  
ATOM 1189 C CG   . PRO A 1 4  ? -1.676  4.959  0.495   1.00 2.67 ? 4  PRO A CG   7  
ATOM 1190 C CD   . PRO A 1 4  ? -2.787  4.491  1.390   1.00 1.97 ? 4  PRO A CD   7  
ATOM 1191 H HA   . PRO A 1 4  ? -0.511  2.341  1.200   1.00 1.82 ? 4  PRO A HA   7  
ATOM 1192 H HB2  . PRO A 1 4  ? -0.053  5.196  1.861   1.00 2.71 ? 4  PRO A HB2  7  
ATOM 1193 H HB3  . PRO A 1 4  ? 0.351   4.303  0.393   1.00 2.93 ? 4  PRO A HB3  7  
ATOM 1194 H HG2  . PRO A 1 4  ? -1.674  6.038  0.430   1.00 3.01 ? 4  PRO A HG2  7  
ATOM 1195 H HG3  . PRO A 1 4  ? -1.777  4.524  -0.488  1.00 3.21 ? 4  PRO A HG3  7  
ATOM 1196 H HD2  . PRO A 1 4  ? -2.992  5.226  2.155   1.00 2.08 ? 4  PRO A HD2  7  
ATOM 1197 H HD3  . PRO A 1 4  ? -3.674  4.285  0.811   1.00 2.24 ? 4  PRO A HD3  7  
ATOM 1198 N N    . SER A 1 5  ? 0.219   1.827  3.559   1.00 0.70 ? 5  SER A N    7  
ATOM 1199 C CA   . SER A 1 5  ? 0.977   1.539  4.765   1.00 1.12 ? 5  SER A CA   7  
ATOM 1200 C C    . SER A 1 5  ? 1.653   0.186  4.607   1.00 0.92 ? 5  SER A C    7  
ATOM 1201 O O    . SER A 1 5  ? 1.052   -0.751 4.077   1.00 1.52 ? 5  SER A O    7  
ATOM 1202 C CB   . SER A 1 5  ? 0.057   1.543  5.990   1.00 1.85 ? 5  SER A CB   7  
ATOM 1203 O OG   . SER A 1 5  ? -0.552  2.813  6.160   1.00 2.58 ? 5  SER A OG   7  
ATOM 1204 H H    . SER A 1 5  ? -0.108  1.076  3.025   1.00 0.56 ? 5  SER A H    7  
ATOM 1205 H HA   . SER A 1 5  ? 1.731   2.302  4.879   1.00 1.51 ? 5  SER A HA   7  
ATOM 1206 H HB2  . SER A 1 5  ? -0.716  0.801  5.859   1.00 2.27 ? 5  SER A HB2  7  
ATOM 1207 H HB3  . SER A 1 5  ? 0.634   1.310  6.872   1.00 2.17 ? 5  SER A HB3  7  
ATOM 1208 H HG   . SER A 1 5  ? -0.408  3.342  5.364   1.00 3.02 ? 5  SER A HG   7  
ATOM 1209 N N    . GLY A 1 6  ? 2.898   0.093  5.044   1.00 0.53 ? 6  GLY A N    7  
ATOM 1210 C CA   . GLY A 1 6  ? 3.663   -1.122 4.844   1.00 0.54 ? 6  GLY A CA   7  
ATOM 1211 C C    . GLY A 1 6  ? 4.192   -1.214 3.427   1.00 0.40 ? 6  GLY A C    7  
ATOM 1212 O O    . GLY A 1 6  ? 4.016   -0.280 2.644   1.00 0.40 ? 6  GLY A O    7  
ATOM 1213 H H    . GLY A 1 6  ? 3.308   0.857  5.504   1.00 0.88 ? 6  GLY A H    7  
ATOM 1214 H HA2  . GLY A 1 6  ? 4.493   -1.133 5.534   1.00 0.76 ? 6  GLY A HA2  7  
ATOM 1215 H HA3  . GLY A 1 6  ? 3.030   -1.974 5.039   1.00 0.74 ? 6  GLY A HA3  7  
ATOM 1216 N N    . PRO A 1 7  ? 4.855   -2.312 3.066   1.00 0.49 ? 7  PRO A N    7  
ATOM 1217 C CA   . PRO A 1 7  ? 5.375   -2.500 1.720   1.00 0.53 ? 7  PRO A CA   7  
ATOM 1218 C C    . PRO A 1 7  ? 4.328   -3.037 0.760   1.00 0.57 ? 7  PRO A C    7  
ATOM 1219 O O    . PRO A 1 7  ? 3.442   -3.806 1.143   1.00 0.78 ? 7  PRO A O    7  
ATOM 1220 C CB   . PRO A 1 7  ? 6.497   -3.512 1.924   1.00 0.79 ? 7  PRO A CB   7  
ATOM 1221 C CG   . PRO A 1 7  ? 6.060   -4.333 3.091   1.00 0.90 ? 7  PRO A CG   7  
ATOM 1222 C CD   . PRO A 1 7  ? 5.172   -3.455 3.942   1.00 0.71 ? 7  PRO A CD   7  
ATOM 1223 H HA   . PRO A 1 7  ? 5.773   -1.578 1.317   1.00 0.59 ? 7  PRO A HA   7  
ATOM 1224 H HB2  . PRO A 1 7  ? 6.606   -4.115 1.034   1.00 0.88 ? 7  PRO A HB2  7  
ATOM 1225 H HB3  . PRO A 1 7  ? 7.422   -2.994 2.130   1.00 0.90 ? 7  PRO A HB3  7  
ATOM 1226 H HG2  . PRO A 1 7  ? 5.507   -5.195 2.745   1.00 1.01 ? 7  PRO A HG2  7  
ATOM 1227 H HG3  . PRO A 1 7  ? 6.924   -4.647 3.657   1.00 1.11 ? 7  PRO A HG3  7  
ATOM 1228 H HD2  . PRO A 1 7  ? 4.273   -3.983 4.219   1.00 0.78 ? 7  PRO A HD2  7  
ATOM 1229 H HD3  . PRO A 1 7  ? 5.703   -3.127 4.822   1.00 0.82 ? 7  PRO A HD3  7  
ATOM 1230 N N    . ASN A 1 8  ? 4.459   -2.618 -0.492  1.00 0.65 ? 8  ASN A N    7  
ATOM 1231 C CA   . ASN A 1 8  ? 3.500   -2.932 -1.543  1.00 0.83 ? 8  ASN A CA   7  
ATOM 1232 C C    . ASN A 1 8  ? 2.070   -2.649 -1.085  1.00 0.79 ? 8  ASN A C    7  
ATOM 1233 O O    . ASN A 1 8  ? 1.233   -3.553 -1.062  1.00 1.02 ? 8  ASN A O    7  
ATOM 1234 C CB   . ASN A 1 8  ? 3.620   -4.391 -1.986  1.00 1.11 ? 8  ASN A CB   7  
ATOM 1235 C CG   . ASN A 1 8  ? 5.029   -4.777 -2.412  1.00 1.84 ? 8  ASN A CG   7  
ATOM 1236 O OD1  . ASN A 1 8  ? 5.441   -5.924 -2.250  1.00 2.65 ? 8  ASN A OD1  7  
ATOM 1237 N ND2  . ASN A 1 8  ? 5.774   -3.829 -2.958  1.00 2.25 ? 8  ASN A ND2  7  
ATOM 1238 H H    . ASN A 1 8  ? 5.239   -2.069 -0.719  1.00 0.75 ? 8  ASN A H    7  
ATOM 1239 H HA   . ASN A 1 8  ? 3.721   -2.294 -2.385  1.00 0.94 ? 8  ASN A HA   7  
ATOM 1240 H HB2  . ASN A 1 8  ? 3.319   -5.034 -1.176  1.00 1.18 ? 8  ASN A HB2  7  
ATOM 1241 H HB3  . ASN A 1 8  ? 2.957   -4.543 -2.831  1.00 1.43 ? 8  ASN A HB3  7  
ATOM 1242 H HD21 . ASN A 1 8  ? 5.389   -2.932 -3.058  1.00 2.35 ? 8  ASN A HD21 7  
ATOM 1243 H HD22 . ASN A 1 8  ? 6.682   -4.065 -3.246  1.00 2.84 ? 8  ASN A HD22 7  
ATOM 1244 N N    . PRO A 1 9  ? 1.778   -1.398 -0.689  1.00 0.71 ? 9  PRO A N    7  
ATOM 1245 C CA   . PRO A 1 9  ? 0.436   -0.999 -0.248  1.00 0.86 ? 9  PRO A CA   7  
ATOM 1246 C C    . PRO A 1 9  ? -0.592  -0.983 -1.389  1.00 0.96 ? 9  PRO A C    7  
ATOM 1247 O O    . PRO A 1 9  ? -0.574  -1.838 -2.276  1.00 1.99 ? 9  PRO A O    7  
ATOM 1248 C CB   . PRO A 1 9  ? 0.631   0.417  0.308   1.00 0.94 ? 9  PRO A CB   7  
ATOM 1249 C CG   . PRO A 1 9  ? 2.102   0.631  0.404   1.00 0.91 ? 9  PRO A CG   7  
ATOM 1250 C CD   . PRO A 1 9  ? 2.735   -0.282 -0.602  1.00 0.73 ? 9  PRO A CD   7  
ATOM 1251 H HA   . PRO A 1 9  ? 0.079   -1.646 0.539   1.00 1.10 ? 9  PRO A HA   7  
ATOM 1252 H HB2  . PRO A 1 9  ? 0.177   1.131  -0.362  1.00 1.09 ? 9  PRO A HB2  7  
ATOM 1253 H HB3  . PRO A 1 9  ? 0.163   0.485  1.277   1.00 1.15 ? 9  PRO A HB3  7  
ATOM 1254 H HG2  . PRO A 1 9  ? 2.338   1.660  0.172   1.00 1.17 ? 9  PRO A HG2  7  
ATOM 1255 H HG3  . PRO A 1 9  ? 2.444   0.386  1.399   1.00 1.07 ? 9  PRO A HG3  7  
ATOM 1256 H HD2  . PRO A 1 9  ? 2.840   0.215  -1.556  1.00 0.81 ? 9  PRO A HD2  7  
ATOM 1257 H HD3  . PRO A 1 9  ? 3.701   -0.632 -0.239  1.00 0.83 ? 9  PRO A HD3  7  
ATOM 1258 N N    . LEU A 1 10 ? -1.507  -0.013 -1.328  1.00 0.60 ? 10 LEU A N    7  
ATOM 1259 C CA   . LEU A 1 10 ? -2.565  0.148  -2.325  1.00 0.59 ? 10 LEU A CA   7  
ATOM 1260 C C    . LEU A 1 10 ? -1.998  0.128  -3.743  1.00 0.53 ? 10 LEU A C    7  
ATOM 1261 O O    . LEU A 1 10 ? -2.509  -0.574 -4.618  1.00 0.85 ? 10 LEU A O    7  
ATOM 1262 C CB   . LEU A 1 10 ? -3.318  1.465  -2.056  1.00 0.85 ? 10 LEU A CB   7  
ATOM 1263 C CG   . LEU A 1 10 ? -4.667  1.641  -2.772  1.00 1.22 ? 10 LEU A CG   7  
ATOM 1264 C CD1  . LEU A 1 10 ? -5.489  2.714  -2.073  1.00 1.94 ? 10 LEU A CD1  7  
ATOM 1265 C CD2  . LEU A 1 10 ? -4.475  2.019  -4.234  1.00 1.97 ? 10 LEU A CD2  7  
ATOM 1266 H H    . LEU A 1 10 ? -1.472  0.613  -0.578  1.00 1.27 ? 10 LEU A H    7  
ATOM 1267 H HA   . LEU A 1 10 ? -3.254  -0.674 -2.215  1.00 0.83 ? 10 LEU A HA   7  
ATOM 1268 H HB2  . LEU A 1 10 ? -3.494  1.538  -0.991  1.00 1.26 ? 10 LEU A HB2  7  
ATOM 1269 H HB3  . LEU A 1 10 ? -2.675  2.283  -2.349  1.00 1.29 ? 10 LEU A HB3  7  
ATOM 1270 H HG   . LEU A 1 10 ? -5.218  0.713  -2.730  1.00 1.74 ? 10 LEU A HG   7  
ATOM 1271 H HD11 . LEU A 1 10 ? -6.432  2.835  -2.587  1.00 2.49 ? 10 LEU A HD11 7  
ATOM 1272 H HD12 . LEU A 1 10 ? -4.950  3.648  -2.087  1.00 2.46 ? 10 LEU A HD12 7  
ATOM 1273 H HD13 . LEU A 1 10 ? -5.672  2.417  -1.052  1.00 2.22 ? 10 LEU A HD13 7  
ATOM 1274 H HD21 . LEU A 1 10 ? -3.906  1.248  -4.733  1.00 2.55 ? 10 LEU A HD21 7  
ATOM 1275 H HD22 . LEU A 1 10 ? -3.945  2.957  -4.298  1.00 2.60 ? 10 LEU A HD22 7  
ATOM 1276 H HD23 . LEU A 1 10 ? -5.439  2.117  -4.709  1.00 2.11 ? 10 LEU A HD23 7  
ATOM 1277 N N    . HIS A 1 11 ? -0.927  0.877  -3.958  1.00 0.78 ? 11 HIS A N    7  
ATOM 1278 C CA   . HIS A 1 11 ? -0.337  0.993  -5.281  1.00 1.07 ? 11 HIS A CA   7  
ATOM 1279 C C    . HIS A 1 11 ? 0.700   -0.109 -5.503  1.00 1.13 ? 11 HIS A C    7  
ATOM 1280 O O    . HIS A 1 11 ? 1.904   0.140  -5.472  1.00 1.78 ? 11 HIS A O    7  
ATOM 1281 C CB   . HIS A 1 11 ? 0.296   2.378  -5.454  1.00 1.65 ? 11 HIS A CB   7  
ATOM 1282 C CG   . HIS A 1 11 ? 0.651   2.716  -6.870  1.00 2.27 ? 11 HIS A CG   7  
ATOM 1283 N ND1  . HIS A 1 11 ? -0.215  3.359  -7.726  1.00 2.69 ? 11 HIS A ND1  7  
ATOM 1284 C CD2  . HIS A 1 11 ? 1.790   2.515  -7.574  1.00 3.00 ? 11 HIS A CD2  7  
ATOM 1285 C CE1  . HIS A 1 11 ? 0.373   3.537  -8.891  1.00 3.39 ? 11 HIS A CE1  7  
ATOM 1286 N NE2  . HIS A 1 11 ? 1.592   3.036  -8.828  1.00 3.63 ? 11 HIS A NE2  7  
ATOM 1287 H H    . HIS A 1 11 ? -0.517  1.357  -3.206  1.00 1.05 ? 11 HIS A H    7  
ATOM 1288 H HA   . HIS A 1 11 ? -1.128  0.876  -6.006  1.00 1.20 ? 11 HIS A HA   7  
ATOM 1289 H HB2  . HIS A 1 11 ? -0.395  3.127  -5.101  1.00 1.91 ? 11 HIS A HB2  7  
ATOM 1290 H HB3  . HIS A 1 11 ? 1.200   2.426  -4.865  1.00 1.93 ? 11 HIS A HB3  7  
ATOM 1291 H HD1  . HIS A 1 11 ? -1.131  3.647  -7.506  1.00 2.76 ? 11 HIS A HD1  7  
ATOM 1292 H HD2  . HIS A 1 11 ? 2.689   2.034  -7.215  1.00 3.30 ? 11 HIS A HD2  7  
ATOM 1293 H HE1  . HIS A 1 11 ? -0.067  4.015  -9.754  1.00 3.91 ? 11 HIS A HE1  7  
ATOM 1294 H HE2  . HIS A 1 11 ? 2.299   3.198  -9.489  1.00 4.29 ? 11 HIS A HE2  7  
ATOM 1295 N N    . ASN A 1 12 ? 0.217   -1.325 -5.702  1.00 1.22 ? 12 ASN A N    7  
ATOM 1296 C CA   . ASN A 1 12 ? 1.077   -2.458 -6.020  1.00 1.61 ? 12 ASN A CA   7  
ATOM 1297 C C    . ASN A 1 12 ? 0.312   -3.457 -6.870  1.00 2.36 ? 12 ASN A C    7  
ATOM 1298 O O    . ASN A 1 12 ? -0.547  -4.172 -6.314  1.00 2.92 ? 12 ASN A O    7  
ATOM 1299 C CB   . ASN A 1 12 ? 1.603   -3.142 -4.752  1.00 1.56 ? 12 ASN A CB   7  
ATOM 1300 C CG   . ASN A 1 12 ? 2.455   -4.355 -5.068  1.00 2.33 ? 12 ASN A CG   7  
ATOM 1301 O OD1  . ASN A 1 12 ? 1.992   -5.493 -4.999  1.00 2.99 ? 12 ASN A OD1  7  
ATOM 1302 N ND2  . ASN A 1 12 ? 3.709   -4.118 -5.425  1.00 2.95 ? 12 ASN A ND2  7  
ATOM 1303 O OXT  . ASN A 1 12 ? 0.551   -3.509 -8.095  1.00 2.95 ? 12 ASN A OXT  7  
ATOM 1304 H H    . ASN A 1 12 ? -0.752  -1.470 -5.637  1.00 1.55 ? 12 ASN A H    7  
ATOM 1305 H HA   . ASN A 1 12 ? 1.914   -2.085 -6.593  1.00 2.01 ? 12 ASN A HA   7  
ATOM 1306 H HB2  . ASN A 1 12 ? 2.204   -2.448 -4.183  1.00 1.71 ? 12 ASN A HB2  7  
ATOM 1307 H HB3  . ASN A 1 12 ? 0.766   -3.461 -4.150  1.00 1.76 ? 12 ASN A HB3  7  
ATOM 1308 H HD21 . ASN A 1 12 ? 4.010   -3.185 -5.466  1.00 3.02 ? 12 ASN A HD21 7  
ATOM 1309 H HD22 . ASN A 1 12 ? 4.281   -4.882 -5.645  1.00 3.64 ? 12 ASN A HD22 7  
ATOM 1310 N N    . ARG A 1 1  ? -1.850  4.715  -3.983  1.00 5.33 ? 1  ARG A N    8  
ATOM 1311 C CA   . ARG A 1 1  ? -1.372  4.524  -2.591  1.00 4.32 ? 1  ARG A CA   8  
ATOM 1312 C C    . ARG A 1 1  ? -2.299  5.248  -1.619  1.00 4.18 ? 1  ARG A C    8  
ATOM 1313 O O    . ARG A 1 1  ? -1.958  6.300  -1.082  1.00 4.74 ? 1  ARG A O    8  
ATOM 1314 C CB   . ARG A 1 1  ? 0.065   5.050  -2.456  1.00 4.91 ? 1  ARG A CB   8  
ATOM 1315 C CG   . ARG A 1 1  ? 0.718   4.779  -1.110  1.00 5.44 ? 1  ARG A CG   8  
ATOM 1316 C CD   . ARG A 1 1  ? 2.169   5.237  -1.102  1.00 6.11 ? 1  ARG A CD   8  
ATOM 1317 N NE   . ARG A 1 1  ? 2.830   4.992  0.181   1.00 6.79 ? 1  ARG A NE   8  
ATOM 1318 C CZ   . ARG A 1 1  ? 3.887   5.680  0.613   1.00 7.57 ? 1  ARG A CZ   8  
ATOM 1319 N NH1  . ARG A 1 1  ? 4.420   6.631  -0.142  1.00 7.74 ? 1  ARG A NH1  8  
ATOM 1320 N NH2  . ARG A 1 1  ? 4.417   5.410  1.797   1.00 8.39 ? 1  ARG A NH2  8  
ATOM 1321 H H1   . ARG A 1 1  ? -2.792  4.295  -4.104  1.00 5.64 ? 1  ARG A H1   8  
ATOM 1322 H H2   . ARG A 1 1  ? -1.196  4.271  -4.656  1.00 5.52 ? 1  ARG A H2   8  
ATOM 1323 H H3   . ARG A 1 1  ? -1.909  5.730  -4.202  1.00 5.84 ? 1  ARG A H3   8  
ATOM 1324 H HA   . ARG A 1 1  ? -1.386  3.464  -2.370  1.00 3.50 ? 1  ARG A HA   8  
ATOM 1325 H HB2  . ARG A 1 1  ? 0.675   4.594  -3.219  1.00 5.22 ? 1  ARG A HB2  8  
ATOM 1326 H HB3  . ARG A 1 1  ? 0.054   6.117  -2.610  1.00 5.06 ? 1  ARG A HB3  8  
ATOM 1327 H HG2  . ARG A 1 1  ? 0.177   5.318  -0.347  1.00 5.55 ? 1  ARG A HG2  8  
ATOM 1328 H HG3  . ARG A 1 1  ? 0.680   3.719  -0.905  1.00 5.58 ? 1  ARG A HG3  8  
ATOM 1329 H HD2  . ARG A 1 1  ? 2.702   4.708  -1.877  1.00 6.23 ? 1  ARG A HD2  8  
ATOM 1330 H HD3  . ARG A 1 1  ? 2.196   6.296  -1.311  1.00 6.31 ? 1  ARG A HD3  8  
ATOM 1331 H HE   . ARG A 1 1  ? 2.465   4.280  0.749   1.00 6.86 ? 1  ARG A HE   8  
ATOM 1332 H HH11 . ARG A 1 1  ? 4.033   6.836  -1.044  1.00 7.33 ? 1  ARG A HH11 8  
ATOM 1333 H HH12 . ARG A 1 1  ? 5.213   7.157  0.188   1.00 8.43 ? 1  ARG A HH12 8  
ATOM 1334 H HH21 . ARG A 1 1  ? 4.029   4.686  2.370   1.00 8.47 ? 1  ARG A HH21 8  
ATOM 1335 H HH22 . ARG A 1 1  ? 5.210   5.931  2.127   1.00 9.05 ? 1  ARG A HH22 8  
ATOM 1336 N N    . LEU A 1 2  ? -3.483  4.685  -1.406  1.00 3.65 ? 2  LEU A N    8  
ATOM 1337 C CA   . LEU A 1 2  ? -4.467  5.297  -0.525  1.00 3.53 ? 2  LEU A CA   8  
ATOM 1338 C C    . LEU A 1 2  ? -4.175  4.937  0.924   1.00 2.73 ? 2  LEU A C    8  
ATOM 1339 O O    . LEU A 1 2  ? -4.068  5.811  1.780   1.00 3.21 ? 2  LEU A O    8  
ATOM 1340 C CB   . LEU A 1 2  ? -5.884  4.852  -0.906  1.00 3.90 ? 2  LEU A CB   8  
ATOM 1341 C CG   . LEU A 1 2  ? -7.011  5.471  -0.078  1.00 4.38 ? 2  LEU A CG   8  
ATOM 1342 C CD1  . LEU A 1 2  ? -7.062  6.978  -0.279  1.00 5.35 ? 2  LEU A CD1  8  
ATOM 1343 C CD2  . LEU A 1 2  ? -8.344  4.839  -0.441  1.00 4.39 ? 2  LEU A CD2  8  
ATOM 1344 H H    . LEU A 1 2  ? -3.701  3.843  -1.856  1.00 3.54 ? 2  LEU A H    8  
ATOM 1345 H HA   . LEU A 1 2  ? -4.391  6.368  -0.639  1.00 3.89 ? 2  LEU A HA   8  
ATOM 1346 H HB2  . LEU A 1 2  ? -6.048  5.104  -1.944  1.00 4.43 ? 2  LEU A HB2  8  
ATOM 1347 H HB3  . LEU A 1 2  ? -5.940  3.781  -0.802  1.00 3.67 ? 2  LEU A HB3  8  
ATOM 1348 H HG   . LEU A 1 2  ? -6.826  5.282  0.970   1.00 4.45 ? 2  LEU A HG   8  
ATOM 1349 H HD11 . LEU A 1 2  ? -6.126  7.415  0.036   1.00 5.80 ? 2  LEU A HD11 8  
ATOM 1350 H HD12 . LEU A 1 2  ? -7.868  7.393  0.307   1.00 5.60 ? 2  LEU A HD12 8  
ATOM 1351 H HD13 . LEU A 1 2  ? -7.226  7.196  -1.324  1.00 5.66 ? 2  LEU A HD13 8  
ATOM 1352 H HD21 . LEU A 1 2  ? -8.306  3.777  -0.245  1.00 4.59 ? 2  LEU A HD21 8  
ATOM 1353 H HD22 . LEU A 1 2  ? -8.548  5.004  -1.490  1.00 4.51 ? 2  LEU A HD22 8  
ATOM 1354 H HD23 . LEU A 1 2  ? -9.130  5.286  0.152   1.00 4.55 ? 2  LEU A HD23 8  
ATOM 1355 N N    . VAL A 1 3  ? -4.041  3.645  1.190   1.00 1.81 ? 3  VAL A N    8  
ATOM 1356 C CA   . VAL A 1 3  ? -3.718  3.188  2.528   1.00 1.16 ? 3  VAL A CA   8  
ATOM 1357 C C    . VAL A 1 3  ? -2.253  2.756  2.600   1.00 0.79 ? 3  VAL A C    8  
ATOM 1358 O O    . VAL A 1 3  ? -1.864  1.725  2.049   1.00 1.09 ? 3  VAL A O    8  
ATOM 1359 C CB   . VAL A 1 3  ? -4.659  2.048  2.996   1.00 1.42 ? 3  VAL A CB   8  
ATOM 1360 C CG1  . VAL A 1 3  ? -4.625  0.854  2.053   1.00 2.24 ? 3  VAL A CG1  8  
ATOM 1361 C CG2  . VAL A 1 3  ? -4.314  1.620  4.414   1.00 2.32 ? 3  VAL A CG2  8  
ATOM 1362 H H    . VAL A 1 3  ? -4.156  2.989  0.473   1.00 1.94 ? 3  VAL A H    8  
ATOM 1363 H HA   . VAL A 1 3  ? -3.859  4.026  3.196   1.00 1.58 ? 3  VAL A HA   8  
ATOM 1364 H HB   . VAL A 1 3  ? -5.668  2.433  3.004   1.00 1.60 ? 3  VAL A HB   8  
ATOM 1365 H HG11 . VAL A 1 3  ? -4.943  1.165  1.070   1.00 2.90 ? 3  VAL A HG11 8  
ATOM 1366 H HG12 . VAL A 1 3  ? -5.289  0.086  2.420   1.00 2.68 ? 3  VAL A HG12 8  
ATOM 1367 H HG13 . VAL A 1 3  ? -3.619  0.465  2.000   1.00 2.49 ? 3  VAL A HG13 8  
ATOM 1368 H HG21 . VAL A 1 3  ? -3.293  1.269  4.446   1.00 2.79 ? 3  VAL A HG21 8  
ATOM 1369 H HG22 . VAL A 1 3  ? -4.977  0.825  4.720   1.00 2.64 ? 3  VAL A HG22 8  
ATOM 1370 H HG23 . VAL A 1 3  ? -4.426  2.461  5.082   1.00 2.92 ? 3  VAL A HG23 8  
ATOM 1371 N N    . PRO A 1 4  ? -1.405  3.577  3.235   1.00 1.19 ? 4  PRO A N    8  
ATOM 1372 C CA   . PRO A 1 4  ? 0.019   3.285  3.384   1.00 1.55 ? 4  PRO A CA   8  
ATOM 1373 C C    . PRO A 1 4  ? 0.282   2.209  4.435   1.00 1.20 ? 4  PRO A C    8  
ATOM 1374 O O    . PRO A 1 4  ? 0.603   2.511  5.587   1.00 1.69 ? 4  PRO A O    8  
ATOM 1375 C CB   . PRO A 1 4  ? 0.629   4.626  3.826   1.00 2.47 ? 4  PRO A CB   8  
ATOM 1376 C CG   . PRO A 1 4  ? -0.471  5.631  3.722   1.00 2.67 ? 4  PRO A CG   8  
ATOM 1377 C CD   . PRO A 1 4  ? -1.753  4.864  3.843   1.00 1.97 ? 4  PRO A CD   8  
ATOM 1378 H HA   . PRO A 1 4  ? 0.455   2.981  2.443   1.00 1.82 ? 4  PRO A HA   8  
ATOM 1379 H HB2  . PRO A 1 4  ? 0.987   4.539  4.841   1.00 2.71 ? 4  PRO A HB2  8  
ATOM 1380 H HB3  . PRO A 1 4  ? 1.451   4.878  3.174   1.00 2.93 ? 4  PRO A HB3  8  
ATOM 1381 H HG2  . PRO A 1 4  ? -0.387  6.351  4.525   1.00 3.01 ? 4  PRO A HG2  8  
ATOM 1382 H HG3  . PRO A 1 4  ? -0.422  6.130  2.766   1.00 3.21 ? 4  PRO A HG3  8  
ATOM 1383 H HD2  . PRO A 1 4  ? -2.029  4.744  4.881   1.00 2.08 ? 4  PRO A HD2  8  
ATOM 1384 H HD3  . PRO A 1 4  ? -2.539  5.356  3.292   1.00 2.24 ? 4  PRO A HD3  8  
ATOM 1385 N N    . SER A 1 5  ? 0.135   0.954  4.035   1.00 0.70 ? 5  SER A N    8  
ATOM 1386 C CA   . SER A 1 5  ? 0.366   -0.168 4.931   1.00 1.12 ? 5  SER A CA   8  
ATOM 1387 C C    . SER A 1 5  ? 1.780   -0.719 4.754   1.00 0.92 ? 5  SER A C    8  
ATOM 1388 O O    . SER A 1 5  ? 1.966   -1.913 4.511   1.00 1.52 ? 5  SER A O    8  
ATOM 1389 C CB   . SER A 1 5  ? -0.668  -1.259 4.650   1.00 1.85 ? 5  SER A CB   8  
ATOM 1390 O OG   . SER A 1 5  ? -0.724  -1.556 3.262   1.00 2.58 ? 5  SER A OG   8  
ATOM 1391 H H    . SER A 1 5  ? -0.149  0.773  3.112   1.00 0.56 ? 5  SER A H    8  
ATOM 1392 H HA   . SER A 1 5  ? 0.247   0.182  5.945   1.00 1.51 ? 5  SER A HA   8  
ATOM 1393 H HB2  . SER A 1 5  ? -0.398  -2.157 5.187   1.00 2.27 ? 5  SER A HB2  8  
ATOM 1394 H HB3  . SER A 1 5  ? -1.641  -0.924 4.974   1.00 2.17 ? 5  SER A HB3  8  
ATOM 1395 H HG   . SER A 1 5  ? 0.049   -2.077 3.015   1.00 3.02 ? 5  SER A HG   8  
ATOM 1396 N N    . GLY A 1 6  ? 2.773   0.150  4.887   1.00 0.53 ? 6  GLY A N    8  
ATOM 1397 C CA   . GLY A 1 6  ? 4.139   -0.256 4.622   1.00 0.54 ? 6  GLY A CA   8  
ATOM 1398 C C    . GLY A 1 6  ? 4.370   -0.430 3.139   1.00 0.40 ? 6  GLY A C    8  
ATOM 1399 O O    . GLY A 1 6  ? 4.010   0.443  2.350   1.00 0.40 ? 6  GLY A O    8  
ATOM 1400 H H    . GLY A 1 6  ? 2.578   1.073  5.161   1.00 0.88 ? 6  GLY A H    8  
ATOM 1401 H HA2  . GLY A 1 6  ? 4.817   0.491  5.001   1.00 0.76 ? 6  GLY A HA2  8  
ATOM 1402 H HA3  . GLY A 1 6  ? 4.329   -1.193 5.119   1.00 0.74 ? 6  GLY A HA3  8  
ATOM 1403 N N    . PRO A 1 7  ? 4.960   -1.553 2.725   1.00 0.49 ? 7  PRO A N    8  
ATOM 1404 C CA   . PRO A 1 7  ? 5.113   -1.875 1.314   1.00 0.53 ? 7  PRO A CA   8  
ATOM 1405 C C    . PRO A 1 7  ? 3.845   -2.489 0.762   1.00 0.57 ? 7  PRO A C    8  
ATOM 1406 O O    . PRO A 1 7  ? 3.036   -3.043 1.513   1.00 0.78 ? 7  PRO A O    8  
ATOM 1407 C CB   . PRO A 1 7  ? 6.236   -2.900 1.330   1.00 0.79 ? 7  PRO A CB   8  
ATOM 1408 C CG   . PRO A 1 7  ? 5.985   -3.644 2.590   1.00 0.90 ? 7  PRO A CG   8  
ATOM 1409 C CD   . PRO A 1 7  ? 5.527   -2.605 3.587   1.00 0.71 ? 7  PRO A CD   8  
ATOM 1410 H HA   . PRO A 1 7  ? 5.390   -1.015 0.722   1.00 0.59 ? 7  PRO A HA   8  
ATOM 1411 H HB2  . PRO A 1 7  ? 6.164   -3.540 0.461   1.00 0.88 ? 7  PRO A HB2  8  
ATOM 1412 H HB3  . PRO A 1 7  ? 7.192   -2.400 1.348   1.00 0.90 ? 7  PRO A HB3  8  
ATOM 1413 H HG2  . PRO A 1 7  ? 5.209   -4.379 2.431   1.00 1.01 ? 7  PRO A HG2  8  
ATOM 1414 H HG3  . PRO A 1 7  ? 6.884   -4.119 2.920   1.00 1.11 ? 7  PRO A HG3  8  
ATOM 1415 H HD2  . PRO A 1 7  ? 4.773   -3.016 4.241   1.00 0.78 ? 7  PRO A HD2  8  
ATOM 1416 H HD3  . PRO A 1 7  ? 6.360   -2.223 4.159   1.00 0.82 ? 7  PRO A HD3  8  
ATOM 1417 N N    . ASN A 1 8  ? 3.692   -2.400 -0.545  1.00 0.65 ? 8  ASN A N    8  
ATOM 1418 C CA   . ASN A 1 8  ? 2.477   -2.836 -1.213  1.00 0.83 ? 8  ASN A CA   8  
ATOM 1419 C C    . ASN A 1 8  ? 1.234   -2.248 -0.528  1.00 0.79 ? 8  ASN A C    8  
ATOM 1420 O O    . ASN A 1 8  ? 0.377   -2.977 -0.028  1.00 1.02 ? 8  ASN A O    8  
ATOM 1421 C CB   . ASN A 1 8  ? 2.426   -4.369 -1.248  1.00 1.11 ? 8  ASN A CB   8  
ATOM 1422 C CG   . ASN A 1 8  ? 1.146   -4.911 -1.862  1.00 1.84 ? 8  ASN A CG   8  
ATOM 1423 O OD1  . ASN A 1 8  ? 0.593   -4.324 -2.793  1.00 2.65 ? 8  ASN A OD1  8  
ATOM 1424 N ND2  . ASN A 1 8  ? 0.659   -6.021 -1.335  1.00 2.25 ? 8  ASN A ND2  8  
ATOM 1425 H H    . ASN A 1 8  ? 4.426   -2.034 -1.083  1.00 0.75 ? 8  ASN A H    8  
ATOM 1426 H HA   . ASN A 1 8  ? 2.515   -2.467 -2.226  1.00 0.94 ? 8  ASN A HA   8  
ATOM 1427 H HB2  . ASN A 1 8  ? 3.255   -4.725 -1.843  1.00 1.18 ? 8  ASN A HB2  8  
ATOM 1428 H HB3  . ASN A 1 8  ? 2.526   -4.750 -0.237  1.00 1.43 ? 8  ASN A HB3  8  
ATOM 1429 H HD21 . ASN A 1 8  ? 1.144   -6.431 -0.587  1.00 2.35 ? 8  ASN A HD21 8  
ATOM 1430 H HD22 . ASN A 1 8  ? -0.171  -6.385 -1.709  1.00 2.84 ? 8  ASN A HD22 8  
ATOM 1431 N N    . PRO A 1 9  ? 1.139   -0.905 -0.452  1.00 0.71 ? 9  PRO A N    8  
ATOM 1432 C CA   . PRO A 1 9  ? -0.054  -0.239 0.074   1.00 0.86 ? 9  PRO A CA   8  
ATOM 1433 C C    . PRO A 1 9  ? -1.286  -0.554 -0.772  1.00 0.96 ? 9  PRO A C    8  
ATOM 1434 O O    . PRO A 1 9  ? -2.179  -1.284 -0.342  1.00 1.99 ? 9  PRO A O    8  
ATOM 1435 C CB   . PRO A 1 9  ? 0.295   1.252  -0.016  1.00 0.94 ? 9  PRO A CB   8  
ATOM 1436 C CG   . PRO A 1 9  ? 1.782   1.295  -0.082  1.00 0.91 ? 9  PRO A CG   8  
ATOM 1437 C CD   . PRO A 1 9  ? 2.185   0.062  -0.828  1.00 0.73 ? 9  PRO A CD   8  
ATOM 1438 H HA   . PRO A 1 9  ? -0.240  -0.510 1.104   1.00 1.10 ? 9  PRO A HA   8  
ATOM 1439 H HB2  . PRO A 1 9  ? -0.154  1.678  -0.900  1.00 1.09 ? 9  PRO A HB2  8  
ATOM 1440 H HB3  . PRO A 1 9  ? -0.074  1.762  0.861   1.00 1.15 ? 9  PRO A HB3  8  
ATOM 1441 H HG2  . PRO A 1 9  ? 2.102   2.179  -0.613  1.00 1.17 ? 9  PRO A HG2  8  
ATOM 1442 H HG3  . PRO A 1 9  ? 2.195   1.281  0.915   1.00 1.07 ? 9  PRO A HG3  8  
ATOM 1443 H HD2  . PRO A 1 9  ? 2.182   0.243  -1.890  1.00 0.81 ? 9  PRO A HD2  8  
ATOM 1444 H HD3  . PRO A 1 9  ? 3.163   -0.279 -0.498  1.00 0.83 ? 9  PRO A HD3  8  
ATOM 1445 N N    . LEU A 1 10 ? -1.307  -0.014 -1.988  1.00 0.60 ? 10 LEU A N    8  
ATOM 1446 C CA   . LEU A 1 10 ? -2.396  -0.253 -2.930  1.00 0.59 ? 10 LEU A CA   8  
ATOM 1447 C C    . LEU A 1 10 ? -1.938  0.021  -4.355  1.00 0.53 ? 10 LEU A C    8  
ATOM 1448 O O    . LEU A 1 10 ? -2.742  0.354  -5.223  1.00 0.85 ? 10 LEU A O    8  
ATOM 1449 C CB   . LEU A 1 10 ? -3.590  0.645  -2.603  1.00 0.85 ? 10 LEU A CB   8  
ATOM 1450 C CG   . LEU A 1 10 ? -4.601  0.074  -1.610  1.00 1.22 ? 10 LEU A CG   8  
ATOM 1451 C CD1  . LEU A 1 10 ? -5.682  1.099  -1.312  1.00 1.94 ? 10 LEU A CD1  8  
ATOM 1452 C CD2  . LEU A 1 10 ? -5.223  -1.204 -2.151  1.00 1.97 ? 10 LEU A CD2  8  
ATOM 1453 H H    . LEU A 1 10 ? -0.570  0.572  -2.256  1.00 1.27 ? 10 LEU A H    8  
ATOM 1454 H HA   . LEU A 1 10 ? -2.693  -1.286 -2.848  1.00 0.83 ? 10 LEU A HA   8  
ATOM 1455 H HB2  . LEU A 1 10 ? -3.204  1.568  -2.200  1.00 1.26 ? 10 LEU A HB2  8  
ATOM 1456 H HB3  . LEU A 1 10 ? -4.108  0.864  -3.526  1.00 1.29 ? 10 LEU A HB3  8  
ATOM 1457 H HG   . LEU A 1 10 ? -4.097  -0.161 -0.684  1.00 1.74 ? 10 LEU A HG   8  
ATOM 1458 H HD11 . LEU A 1 10 ? -6.404  0.673  -0.629  1.00 2.49 ? 10 LEU A HD11 8  
ATOM 1459 H HD12 . LEU A 1 10 ? -6.177  1.379  -2.230  1.00 2.46 ? 10 LEU A HD12 8  
ATOM 1460 H HD13 . LEU A 1 10 ? -5.235  1.971  -0.863  1.00 2.22 ? 10 LEU A HD13 8  
ATOM 1461 H HD21 . LEU A 1 10 ? -5.688  -1.003 -3.106  1.00 2.55 ? 10 LEU A HD21 8  
ATOM 1462 H HD22 . LEU A 1 10 ? -5.967  -1.564 -1.458  1.00 2.60 ? 10 LEU A HD22 8  
ATOM 1463 H HD23 . LEU A 1 10 ? -4.455  -1.953 -2.275  1.00 2.11 ? 10 LEU A HD23 8  
ATOM 1464 N N    . HIS A 1 11 ? -0.642  -0.104 -4.588  1.00 0.78 ? 11 HIS A N    8  
ATOM 1465 C CA   . HIS A 1 11 ? -0.073  0.243  -5.889  1.00 1.07 ? 11 HIS A CA   8  
ATOM 1466 C C    . HIS A 1 11 ? 0.883   -0.841 -6.398  1.00 1.13 ? 11 HIS A C    8  
ATOM 1467 O O    . HIS A 1 11 ? 1.026   -1.022 -7.609  1.00 1.78 ? 11 HIS A O    8  
ATOM 1468 C CB   . HIS A 1 11 ? 0.650   1.591  -5.784  1.00 1.65 ? 11 HIS A CB   8  
ATOM 1469 C CG   . HIS A 1 11 ? 1.084   2.170  -7.096  1.00 2.27 ? 11 HIS A CG   8  
ATOM 1470 N ND1  . HIS A 1 11 ? 0.303   3.035  -7.831  1.00 2.69 ? 11 HIS A ND1  8  
ATOM 1471 C CD2  . HIS A 1 11 ? 2.238   2.030  -7.789  1.00 3.00 ? 11 HIS A CD2  8  
ATOM 1472 C CE1  . HIS A 1 11 ? 0.957   3.401  -8.915  1.00 3.39 ? 11 HIS A CE1  8  
ATOM 1473 N NE2  . HIS A 1 11 ? 2.134   2.808  -8.913  1.00 3.63 ? 11 HIS A NE2  8  
ATOM 1474 H H    . HIS A 1 11 ? -0.062  -0.431 -3.875  1.00 1.05 ? 11 HIS A H    8  
ATOM 1475 H HA   . HIS A 1 11 ? -0.888  0.339  -6.588  1.00 1.20 ? 11 HIS A HA   8  
ATOM 1476 H HB2  . HIS A 1 11 ? -0.008  2.305  -5.315  1.00 1.91 ? 11 HIS A HB2  8  
ATOM 1477 H HB3  . HIS A 1 11 ? 1.528   1.468  -5.170  1.00 1.93 ? 11 HIS A HB3  8  
ATOM 1478 H HD1  . HIS A 1 11 ? -0.599  3.346  -7.586  1.00 2.76 ? 11 HIS A HD1  8  
ATOM 1479 H HD2  . HIS A 1 11 ? 3.083   1.417  -7.509  1.00 3.30 ? 11 HIS A HD2  8  
ATOM 1480 H HE1  . HIS A 1 11 ? 0.590   4.075  -9.675  1.00 3.91 ? 11 HIS A HE1  8  
ATOM 1481 H HE2  . HIS A 1 11 ? 2.878   3.038  -9.509  1.00 4.29 ? 11 HIS A HE2  8  
ATOM 1482 N N    . ASN A 1 12 ? 1.540   -1.542 -5.480  1.00 1.22 ? 12 ASN A N    8  
ATOM 1483 C CA   . ASN A 1 12 ? 2.504   -2.581 -5.844  1.00 1.61 ? 12 ASN A CA   8  
ATOM 1484 C C    . ASN A 1 12 ? 1.841   -3.681 -6.662  1.00 2.36 ? 12 ASN A C    8  
ATOM 1485 O O    . ASN A 1 12 ? 0.937   -4.359 -6.129  1.00 2.92 ? 12 ASN A O    8  
ATOM 1486 C CB   . ASN A 1 12 ? 3.167   -3.170 -4.590  1.00 1.56 ? 12 ASN A CB   8  
ATOM 1487 C CG   . ASN A 1 12 ? 4.134   -4.299 -4.903  1.00 2.33 ? 12 ASN A CG   8  
ATOM 1488 O OD1  . ASN A 1 12 ? 5.319   -4.067 -5.151  1.00 2.99 ? 12 ASN A OD1  8  
ATOM 1489 N ND2  . ASN A 1 12 ? 3.644   -5.529 -4.876  1.00 2.95 ? 12 ASN A ND2  8  
ATOM 1490 O OXT  . ASN A 1 12 ? 2.229   -3.872 -7.835  1.00 2.95 ? 12 ASN A OXT  8  
ATOM 1491 H H    . ASN A 1 12 ? 1.378   -1.359 -4.536  1.00 1.55 ? 12 ASN A H    8  
ATOM 1492 H HA   . ASN A 1 12 ? 3.267   -2.117 -6.451  1.00 2.01 ? 12 ASN A HA   8  
ATOM 1493 H HB2  . ASN A 1 12 ? 3.716   -2.389 -4.085  1.00 1.71 ? 12 ASN A HB2  8  
ATOM 1494 H HB3  . ASN A 1 12 ? 2.403   -3.551 -3.925  1.00 1.76 ? 12 ASN A HB3  8  
ATOM 1495 H HD21 . ASN A 1 12 ? 2.693   -5.643 -4.661  1.00 3.02 ? 12 ASN A HD21 8  
ATOM 1496 H HD22 . ASN A 1 12 ? 4.253   -6.276 -5.066  1.00 3.64 ? 12 ASN A HD22 8  
ATOM 1497 N N    . ARG A 1 1  ? -2.724  4.947  -4.003  1.00 5.33 ? 1  ARG A N    9  
ATOM 1498 C CA   . ARG A 1 1  ? -2.140  4.667  -2.668  1.00 4.32 ? 1  ARG A CA   9  
ATOM 1499 C C    . ARG A 1 1  ? -2.939  5.382  -1.581  1.00 4.18 ? 1  ARG A C    9  
ATOM 1500 O O    . ARG A 1 1  ? -2.441  6.299  -0.929  1.00 4.74 ? 1  ARG A O    9  
ATOM 1501 C CB   . ARG A 1 1  ? -0.671  5.108  -2.625  1.00 4.91 ? 1  ARG A CB   9  
ATOM 1502 C CG   . ARG A 1 1  ? 0.231   4.318  -3.559  1.00 5.44 ? 1  ARG A CG   9  
ATOM 1503 C CD   . ARG A 1 1  ? 1.603   4.962  -3.704  1.00 6.11 ? 1  ARG A CD   9  
ATOM 1504 N NE   . ARG A 1 1  ? 2.332   5.016  -2.435  1.00 6.79 ? 1  ARG A NE   9  
ATOM 1505 C CZ   . ARG A 1 1  ? 3.664   5.009  -2.342  1.00 7.57 ? 1  ARG A CZ   9  
ATOM 1506 N NH1  . ARG A 1 1  ? 4.414   4.947  -3.437  1.00 7.74 ? 1  ARG A NH1  9  
ATOM 1507 N NH2  . ARG A 1 1  ? 4.247   5.070  -1.149  1.00 8.39 ? 1  ARG A NH2  9  
ATOM 1508 H H1   . ARG A 1 1  ? -3.700  4.590  -4.054  1.00 5.64 ? 1  ARG A H1   9  
ATOM 1509 H H2   . ARG A 1 1  ? -2.164  4.486  -4.746  1.00 5.52 ? 1  ARG A H2   9  
ATOM 1510 H H3   . ARG A 1 1  ? -2.734  5.972  -4.182  1.00 5.84 ? 1  ARG A H3   9  
ATOM 1511 H HA   . ARG A 1 1  ? -2.193  3.600  -2.493  1.00 3.50 ? 1  ARG A HA   9  
ATOM 1512 H HB2  . ARG A 1 1  ? -0.610  6.150  -2.898  1.00 5.22 ? 1  ARG A HB2  9  
ATOM 1513 H HB3  . ARG A 1 1  ? -0.299  4.987  -1.619  1.00 5.06 ? 1  ARG A HB3  9  
ATOM 1514 H HG2  . ARG A 1 1  ? 0.355   3.323  -3.161  1.00 5.55 ? 1  ARG A HG2  9  
ATOM 1515 H HG3  . ARG A 1 1  ? -0.236  4.262  -4.531  1.00 5.58 ? 1  ARG A HG3  9  
ATOM 1516 H HD2  . ARG A 1 1  ? 2.179   4.389  -4.412  1.00 6.23 ? 1  ARG A HD2  9  
ATOM 1517 H HD3  . ARG A 1 1  ? 1.476   5.966  -4.076  1.00 6.31 ? 1  ARG A HD3  9  
ATOM 1518 H HE   . ARG A 1 1  ? 1.799   5.070  -1.610  1.00 6.86 ? 1  ARG A HE   9  
ATOM 1519 H HH11 . ARG A 1 1  ? 3.984   4.903  -4.343  1.00 7.33 ? 1  ARG A HH11 9  
ATOM 1520 H HH12 . ARG A 1 1  ? 5.417   4.944  -3.366  1.00 8.43 ? 1  ARG A HH12 9  
ATOM 1521 H HH21 . ARG A 1 1  ? 3.689   5.123  -0.314  1.00 8.47 ? 1  ARG A HH21 9  
ATOM 1522 H HH22 . ARG A 1 1  ? 5.249   5.069  -1.079  1.00 9.05 ? 1  ARG A HH22 9  
ATOM 1523 N N    . LEU A 1 2  ? -4.177  4.948  -1.384  1.00 3.65 ? 2  LEU A N    9  
ATOM 1524 C CA   . LEU A 1 2  ? -5.071  5.578  -0.416  1.00 3.53 ? 2  LEU A CA   9  
ATOM 1525 C C    . LEU A 1 2  ? -4.770  5.083  0.989   1.00 2.73 ? 2  LEU A C    9  
ATOM 1526 O O    . LEU A 1 2  ? -4.896  5.828  1.959   1.00 3.21 ? 2  LEU A O    9  
ATOM 1527 C CB   . LEU A 1 2  ? -6.543  5.310  -0.759  1.00 3.90 ? 2  LEU A CB   9  
ATOM 1528 C CG   . LEU A 1 2  ? -7.158  6.195  -1.856  1.00 4.38 ? 2  LEU A CG   9  
ATOM 1529 C CD1  . LEU A 1 2  ? -7.060  7.666  -1.482  1.00 5.35 ? 2  LEU A CD1  9  
ATOM 1530 C CD2  . LEU A 1 2  ? -6.499  5.941  -3.204  1.00 4.39 ? 2  LEU A CD2  9  
ATOM 1531 H H    . LEU A 1 2  ? -4.497  4.175  -1.893  1.00 3.54 ? 2  LEU A H    9  
ATOM 1532 H HA   . LEU A 1 2  ? -4.892  6.642  -0.451  1.00 3.89 ? 2  LEU A HA   9  
ATOM 1533 H HB2  . LEU A 1 2  ? -6.629  4.281  -1.070  1.00 4.43 ? 2  LEU A HB2  9  
ATOM 1534 H HB3  . LEU A 1 2  ? -7.126  5.441  0.143   1.00 3.67 ? 2  LEU A HB3  9  
ATOM 1535 H HG   . LEU A 1 2  ? -8.208  5.951  -1.950  1.00 4.45 ? 2  LEU A HG   9  
ATOM 1536 H HD11 . LEU A 1 2  ? -6.022  7.951  -1.407  1.00 5.80 ? 2  LEU A HD11 9  
ATOM 1537 H HD12 . LEU A 1 2  ? -7.548  7.830  -0.532  1.00 5.60 ? 2  LEU A HD12 9  
ATOM 1538 H HD13 . LEU A 1 2  ? -7.544  8.264  -2.243  1.00 5.66 ? 2  LEU A HD13 9  
ATOM 1539 H HD21 . LEU A 1 2  ? -6.694  4.926  -3.514  1.00 4.59 ? 2  LEU A HD21 9  
ATOM 1540 H HD22 . LEU A 1 2  ? -5.435  6.094  -3.118  1.00 4.51 ? 2  LEU A HD22 9  
ATOM 1541 H HD23 . LEU A 1 2  ? -6.903  6.625  -3.937  1.00 4.55 ? 2  LEU A HD23 9  
ATOM 1542 N N    . VAL A 1 3  ? -4.374  3.824  1.095   1.00 1.81 ? 3  VAL A N    9  
ATOM 1543 C CA   . VAL A 1 3  ? -3.974  3.264  2.375   1.00 1.16 ? 3  VAL A CA   9  
ATOM 1544 C C    . VAL A 1 3  ? -2.473  3.008  2.368   1.00 0.79 ? 3  VAL A C    9  
ATOM 1545 O O    . VAL A 1 3  ? -2.013  1.980  1.869   1.00 1.09 ? 3  VAL A O    9  
ATOM 1546 C CB   . VAL A 1 3  ? -4.730  1.953  2.697   1.00 1.42 ? 3  VAL A CB   9  
ATOM 1547 C CG1  . VAL A 1 3  ? -4.295  1.389  4.043   1.00 2.24 ? 3  VAL A CG1  9  
ATOM 1548 C CG2  . VAL A 1 3  ? -6.233  2.185  2.681   1.00 2.32 ? 3  VAL A CG2  9  
ATOM 1549 H H    . VAL A 1 3  ? -4.344  3.257  0.292   1.00 1.94 ? 3  VAL A H    9  
ATOM 1550 H HA   . VAL A 1 3  ? -4.203  3.988  3.141   1.00 1.58 ? 3  VAL A HA   9  
ATOM 1551 H HB   . VAL A 1 3  ? -4.491  1.226  1.936   1.00 1.60 ? 3  VAL A HB   9  
ATOM 1552 H HG11 . VAL A 1 3  ? -4.500  2.111  4.819   1.00 2.90 ? 3  VAL A HG11 9  
ATOM 1553 H HG12 . VAL A 1 3  ? -3.236  1.177  4.020   1.00 2.68 ? 3  VAL A HG12 9  
ATOM 1554 H HG13 . VAL A 1 3  ? -4.840  0.478  4.245   1.00 2.49 ? 3  VAL A HG13 9  
ATOM 1555 H HG21 . VAL A 1 3  ? -6.490  2.934  3.416   1.00 2.79 ? 3  VAL A HG21 9  
ATOM 1556 H HG22 . VAL A 1 3  ? -6.741  1.262  2.914   1.00 2.64 ? 3  VAL A HG22 9  
ATOM 1557 H HG23 . VAL A 1 3  ? -6.535  2.525  1.701   1.00 2.92 ? 3  VAL A HG23 9  
ATOM 1558 N N    . PRO A 1 4  ? -1.685  3.964  2.884   1.00 1.19 ? 4  PRO A N    9  
ATOM 1559 C CA   . PRO A 1 4  ? -0.231  3.859  2.925   1.00 1.55 ? 4  PRO A CA   9  
ATOM 1560 C C    . PRO A 1 4  ? 0.241   2.919  4.032   1.00 1.20 ? 4  PRO A C    9  
ATOM 1561 O O    . PRO A 1 4  ? 0.766   3.362  5.054   1.00 1.69 ? 4  PRO A O    9  
ATOM 1562 C CB   . PRO A 1 4  ? 0.241   5.298  3.204   1.00 2.47 ? 4  PRO A CB   9  
ATOM 1563 C CG   . PRO A 1 4  ? -0.990  6.147  3.181   1.00 2.67 ? 4  PRO A CG   9  
ATOM 1564 C CD   . PRO A 1 4  ? -2.139  5.229  3.469   1.00 1.97 ? 4  PRO A CD   9  
ATOM 1565 H HA   . PRO A 1 4  ? 0.162   3.528  1.976   1.00 1.82 ? 4  PRO A HA   9  
ATOM 1566 H HB2  . PRO A 1 4  ? 0.723   5.334  4.169   1.00 2.71 ? 4  PRO A HB2  9  
ATOM 1567 H HB3  . PRO A 1 4  ? 0.940   5.601  2.439   1.00 2.93 ? 4  PRO A HB3  9  
ATOM 1568 H HG2  . PRO A 1 4  ? -0.922  6.913  3.940   1.00 3.01 ? 4  PRO A HG2  9  
ATOM 1569 H HG3  . PRO A 1 4  ? -1.106  6.598  2.206   1.00 3.21 ? 4  PRO A HG3  9  
ATOM 1570 H HD2  . PRO A 1 4  ? -2.295  5.134  4.534   1.00 2.08 ? 4  PRO A HD2  9  
ATOM 1571 H HD3  . PRO A 1 4  ? -3.036  5.581  2.981   1.00 2.24 ? 4  PRO A HD3  9  
ATOM 1572 N N    . SER A 1 5  ? 0.046   1.624  3.831   1.00 0.70 ? 5  SER A N    9  
ATOM 1573 C CA   . SER A 1 5  ? 0.394   0.643  4.844   1.00 1.12 ? 5  SER A CA   9  
ATOM 1574 C C    . SER A 1 5  ? 1.177   -0.511 4.236   1.00 0.92 ? 5  SER A C    9  
ATOM 1575 O O    . SER A 1 5  ? 0.829   -1.015 3.167   1.00 1.52 ? 5  SER A O    9  
ATOM 1576 C CB   . SER A 1 5  ? -0.869  0.118  5.524   1.00 1.85 ? 5  SER A CB   9  
ATOM 1577 O OG   . SER A 1 5  ? -1.581  1.165  6.167   1.00 2.58 ? 5  SER A OG   9  
ATOM 1578 H H    . SER A 1 5  ? -0.336  1.317  2.977   1.00 0.56 ? 5  SER A H    9  
ATOM 1579 H HA   . SER A 1 5  ? 1.011   1.133  5.580   1.00 1.51 ? 5  SER A HA   9  
ATOM 1580 H HB2  . SER A 1 5  ? -1.513  -0.336 4.784   1.00 2.27 ? 5  SER A HB2  9  
ATOM 1581 H HB3  . SER A 1 5  ? -0.596  -0.620 6.264   1.00 2.17 ? 5  SER A HB3  9  
ATOM 1582 H HG   . SER A 1 5  ? -2.412  0.818  6.517   1.00 3.02 ? 5  SER A HG   9  
ATOM 1583 N N    . GLY A 1 6  ? 2.241   -0.911 4.922   1.00 0.53 ? 6  GLY A N    9  
ATOM 1584 C CA   . GLY A 1 6  ? 3.046   -2.027 4.473   1.00 0.54 ? 6  GLY A CA   9  
ATOM 1585 C C    . GLY A 1 6  ? 3.867   -1.697 3.243   1.00 0.40 ? 6  GLY A C    9  
ATOM 1586 O O    . GLY A 1 6  ? 3.970   -0.528 2.853   1.00 0.40 ? 6  GLY A O    9  
ATOM 1587 H H    . GLY A 1 6  ? 2.483   -0.438 5.746   1.00 0.88 ? 6  GLY A H    9  
ATOM 1588 H HA2  . GLY A 1 6  ? 3.712   -2.320 5.269   1.00 0.76 ? 6  GLY A HA2  9  
ATOM 1589 H HA3  . GLY A 1 6  ? 2.393   -2.856 4.242   1.00 0.74 ? 6  GLY A HA3  9  
ATOM 1590 N N    . PRO A 1 7  ? 4.489   -2.707 2.623   1.00 0.49 ? 7  PRO A N    9  
ATOM 1591 C CA   . PRO A 1 7  ? 5.236   -2.525 1.383   1.00 0.53 ? 7  PRO A CA   9  
ATOM 1592 C C    . PRO A 1 7  ? 4.309   -2.361 0.183   1.00 0.57 ? 7  PRO A C    9  
ATOM 1593 O O    . PRO A 1 7  ? 3.403   -3.176 -0.029  1.00 0.78 ? 7  PRO A O    9  
ATOM 1594 C CB   . PRO A 1 7  ? 6.048   -3.814 1.264   1.00 0.79 ? 7  PRO A CB   9  
ATOM 1595 C CG   . PRO A 1 7  ? 5.243   -4.837 1.991   1.00 0.90 ? 7  PRO A CG   9  
ATOM 1596 C CD   . PRO A 1 7  ? 4.524   -4.107 3.093   1.00 0.71 ? 7  PRO A CD   9  
ATOM 1597 H HA   . PRO A 1 7  ? 5.901   -1.676 1.443   1.00 0.59 ? 7  PRO A HA   9  
ATOM 1598 H HB2  . PRO A 1 7  ? 6.169   -4.070 0.223   1.00 0.88 ? 7  PRO A HB2  9  
ATOM 1599 H HB3  . PRO A 1 7  ? 7.016   -3.675 1.722   1.00 0.90 ? 7  PRO A HB3  9  
ATOM 1600 H HG2  . PRO A 1 7  ? 4.531   -5.291 1.316   1.00 1.01 ? 7  PRO A HG2  9  
ATOM 1601 H HG3  . PRO A 1 7  ? 5.896   -5.590 2.407   1.00 1.11 ? 7  PRO A HG3  9  
ATOM 1602 H HD2  . PRO A 1 7  ? 3.525   -4.498 3.214   1.00 0.78 ? 7  PRO A HD2  9  
ATOM 1603 H HD3  . PRO A 1 7  ? 5.075   -4.188 4.017   1.00 0.82 ? 7  PRO A HD3  9  
ATOM 1604 N N    . ASN A 1 8  ? 4.539   -1.299 -0.582  1.00 0.65 ? 8  ASN A N    9  
ATOM 1605 C CA   . ASN A 1 8  ? 3.734   -0.985 -1.762  1.00 0.83 ? 8  ASN A CA   9  
ATOM 1606 C C    . ASN A 1 8  ? 2.251   -0.878 -1.393  1.00 0.79 ? 8  ASN A C    9  
ATOM 1607 O O    . ASN A 1 8  ? 1.419   -1.595 -1.956  1.00 1.02 ? 8  ASN A O    9  
ATOM 1608 C CB   . ASN A 1 8  ? 3.941   -2.041 -2.858  1.00 1.11 ? 8  ASN A CB   9  
ATOM 1609 C CG   . ASN A 1 8  ? 5.377   -2.098 -3.366  1.00 1.84 ? 8  ASN A CG   9  
ATOM 1610 O OD1  . ASN A 1 8  ? 6.324   -1.793 -2.643  1.00 2.65 ? 8  ASN A OD1  9  
ATOM 1611 N ND2  . ASN A 1 8  ? 5.551   -2.499 -4.614  1.00 2.25 ? 8  ASN A ND2  9  
ATOM 1612 H H    . ASN A 1 8  ? 5.277   -0.698 -0.343  1.00 0.75 ? 8  ASN A H    9  
ATOM 1613 H HA   . ASN A 1 8  ? 4.064   -0.028 -2.135  1.00 0.94 ? 8  ASN A HA   9  
ATOM 1614 H HB2  . ASN A 1 8  ? 3.681   -3.011 -2.467  1.00 1.18 ? 8  ASN A HB2  9  
ATOM 1615 H HB3  . ASN A 1 8  ? 3.294   -1.812 -3.693  1.00 1.43 ? 8  ASN A HB3  9  
ATOM 1616 H HD21 . ASN A 1 8  ? 4.755   -2.736 -5.143  1.00 2.35 ? 8  ASN A HD21 9  
ATOM 1617 H HD22 . ASN A 1 8  ? 6.469   -2.547 -4.962  1.00 2.84 ? 8  ASN A HD22 9  
ATOM 1618 N N    . PRO A 1 9  ? 1.924   0.065  -0.466  1.00 0.71 ? 9  PRO A N    9  
ATOM 1619 C CA   . PRO A 1 9  ? 0.624   0.254  0.164   1.00 0.86 ? 9  PRO A CA   9  
ATOM 1620 C C    . PRO A 1 9  ? -0.548  -0.469 -0.496  1.00 0.96 ? 9  PRO A C    9  
ATOM 1621 O O    . PRO A 1 9  ? -0.919  -1.569 -0.086  1.00 1.99 ? 9  PRO A O    9  
ATOM 1622 C CB   . PRO A 1 9  ? 0.483   1.767  0.057   1.00 0.94 ? 9  PRO A CB   9  
ATOM 1623 C CG   . PRO A 1 9  ? 1.883   2.288  0.212   1.00 0.91 ? 9  PRO A CG   9  
ATOM 1624 C CD   . PRO A 1 9  ? 2.814   1.102  0.055   1.00 0.73 ? 9  PRO A CD   9  
ATOM 1625 H HA   . PRO A 1 9  ? 0.667   -0.011 1.211   1.00 1.10 ? 9  PRO A HA   9  
ATOM 1626 H HB2  . PRO A 1 9  ? 0.069   2.028  -0.905  1.00 1.09 ? 9  PRO A HB2  9  
ATOM 1627 H HB3  . PRO A 1 9  ? -0.161  2.128  0.840   1.00 1.15 ? 9  PRO A HB3  9  
ATOM 1628 H HG2  . PRO A 1 9  ? 2.088   3.023  -0.554  1.00 1.17 ? 9  PRO A HG2  9  
ATOM 1629 H HG3  . PRO A 1 9  ? 2.002   2.726  1.191   1.00 1.07 ? 9  PRO A HG3  9  
ATOM 1630 H HD2  . PRO A 1 9  ? 3.607   1.323  -0.640  1.00 0.81 ? 9  PRO A HD2  9  
ATOM 1631 H HD3  . PRO A 1 9  ? 3.211   0.808  1.015   1.00 0.83 ? 9  PRO A HD3  9  
ATOM 1632 N N    . LEU A 1 10 ? -1.129  0.143  -1.518  1.00 0.60 ? 10 LEU A N    9  
ATOM 1633 C CA   . LEU A 1 10 ? -2.234  -0.472 -2.235  1.00 0.59 ? 10 LEU A CA   9  
ATOM 1634 C C    . LEU A 1 10 ? -1.932  -0.529 -3.723  1.00 0.53 ? 10 LEU A C    9  
ATOM 1635 O O    . LEU A 1 10 ? -2.810  -0.810 -4.537  1.00 0.85 ? 10 LEU A O    9  
ATOM 1636 C CB   . LEU A 1 10 ? -3.542  0.286  -1.979  1.00 0.85 ? 10 LEU A CB   9  
ATOM 1637 C CG   . LEU A 1 10 ? -4.174  0.070  -0.602  1.00 1.22 ? 10 LEU A CG   9  
ATOM 1638 C CD1  . LEU A 1 10 ? -5.511  0.788  -0.523  1.00 1.94 ? 10 LEU A CD1  9  
ATOM 1639 C CD2  . LEU A 1 10 ? -4.355  -1.414 -0.311  1.00 1.97 ? 10 LEU A CD2  9  
ATOM 1640 H H    . LEU A 1 10 ? -0.811  1.025  -1.796  1.00 1.27 ? 10 LEU A H    9  
ATOM 1641 H HA   . LEU A 1 10 ? -2.338  -1.483 -1.870  1.00 0.83 ? 10 LEU A HA   9  
ATOM 1642 H HB2  . LEU A 1 10 ? -3.348  1.346  -2.089  1.00 1.26 ? 10 LEU A HB2  9  
ATOM 1643 H HB3  . LEU A 1 10 ? -4.260  -0.010 -2.729  1.00 1.29 ? 10 LEU A HB3  9  
ATOM 1644 H HG   . LEU A 1 10 ? -3.525  0.486  0.154   1.00 1.74 ? 10 LEU A HG   9  
ATOM 1645 H HD11 . LEU A 1 10 ? -5.358  1.847  -0.666  1.00 2.49 ? 10 LEU A HD11 9  
ATOM 1646 H HD12 . LEU A 1 10 ? -5.954  0.613  0.445   1.00 2.46 ? 10 LEU A HD12 9  
ATOM 1647 H HD13 . LEU A 1 10 ? -6.167  0.412  -1.293  1.00 2.22 ? 10 LEU A HD13 9  
ATOM 1648 H HD21 . LEU A 1 10 ? -4.866  -1.535 0.631   1.00 2.55 ? 10 LEU A HD21 9  
ATOM 1649 H HD22 . LEU A 1 10 ? -3.388  -1.892 -0.260  1.00 2.60 ? 10 LEU A HD22 9  
ATOM 1650 H HD23 . LEU A 1 10 ? -4.938  -1.866 -1.099  1.00 2.11 ? 10 LEU A HD23 9  
ATOM 1651 N N    . HIS A 1 11 ? -0.676  -0.277 -4.068  1.00 0.78 ? 11 HIS A N    9  
ATOM 1652 C CA   . HIS A 1 11 ? -0.249  -0.291 -5.460  1.00 1.07 ? 11 HIS A CA   9  
ATOM 1653 C C    . HIS A 1 11 ? -0.050  -1.725 -5.923  1.00 1.13 ? 11 HIS A C    9  
ATOM 1654 O O    . HIS A 1 11 ? -0.390  -2.081 -7.051  1.00 1.78 ? 11 HIS A O    9  
ATOM 1655 C CB   . HIS A 1 11 ? 1.047   0.515  -5.633  1.00 1.65 ? 11 HIS A CB   9  
ATOM 1656 C CG   . HIS A 1 11 ? 1.503   0.657  -7.056  1.00 2.27 ? 11 HIS A CG   9  
ATOM 1657 N ND1  . HIS A 1 11 ? 1.059   1.656  -7.894  1.00 2.69 ? 11 HIS A ND1  9  
ATOM 1658 C CD2  . HIS A 1 11 ? 2.381   -0.073 -7.784  1.00 3.00 ? 11 HIS A CD2  9  
ATOM 1659 C CE1  . HIS A 1 11 ? 1.642   1.535  -9.071  1.00 3.39 ? 11 HIS A CE1  9  
ATOM 1660 N NE2  . HIS A 1 11 ? 2.450   0.494  -9.031  1.00 3.63 ? 11 HIS A NE2  9  
ATOM 1661 H H    . HIS A 1 11 ? -0.016  -0.094 -3.364  1.00 1.05 ? 11 HIS A H    9  
ATOM 1662 H HA   . HIS A 1 11 ? -1.029  0.161  -6.052  1.00 1.20 ? 11 HIS A HA   9  
ATOM 1663 H HB2  . HIS A 1 11 ? 0.898   1.508  -5.237  1.00 1.91 ? 11 HIS A HB2  9  
ATOM 1664 H HB3  . HIS A 1 11 ? 1.837   0.029  -5.079  1.00 1.93 ? 11 HIS A HB3  9  
ATOM 1665 H HD1  . HIS A 1 11 ? 0.400   2.351  -7.663  1.00 2.76 ? 11 HIS A HD1  9  
ATOM 1666 H HD2  . HIS A 1 11 ? 2.929   -0.940 -7.445  1.00 3.30 ? 11 HIS A HD2  9  
ATOM 1667 H HE1  . HIS A 1 11 ? 1.485   2.180  -9.923  1.00 3.91 ? 11 HIS A HE1  9  
ATOM 1668 H HE2  . HIS A 1 11 ? 3.123   0.282  -9.714  1.00 4.29 ? 11 HIS A HE2  9  
ATOM 1669 N N    . ASN A 1 12 ? 0.487   -2.549 -5.037  1.00 1.22 ? 12 ASN A N    9  
ATOM 1670 C CA   . ASN A 1 12 ? 0.696   -3.956 -5.333  1.00 1.61 ? 12 ASN A CA   9  
ATOM 1671 C C    . ASN A 1 12 ? -0.072  -4.811 -4.343  1.00 2.36 ? 12 ASN A C    9  
ATOM 1672 O O    . ASN A 1 12 ? -1.178  -5.269 -4.694  1.00 2.92 ? 12 ASN A O    9  
ATOM 1673 C CB   . ASN A 1 12 ? 2.184   -4.314 -5.299  1.00 1.56 ? 12 ASN A CB   9  
ATOM 1674 C CG   . ASN A 1 12 ? 2.953   -3.693 -6.448  1.00 2.33 ? 12 ASN A CG   9  
ATOM 1675 O OD1  . ASN A 1 12 ? 3.441   -2.569 -6.347  1.00 2.99 ? 12 ASN A OD1  9  
ATOM 1676 N ND2  . ASN A 1 12 ? 3.079   -4.422 -7.542  1.00 2.95 ? 12 ASN A ND2  9  
ATOM 1677 O OXT  . ASN A 1 12 ? 0.417   -5.001 -3.212  1.00 2.95 ? 12 ASN A OXT  9  
ATOM 1678 H H    . ASN A 1 12 ? 0.741   -2.205 -4.153  1.00 1.55 ? 12 ASN A H    9  
ATOM 1679 H HA   . ASN A 1 12 ? 0.312   -4.147 -6.324  1.00 2.01 ? 12 ASN A HA   9  
ATOM 1680 H HB2  . ASN A 1 12 ? 2.610   -3.960 -4.373  1.00 1.71 ? 12 ASN A HB2  9  
ATOM 1681 H HB3  . ASN A 1 12 ? 2.291   -5.387 -5.354  1.00 1.76 ? 12 ASN A HB3  9  
ATOM 1682 H HD21 . ASN A 1 12 ? 2.675   -5.317 -7.554  1.00 3.02 ? 12 ASN A HD21 9  
ATOM 1683 H HD22 . ASN A 1 12 ? 3.575   -4.044 -8.298  1.00 3.64 ? 12 ASN A HD22 9  
ATOM 1684 N N    . ARG A 1 1  ? -4.633  -2.990 0.917   1.00 5.33 ? 1  ARG A N    10 
ATOM 1685 C CA   . ARG A 1 1  ? -4.789  -2.266 -0.365  1.00 4.32 ? 1  ARG A CA   10 
ATOM 1686 C C    . ARG A 1 1  ? -4.823  -0.756 -0.154  1.00 4.18 ? 1  ARG A C    10 
ATOM 1687 O O    . ARG A 1 1  ? -4.061  -0.028 -0.776  1.00 4.74 ? 1  ARG A O    10 
ATOM 1688 C CB   . ARG A 1 1  ? -6.062  -2.718 -1.087  1.00 4.91 ? 1  ARG A CB   10 
ATOM 1689 C CG   . ARG A 1 1  ? -6.335  -1.963 -2.378  1.00 5.44 ? 1  ARG A CG   10 
ATOM 1690 C CD   . ARG A 1 1  ? -5.291  -2.251 -3.446  1.00 6.11 ? 1  ARG A CD   10 
ATOM 1691 N NE   . ARG A 1 1  ? -5.366  -3.625 -3.938  1.00 6.79 ? 1  ARG A NE   10 
ATOM 1692 C CZ   . ARG A 1 1  ? -4.683  -4.078 -4.989  1.00 7.57 ? 1  ARG A CZ   10 
ATOM 1693 N NH1  . ARG A 1 1  ? -3.851  -3.278 -5.643  1.00 7.74 ? 1  ARG A NH1  10 
ATOM 1694 N NH2  . ARG A 1 1  ? -4.829  -5.336 -5.386  1.00 8.39 ? 1  ARG A NH2  10 
ATOM 1695 H H1   . ARG A 1 1  ? -4.602  -4.017 0.745   1.00 5.64 ? 1  ARG A H1   10 
ATOM 1696 H H2   . ARG A 1 1  ? -5.430  -2.780 1.551   1.00 5.52 ? 1  ARG A H2   10 
ATOM 1697 H H3   . ARG A 1 1  ? -3.750  -2.704 1.382   1.00 5.84 ? 1  ARG A H3   10 
ATOM 1698 H HA   . ARG A 1 1  ? -3.935  -2.500 -0.984  1.00 3.50 ? 1  ARG A HA   10 
ATOM 1699 H HB2  . ARG A 1 1  ? -5.974  -3.768 -1.322  1.00 5.22 ? 1  ARG A HB2  10 
ATOM 1700 H HB3  . ARG A 1 1  ? -6.905  -2.576 -0.432  1.00 5.06 ? 1  ARG A HB3  10 
ATOM 1701 H HG2  . ARG A 1 1  ? -7.302  -2.259 -2.750  1.00 5.55 ? 1  ARG A HG2  10 
ATOM 1702 H HG3  . ARG A 1 1  ? -6.339  -0.903 -2.168  1.00 5.58 ? 1  ARG A HG3  10 
ATOM 1703 H HD2  . ARG A 1 1  ? -5.445  -1.576 -4.273  1.00 6.23 ? 1  ARG A HD2  10 
ATOM 1704 H HD3  . ARG A 1 1  ? -4.310  -2.083 -3.025  1.00 6.31 ? 1  ARG A HD3  10 
ATOM 1705 H HE   . ARG A 1 1  ? -5.966  -4.242 -3.460  1.00 6.86 ? 1  ARG A HE   10 
ATOM 1706 H HH11 . ARG A 1 1  ? -3.729  -2.321 -5.349  1.00 7.33 ? 1  ARG A HH11 10 
ATOM 1707 H HH12 . ARG A 1 1  ? -3.341  -3.620 -6.434  1.00 8.43 ? 1  ARG A HH12 10 
ATOM 1708 H HH21 . ARG A 1 1  ? -5.454  -5.949 -4.895  1.00 8.47 ? 1  ARG A HH21 10 
ATOM 1709 H HH22 . ARG A 1 1  ? -4.318  -5.680 -6.177  1.00 9.05 ? 1  ARG A HH22 10 
ATOM 1710 N N    . LEU A 1 2  ? -5.695  -0.281 0.721   1.00 3.65 ? 2  LEU A N    10 
ATOM 1711 C CA   . LEU A 1 2  ? -5.885  1.153  0.888   1.00 3.53 ? 2  LEU A CA   10 
ATOM 1712 C C    . LEU A 1 2  ? -4.808  1.762  1.780   1.00 2.73 ? 2  LEU A C    10 
ATOM 1713 O O    . LEU A 1 2  ? -5.079  2.158  2.913   1.00 3.21 ? 2  LEU A O    10 
ATOM 1714 C CB   . LEU A 1 2  ? -7.281  1.453  1.444   1.00 3.90 ? 2  LEU A CB   10 
ATOM 1715 C CG   . LEU A 1 2  ? -8.445  1.256  0.462   1.00 4.38 ? 2  LEU A CG   10 
ATOM 1716 C CD1  . LEU A 1 2  ? -8.160  1.954  -0.857  1.00 5.35 ? 2  LEU A CD1  10 
ATOM 1717 C CD2  . LEU A 1 2  ? -8.729  -0.221 0.236   1.00 4.39 ? 2  LEU A CD2  10 
ATOM 1718 H H    . LEU A 1 2  ? -6.217  -0.902 1.275   1.00 3.54 ? 2  LEU A H    10 
ATOM 1719 H HA   . LEU A 1 2  ? -5.801  1.602  -0.090  1.00 3.89 ? 2  LEU A HA   10 
ATOM 1720 H HB2  . LEU A 1 2  ? -7.446  0.806  2.292   1.00 4.43 ? 2  LEU A HB2  10 
ATOM 1721 H HB3  . LEU A 1 2  ? -7.297  2.477  1.784   1.00 3.67 ? 2  LEU A HB3  10 
ATOM 1722 H HG   . LEU A 1 2  ? -9.334  1.702  0.885   1.00 4.45 ? 2  LEU A HG   10 
ATOM 1723 H HD11 . LEU A 1 2  ? -9.026  1.878  -1.497  1.00 5.80 ? 2  LEU A HD11 10 
ATOM 1724 H HD12 . LEU A 1 2  ? -7.318  1.483  -1.339  1.00 5.60 ? 2  LEU A HD12 10 
ATOM 1725 H HD13 . LEU A 1 2  ? -7.937  2.993  -0.675  1.00 5.66 ? 2  LEU A HD13 10 
ATOM 1726 H HD21 . LEU A 1 2  ? -9.535  -0.327 -0.474  1.00 4.59 ? 2  LEU A HD21 10 
ATOM 1727 H HD22 . LEU A 1 2  ? -9.010  -0.681 1.173   1.00 4.51 ? 2  LEU A HD22 10 
ATOM 1728 H HD23 . LEU A 1 2  ? -7.844  -0.701 -0.149  1.00 4.55 ? 2  LEU A HD23 10 
ATOM 1729 N N    . VAL A 1 3  ? -3.592  1.831  1.222   1.00 1.81 ? 3  VAL A N    10 
ATOM 1730 C CA   . VAL A 1 3  ? -2.406  2.363  1.878   1.00 1.16 ? 3  VAL A CA   10 
ATOM 1731 C C    . VAL A 1 3  ? -2.361  2.054  3.379   1.00 0.79 ? 3  VAL A C    10 
ATOM 1732 O O    . VAL A 1 3  ? -2.760  2.866  4.211   1.00 1.09 ? 3  VAL A O    10 
ATOM 1733 C CB   . VAL A 1 3  ? -2.293  3.874  1.617   1.00 1.42 ? 3  VAL A CB   10 
ATOM 1734 C CG1  . VAL A 1 3  ? -1.127  4.493  2.381   1.00 2.24 ? 3  VAL A CG1  10 
ATOM 1735 C CG2  . VAL A 1 3  ? -2.146  4.142  0.128   1.00 2.32 ? 3  VAL A CG2  10 
ATOM 1736 H H    . VAL A 1 3  ? -3.500  1.534  0.302   1.00 1.94 ? 3  VAL A H    10 
ATOM 1737 H HA   . VAL A 1 3  ? -1.553  1.891  1.412   1.00 1.58 ? 3  VAL A HA   10 
ATOM 1738 H HB   . VAL A 1 3  ? -3.209  4.329  1.946   1.00 1.60 ? 3  VAL A HB   10 
ATOM 1739 H HG11 . VAL A 1 3  ? -1.086  5.553  2.178   1.00 2.90 ? 3  VAL A HG11 10 
ATOM 1740 H HG12 . VAL A 1 3  ? -0.203  4.031  2.065   1.00 2.68 ? 3  VAL A HG12 10 
ATOM 1741 H HG13 . VAL A 1 3  ? -1.264  4.333  3.440   1.00 2.49 ? 3  VAL A HG13 10 
ATOM 1742 H HG21 . VAL A 1 3  ? -2.053  5.204  -0.040  1.00 2.79 ? 3  VAL A HG21 10 
ATOM 1743 H HG22 . VAL A 1 3  ? -3.017  3.770  -0.391  1.00 2.64 ? 3  VAL A HG22 10 
ATOM 1744 H HG23 . VAL A 1 3  ? -1.264  3.641  -0.244  1.00 2.92 ? 3  VAL A HG23 10 
ATOM 1745 N N    . PRO A 1 4  ? -1.868  0.864  3.745   1.00 1.19 ? 4  PRO A N    10 
ATOM 1746 C CA   . PRO A 1 4  ? -1.721  0.473  5.143   1.00 1.55 ? 4  PRO A CA   10 
ATOM 1747 C C    . PRO A 1 4  ? -0.436  1.031  5.752   1.00 1.20 ? 4  PRO A C    10 
ATOM 1748 O O    . PRO A 1 4  ? -0.080  0.705  6.885   1.00 1.69 ? 4  PRO A O    10 
ATOM 1749 C CB   . PRO A 1 4  ? -1.670  -1.051 5.063   1.00 2.47 ? 4  PRO A CB   10 
ATOM 1750 C CG   . PRO A 1 4  ? -1.041  -1.337 3.741   1.00 2.67 ? 4  PRO A CG   10 
ATOM 1751 C CD   . PRO A 1 4  ? -1.428  -0.202 2.826   1.00 1.97 ? 4  PRO A CD   10 
ATOM 1752 H HA   . PRO A 1 4  ? -2.569  0.782  5.736   1.00 1.82 ? 4  PRO A HA   10 
ATOM 1753 H HB2  . PRO A 1 4  ? -1.074  -1.437 5.877   1.00 2.71 ? 4  PRO A HB2  10 
ATOM 1754 H HB3  . PRO A 1 4  ? -2.670  -1.453 5.118   1.00 2.93 ? 4  PRO A HB3  10 
ATOM 1755 H HG2  . PRO A 1 4  ? 0.033   -1.381 3.850   1.00 3.01 ? 4  PRO A HG2  10 
ATOM 1756 H HG3  . PRO A 1 4  ? -1.415  -2.273 3.353   1.00 3.21 ? 4  PRO A HG3  10 
ATOM 1757 H HD2  . PRO A 1 4  ? -0.574  0.119  2.245   1.00 2.08 ? 4  PRO A HD2  10 
ATOM 1758 H HD3  . PRO A 1 4  ? -2.234  -0.504 2.173   1.00 2.24 ? 4  PRO A HD3  10 
ATOM 1759 N N    . SER A 1 5  ? 0.262   1.858  4.965   1.00 0.70 ? 5  SER A N    10 
ATOM 1760 C CA   . SER A 1 5  ? 1.522   2.478  5.374   1.00 1.12 ? 5  SER A CA   10 
ATOM 1761 C C    . SER A 1 5  ? 2.638   1.439  5.415   1.00 0.92 ? 5  SER A C    10 
ATOM 1762 O O    . SER A 1 5  ? 3.736   1.694  5.909   1.00 1.52 ? 5  SER A O    10 
ATOM 1763 C CB   . SER A 1 5  ? 1.371   3.194  6.726   1.00 1.85 ? 5  SER A CB   10 
ATOM 1764 O OG   . SER A 1 5  ? 2.581   3.817  7.125   1.00 2.58 ? 5  SER A OG   10 
ATOM 1765 H H    . SER A 1 5  ? -0.087  2.058  4.072   1.00 0.56 ? 5  SER A H    10 
ATOM 1766 H HA   . SER A 1 5  ? 1.773   3.205  4.620   1.00 1.51 ? 5  SER A HA   10 
ATOM 1767 H HB2  . SER A 1 5  ? 0.605   3.951  6.646   1.00 2.27 ? 5  SER A HB2  10 
ATOM 1768 H HB3  . SER A 1 5  ? 1.087   2.475  7.478   1.00 2.17 ? 5  SER A HB3  10 
ATOM 1769 H HG   . SER A 1 5  ? 3.329   3.327  6.751   1.00 3.02 ? 5  SER A HG   10 
ATOM 1770 N N    . GLY A 1 6  ? 2.343   0.276  4.865   1.00 0.53 ? 6  GLY A N    10 
ATOM 1771 C CA   . GLY A 1 6  ? 3.315   -0.791 4.782   1.00 0.54 ? 6  GLY A CA   10 
ATOM 1772 C C    . GLY A 1 6  ? 3.841   -0.937 3.373   1.00 0.40 ? 6  GLY A C    10 
ATOM 1773 O O    . GLY A 1 6  ? 3.892   0.042  2.630   1.00 0.40 ? 6  GLY A O    10 
ATOM 1774 H H    . GLY A 1 6  ? 1.450   0.147  4.491   1.00 0.88 ? 6  GLY A H    10 
ATOM 1775 H HA2  . GLY A 1 6  ? 4.137   -0.583 5.449   1.00 0.76 ? 6  GLY A HA2  10 
ATOM 1776 H HA3  . GLY A 1 6  ? 2.846   -1.717 5.079   1.00 0.74 ? 6  GLY A HA3  10 
ATOM 1777 N N    . PRO A 1 7  ? 4.251   -2.143 2.978   1.00 0.49 ? 7  PRO A N    10 
ATOM 1778 C CA   . PRO A 1 7  ? 4.651   -2.425 1.599   1.00 0.53 ? 7  PRO A CA   10 
ATOM 1779 C C    . PRO A 1 7  ? 3.451   -2.552 0.669   1.00 0.57 ? 7  PRO A C    10 
ATOM 1780 O O    . PRO A 1 7  ? 2.311   -2.666 1.125   1.00 0.78 ? 7  PRO A O    10 
ATOM 1781 C CB   . PRO A 1 7  ? 5.384   -3.757 1.720   1.00 0.79 ? 7  PRO A CB   10 
ATOM 1782 C CG   . PRO A 1 7  ? 4.733   -4.427 2.879   1.00 0.90 ? 7  PRO A CG   10 
ATOM 1783 C CD   . PRO A 1 7  ? 4.388   -3.324 3.847   1.00 0.71 ? 7  PRO A CD   10 
ATOM 1784 H HA   . PRO A 1 7  ? 5.318   -1.668 1.213   1.00 0.59 ? 7  PRO A HA   10 
ATOM 1785 H HB2  . PRO A 1 7  ? 5.259   -4.325 0.808   1.00 0.88 ? 7  PRO A HB2  10 
ATOM 1786 H HB3  . PRO A 1 7  ? 6.433   -3.581 1.902   1.00 0.90 ? 7  PRO A HB3  10 
ATOM 1787 H HG2  . PRO A 1 7  ? 3.838   -4.936 2.554   1.00 1.01 ? 7  PRO A HG2  10 
ATOM 1788 H HG3  . PRO A 1 7  ? 5.421   -5.124 3.336   1.00 1.11 ? 7  PRO A HG3  10 
ATOM 1789 H HD2  . PRO A 1 7  ? 3.461   -3.537 4.356   1.00 0.78 ? 7  PRO A HD2  10 
ATOM 1790 H HD3  . PRO A 1 7  ? 5.189   -3.185 4.559   1.00 0.82 ? 7  PRO A HD3  10 
ATOM 1791 N N    . ASN A 1 8  ? 3.735   -2.527 -0.636  1.00 0.65 ? 8  ASN A N    10 
ATOM 1792 C CA   . ASN A 1 8  ? 2.719   -2.571 -1.701  1.00 0.83 ? 8  ASN A CA   10 
ATOM 1793 C C    . ASN A 1 8  ? 1.462   -1.738 -1.387  1.00 0.79 ? 8  ASN A C    10 
ATOM 1794 O O    . ASN A 1 8  ? 0.340   -2.229 -1.520  1.00 1.02 ? 8  ASN A O    10 
ATOM 1795 C CB   . ASN A 1 8  ? 2.335   -4.027 -2.047  1.00 1.11 ? 8  ASN A CB   10 
ATOM 1796 C CG   . ASN A 1 8  ? 1.827   -4.848 -0.868  1.00 1.84 ? 8  ASN A CG   10 
ATOM 1797 O OD1  . ASN A 1 8  ? 0.637   -4.845 -0.550  1.00 2.65 ? 8  ASN A OD1  10 
ATOM 1798 N ND2  . ASN A 1 8  ? 2.727   -5.582 -0.230  1.00 2.25 ? 8  ASN A ND2  10 
ATOM 1799 H H    . ASN A 1 8  ? 4.676   -2.480 -0.902  1.00 0.75 ? 8  ASN A H    10 
ATOM 1800 H HA   . ASN A 1 8  ? 3.180   -2.138 -2.577  1.00 0.94 ? 8  ASN A HA   10 
ATOM 1801 H HB2  . ASN A 1 8  ? 1.560   -4.012 -2.797  1.00 1.18 ? 8  ASN A HB2  10 
ATOM 1802 H HB3  . ASN A 1 8  ? 3.204   -4.525 -2.453  1.00 1.43 ? 8  ASN A HB3  10 
ATOM 1803 H HD21 . ASN A 1 8  ? 3.654   -5.559 -0.550  1.00 2.35 ? 8  ASN A HD21 10 
ATOM 1804 H HD22 . ASN A 1 8  ? 2.431   -6.118 0.534   1.00 2.84 ? 8  ASN A HD22 10 
ATOM 1805 N N    . PRO A 1 9  ? 1.617   -0.454 -0.988  1.00 0.71 ? 9  PRO A N    10 
ATOM 1806 C CA   . PRO A 1 9  ? 0.473   0.411  -0.690  1.00 0.86 ? 9  PRO A CA   10 
ATOM 1807 C C    . PRO A 1 9  ? -0.331  0.763  -1.937  1.00 0.96 ? 9  PRO A C    10 
ATOM 1808 O O    . PRO A 1 9  ? 0.139   1.520  -2.790  1.00 1.99 ? 9  PRO A O    10 
ATOM 1809 C CB   . PRO A 1 9  ? 1.101   1.683  -0.100  1.00 0.94 ? 9  PRO A CB   10 
ATOM 1810 C CG   . PRO A 1 9  ? 2.514   1.327  0.199   1.00 0.91 ? 9  PRO A CG   10 
ATOM 1811 C CD   . PRO A 1 9  ? 2.890   0.258  -0.786  1.00 0.73 ? 9  PRO A CD   10 
ATOM 1812 H HA   . PRO A 1 9  ? -0.182  -0.039 0.042   1.00 1.10 ? 9  PRO A HA   10 
ATOM 1813 H HB2  . PRO A 1 9  ? 1.042   2.481  -0.826  1.00 1.09 ? 9  PRO A HB2  10 
ATOM 1814 H HB3  . PRO A 1 9  ? 0.568   1.966  0.794   1.00 1.15 ? 9  PRO A HB3  10 
ATOM 1815 H HG2  . PRO A 1 9  ? 3.144   2.194  0.072   1.00 1.17 ? 9  PRO A HG2  10 
ATOM 1816 H HG3  . PRO A 1 9  ? 2.588   0.951  1.211   1.00 1.07 ? 9  PRO A HG3  10 
ATOM 1817 H HD2  . PRO A 1 9  ? 3.242   0.697  -1.708  1.00 0.81 ? 9  PRO A HD2  10 
ATOM 1818 H HD3  . PRO A 1 9  ? 3.639   -0.403 -0.361  1.00 0.83 ? 9  PRO A HD3  10 
ATOM 1819 N N    . LEU A 1 10 ? -1.526  0.179  -2.035  1.00 0.60 ? 10 LEU A N    10 
ATOM 1820 C CA   . LEU A 1 10 ? -2.492  0.479  -3.098  1.00 0.59 ? 10 LEU A CA   10 
ATOM 1821 C C    . LEU A 1 10 ? -2.082  -0.147 -4.431  1.00 0.53 ? 10 LEU A C    10 
ATOM 1822 O O    . LEU A 1 10 ? -2.894  -0.785 -5.098  1.00 0.85 ? 10 LEU A O    10 
ATOM 1823 C CB   . LEU A 1 10 ? -2.691  1.995  -3.243  1.00 0.85 ? 10 LEU A CB   10 
ATOM 1824 C CG   . LEU A 1 10 ? -4.146  2.465  -3.365  1.00 1.22 ? 10 LEU A CG   10 
ATOM 1825 C CD1  . LEU A 1 10 ? -4.211  3.983  -3.381  1.00 1.94 ? 10 LEU A CD1  10 
ATOM 1826 C CD2  . LEU A 1 10 ? -4.802  1.895  -4.614  1.00 1.97 ? 10 LEU A CD2  10 
ATOM 1827 H H    . LEU A 1 10 ? -1.774  -0.492 -1.360  1.00 1.27 ? 10 LEU A H    10 
ATOM 1828 H HA   . LEU A 1 10 ? -3.434  0.040  -2.801  1.00 0.83 ? 10 LEU A HA   10 
ATOM 1829 H HB2  . LEU A 1 10 ? -2.253  2.476  -2.380  1.00 1.26 ? 10 LEU A HB2  10 
ATOM 1830 H HB3  . LEU A 1 10 ? -2.158  2.321  -4.124  1.00 1.29 ? 10 LEU A HB3  10 
ATOM 1831 H HG   . LEU A 1 10 ? -4.702  2.118  -2.504  1.00 1.74 ? 10 LEU A HG   10 
ATOM 1832 H HD11 . LEU A 1 10 ? -3.650  4.359  -4.224  1.00 2.49 ? 10 LEU A HD11 10 
ATOM 1833 H HD12 . LEU A 1 10 ? -3.787  4.371  -2.467  1.00 2.46 ? 10 LEU A HD12 10 
ATOM 1834 H HD13 . LEU A 1 10 ? -5.240  4.297  -3.463  1.00 2.22 ? 10 LEU A HD13 10 
ATOM 1835 H HD21 . LEU A 1 10 ? -4.273  2.241  -5.488  1.00 2.55 ? 10 LEU A HD21 10 
ATOM 1836 H HD22 . LEU A 1 10 ? -5.830  2.224  -4.662  1.00 2.60 ? 10 LEU A HD22 10 
ATOM 1837 H HD23 . LEU A 1 10 ? -4.771  0.817  -4.577  1.00 2.11 ? 10 LEU A HD23 10 
ATOM 1838 N N    . HIS A 1 11 ? -0.830  0.033  -4.812  1.00 0.78 ? 11 HIS A N    10 
ATOM 1839 C CA   . HIS A 1 11 ? -0.325  -0.519 -6.055  1.00 1.07 ? 11 HIS A CA   10 
ATOM 1840 C C    . HIS A 1 11 ? 0.983   -1.258 -5.817  1.00 1.13 ? 11 HIS A C    10 
ATOM 1841 O O    . HIS A 1 11 ? 1.911   -0.718 -5.212  1.00 1.78 ? 11 HIS A O    10 
ATOM 1842 C CB   . HIS A 1 11 ? -0.138  0.588  -7.095  1.00 1.65 ? 11 HIS A CB   10 
ATOM 1843 C CG   . HIS A 1 11 ? -1.433  1.178  -7.565  1.00 2.27 ? 11 HIS A CG   10 
ATOM 1844 N ND1  . HIS A 1 11 ? -1.843  2.456  -7.246  1.00 2.69 ? 11 HIS A ND1  10 
ATOM 1845 C CD2  . HIS A 1 11 ? -2.420  0.650  -8.325  1.00 3.00 ? 11 HIS A CD2  10 
ATOM 1846 C CE1  . HIS A 1 11 ? -3.024  2.684  -7.789  1.00 3.39 ? 11 HIS A CE1  10 
ATOM 1847 N NE2  . HIS A 1 11 ? -3.397  1.605  -8.448  1.00 3.63 ? 11 HIS A NE2  10 
ATOM 1848 H H    . HIS A 1 11 ? -0.223  0.552  -4.233  1.00 1.05 ? 11 HIS A H    10 
ATOM 1849 H HA   . HIS A 1 11 ? -1.057  -1.224 -6.423  1.00 1.20 ? 11 HIS A HA   10 
ATOM 1850 H HB2  . HIS A 1 11 ? 0.454   1.383  -6.663  1.00 1.91 ? 11 HIS A HB2  10 
ATOM 1851 H HB3  . HIS A 1 11 ? 0.377   0.186  -7.952  1.00 1.93 ? 11 HIS A HB3  10 
ATOM 1852 H HD1  . HIS A 1 11 ? -1.341  3.103  -6.698  1.00 2.76 ? 11 HIS A HD1  10 
ATOM 1853 H HD2  . HIS A 1 11 ? -2.434  -0.342 -8.756  1.00 3.30 ? 11 HIS A HD2  10 
ATOM 1854 H HE1  . HIS A 1 11 ? -3.587  3.602  -7.711  1.00 3.91 ? 11 HIS A HE1  10 
ATOM 1855 H HE2  . HIS A 1 11 ? -4.300  1.448  -8.806  1.00 4.29 ? 11 HIS A HE2  10 
ATOM 1856 N N    . ASN A 1 12 ? 1.048   -2.493 -6.287  1.00 1.22 ? 12 ASN A N    10 
ATOM 1857 C CA   . ASN A 1 12 ? 2.225   -3.324 -6.091  1.00 1.61 ? 12 ASN A CA   10 
ATOM 1858 C C    . ASN A 1 12 ? 3.066   -3.358 -7.360  1.00 2.36 ? 12 ASN A C    10 
ATOM 1859 O O    . ASN A 1 12 ? 2.555   -3.782 -8.414  1.00 2.92 ? 12 ASN A O    10 
ATOM 1860 C CB   . ASN A 1 12 ? 1.840   -4.745 -5.640  1.00 1.56 ? 12 ASN A CB   10 
ATOM 1861 C CG   . ASN A 1 12 ? 0.952   -5.487 -6.624  1.00 2.33 ? 12 ASN A CG   10 
ATOM 1862 O OD1  . ASN A 1 12 ? 1.434   -6.196 -7.506  1.00 2.99 ? 12 ASN A OD1  10 
ATOM 1863 N ND2  . ASN A 1 12 ? -0.355  -5.349 -6.465  1.00 2.95 ? 12 ASN A ND2  10 
ATOM 1864 O OXT  . ASN A 1 12 ? 4.239   -2.942 -7.299  1.00 2.95 ? 12 ASN A OXT  10 
ATOM 1865 H H    . ASN A 1 12 ? 0.291   -2.849 -6.798  1.00 1.55 ? 12 ASN A H    10 
ATOM 1866 H HA   . ASN A 1 12 ? 2.813   -2.864 -5.310  1.00 2.01 ? 12 ASN A HA   10 
ATOM 1867 H HB2  . ASN A 1 12 ? 2.739   -5.325 -5.502  1.00 1.71 ? 12 ASN A HB2  10 
ATOM 1868 H HB3  . ASN A 1 12 ? 1.317   -4.681 -4.698  1.00 1.76 ? 12 ASN A HB3  10 
ATOM 1869 H HD21 . ASN A 1 12 ? -0.674  -4.786 -5.727  1.00 3.02 ? 12 ASN A HD21 10 
ATOM 1870 H HD22 . ASN A 1 12 ? -0.951  -5.815 -7.090  1.00 3.64 ? 12 ASN A HD22 10 
# 
